data_2FEO
# 
_entry.id   2FEO 
# 
_audit_conform.dict_name       mmcif_pdbx.dic 
_audit_conform.dict_version    5.387 
_audit_conform.dict_location   http://mmcif.pdb.org/dictionaries/ascii/mmcif_pdbx.dic 
# 
loop_
_database_2.database_id 
_database_2.database_code 
_database_2.pdbx_database_accession 
_database_2.pdbx_DOI 
PDB   2FEO         pdb_00002feo 10.2210/pdb2feo/pdb 
RCSB  RCSB035787   ?            ?                   
WWPDB D_1000035787 ?            ?                   
# 
loop_
_pdbx_audit_revision_history.ordinal 
_pdbx_audit_revision_history.data_content_type 
_pdbx_audit_revision_history.major_revision 
_pdbx_audit_revision_history.minor_revision 
_pdbx_audit_revision_history.revision_date 
1 'Structure model' 1 0 2006-01-10 
2 'Structure model' 1 1 2008-05-01 
3 'Structure model' 1 2 2011-07-13 
4 'Structure model' 1 3 2021-10-20 
5 'Structure model' 1 4 2024-02-14 
# 
_pdbx_audit_revision_details.ordinal             1 
_pdbx_audit_revision_details.revision_ordinal    1 
_pdbx_audit_revision_details.data_content_type   'Structure model' 
_pdbx_audit_revision_details.provider            repository 
_pdbx_audit_revision_details.type                'Initial release' 
_pdbx_audit_revision_details.description         ? 
_pdbx_audit_revision_details.details             ? 
# 
loop_
_pdbx_audit_revision_group.ordinal 
_pdbx_audit_revision_group.revision_ordinal 
_pdbx_audit_revision_group.data_content_type 
_pdbx_audit_revision_group.group 
1 2 'Structure model' 'Version format compliance' 
2 3 'Structure model' 'Version format compliance' 
3 4 'Structure model' 'Database references'       
4 4 'Structure model' 'Derived calculations'      
5 5 'Structure model' 'Data collection'           
# 
loop_
_pdbx_audit_revision_category.ordinal 
_pdbx_audit_revision_category.revision_ordinal 
_pdbx_audit_revision_category.data_content_type 
_pdbx_audit_revision_category.category 
1 4 'Structure model' database_2         
2 4 'Structure model' struct_ref_seq_dif 
3 4 'Structure model' struct_site        
4 5 'Structure model' chem_comp_atom     
5 5 'Structure model' chem_comp_bond     
# 
loop_
_pdbx_audit_revision_item.ordinal 
_pdbx_audit_revision_item.revision_ordinal 
_pdbx_audit_revision_item.data_content_type 
_pdbx_audit_revision_item.item 
1 4 'Structure model' '_database_2.pdbx_DOI'                
2 4 'Structure model' '_database_2.pdbx_database_accession' 
3 4 'Structure model' '_struct_ref_seq_dif.details'         
4 4 'Structure model' '_struct_site.pdbx_auth_asym_id'      
5 4 'Structure model' '_struct_site.pdbx_auth_comp_id'      
6 4 'Structure model' '_struct_site.pdbx_auth_seq_id'       
# 
_pdbx_database_status.entry_id                        2FEO 
_pdbx_database_status.status_code                     REL 
_pdbx_database_status.status_code_sf                  REL 
_pdbx_database_status.recvd_initial_deposition_date   2005-12-16 
_pdbx_database_status.deposit_site                    RCSB 
_pdbx_database_status.process_site                    RCSB 
_pdbx_database_status.SG_entry                        N 
_pdbx_database_status.status_code_mr                  ? 
_pdbx_database_status.pdb_format_compatible           Y 
_pdbx_database_status.status_code_cs                  ? 
_pdbx_database_status.status_code_nmr_data            ? 
_pdbx_database_status.methods_development_category    ? 
# 
_pdbx_database_related.db_name        PDB 
_pdbx_database_related.db_id          2FEM 
_pdbx_database_related.details        . 
_pdbx_database_related.content_type   unspecified 
# 
loop_
_audit_author.name 
_audit_author.pdbx_ordinal 
'Ofiteru, A.'        1 
'Bucurenci, N.'      2 
'Alexov, E.'         3 
'Bertrand, T.'       4 
'Briozzo, P.'        5 
'Munier-Lehmann, H.' 6 
'Tourneux, L.'       7 
'Barzu, O.'          8 
'Gilles, A.M.'       9 
# 
_citation.id                        primary 
_citation.title                     
;Structural and functional consequences of single amino acid substitutions in the pyrimidine base binding pocket of Escherichia coli CMP kinase.
;
_citation.journal_abbrev            'Febs J.' 
_citation.journal_volume            274 
_citation.page_first                3363 
_citation.page_last                 3373 
_citation.year                      2007 
_citation.journal_id_ASTM           ? 
_citation.country                   UK 
_citation.journal_id_ISSN           1742-464X 
_citation.journal_id_CSD            ? 
_citation.book_publisher            ? 
_citation.pdbx_database_id_PubMed   17542990 
_citation.pdbx_database_id_DOI      10.1111/j.1742-4658.2007.05870.x 
# 
loop_
_citation_author.citation_id 
_citation_author.name 
_citation_author.ordinal 
_citation_author.identifier_ORCID 
primary 'Ofiteru, A.'        1 ? 
primary 'Bucurenci, N.'      2 ? 
primary 'Alexov, E.'         3 ? 
primary 'Bertrand, T.'       4 ? 
primary 'Briozzo, P.'        5 ? 
primary 'Munier-Lehmann, H.' 6 ? 
primary 'Gilles, A.M.'       7 ? 
# 
loop_
_entity.id 
_entity.type 
_entity.src_method 
_entity.pdbx_description 
_entity.formula_weight 
_entity.pdbx_number_of_molecules 
_entity.pdbx_ec 
_entity.pdbx_mutation 
_entity.pdbx_fragment 
_entity.details 
1 polymer     man 'Cytidylate kinase'                 24752.336 1  2.7.4.14 R188M ? ? 
2 non-polymer syn 'SULFATE ION'                       96.063    1  ?        ?     ? ? 
3 non-polymer syn "2'-DEOXYCYTIDINE-5'-MONOPHOSPHATE" 307.197   1  ?        ?     ? ? 
4 water       nat water                               18.015    42 ?        ?     ? ? 
# 
_entity_name_com.entity_id   1 
_entity_name_com.name        'Cytidine monophosphate kinase; CK; CMP kinase; Protein mssA; p25' 
# 
_entity_name_sys.entity_id   1 
_entity_name_sys.name        E.C.2.7.4.14 
# 
_entity_poly.entity_id                      1 
_entity_poly.type                           'polypeptide(L)' 
_entity_poly.nstd_linkage                   no 
_entity_poly.nstd_monomer                   no 
_entity_poly.pdbx_seq_one_letter_code       
;MTAIAPVITIDGPSGAGKGTLCKAMAEALQWHLLDSGAIYRVLALAALHHHVDVASEDALVPLASHLDVRFVSTNGNLEV
ILEGEDVSGEIRTQEVANAASQVAAFPRVREALLRRQRAFRELPGLIADGRDMGTVVFPDAPVKIFLDASSEERAHRRML
QLQEKGFSVNFERLLAEIKERDDRDRNMAVAPLVPAADALVLDSTTLSIEQVIEKALQYARQKLALA
;
_entity_poly.pdbx_seq_one_letter_code_can   
;MTAIAPVITIDGPSGAGKGTLCKAMAEALQWHLLDSGAIYRVLALAALHHHVDVASEDALVPLASHLDVRFVSTNGNLEV
ILEGEDVSGEIRTQEVANAASQVAAFPRVREALLRRQRAFRELPGLIADGRDMGTVVFPDAPVKIFLDASSEERAHRRML
QLQEKGFSVNFERLLAEIKERDDRDRNMAVAPLVPAADALVLDSTTLSIEQVIEKALQYARQKLALA
;
_entity_poly.pdbx_strand_id                 A 
_entity_poly.pdbx_target_identifier         ? 
# 
loop_
_pdbx_entity_nonpoly.entity_id 
_pdbx_entity_nonpoly.name 
_pdbx_entity_nonpoly.comp_id 
2 'SULFATE ION'                       SO4 
3 "2'-DEOXYCYTIDINE-5'-MONOPHOSPHATE" DC  
4 water                               HOH 
# 
loop_
_entity_poly_seq.entity_id 
_entity_poly_seq.num 
_entity_poly_seq.mon_id 
_entity_poly_seq.hetero 
1 1   MET n 
1 2   THR n 
1 3   ALA n 
1 4   ILE n 
1 5   ALA n 
1 6   PRO n 
1 7   VAL n 
1 8   ILE n 
1 9   THR n 
1 10  ILE n 
1 11  ASP n 
1 12  GLY n 
1 13  PRO n 
1 14  SER n 
1 15  GLY n 
1 16  ALA n 
1 17  GLY n 
1 18  LYS n 
1 19  GLY n 
1 20  THR n 
1 21  LEU n 
1 22  CYS n 
1 23  LYS n 
1 24  ALA n 
1 25  MET n 
1 26  ALA n 
1 27  GLU n 
1 28  ALA n 
1 29  LEU n 
1 30  GLN n 
1 31  TRP n 
1 32  HIS n 
1 33  LEU n 
1 34  LEU n 
1 35  ASP n 
1 36  SER n 
1 37  GLY n 
1 38  ALA n 
1 39  ILE n 
1 40  TYR n 
1 41  ARG n 
1 42  VAL n 
1 43  LEU n 
1 44  ALA n 
1 45  LEU n 
1 46  ALA n 
1 47  ALA n 
1 48  LEU n 
1 49  HIS n 
1 50  HIS n 
1 51  HIS n 
1 52  VAL n 
1 53  ASP n 
1 54  VAL n 
1 55  ALA n 
1 56  SER n 
1 57  GLU n 
1 58  ASP n 
1 59  ALA n 
1 60  LEU n 
1 61  VAL n 
1 62  PRO n 
1 63  LEU n 
1 64  ALA n 
1 65  SER n 
1 66  HIS n 
1 67  LEU n 
1 68  ASP n 
1 69  VAL n 
1 70  ARG n 
1 71  PHE n 
1 72  VAL n 
1 73  SER n 
1 74  THR n 
1 75  ASN n 
1 76  GLY n 
1 77  ASN n 
1 78  LEU n 
1 79  GLU n 
1 80  VAL n 
1 81  ILE n 
1 82  LEU n 
1 83  GLU n 
1 84  GLY n 
1 85  GLU n 
1 86  ASP n 
1 87  VAL n 
1 88  SER n 
1 89  GLY n 
1 90  GLU n 
1 91  ILE n 
1 92  ARG n 
1 93  THR n 
1 94  GLN n 
1 95  GLU n 
1 96  VAL n 
1 97  ALA n 
1 98  ASN n 
1 99  ALA n 
1 100 ALA n 
1 101 SER n 
1 102 GLN n 
1 103 VAL n 
1 104 ALA n 
1 105 ALA n 
1 106 PHE n 
1 107 PRO n 
1 108 ARG n 
1 109 VAL n 
1 110 ARG n 
1 111 GLU n 
1 112 ALA n 
1 113 LEU n 
1 114 LEU n 
1 115 ARG n 
1 116 ARG n 
1 117 GLN n 
1 118 ARG n 
1 119 ALA n 
1 120 PHE n 
1 121 ARG n 
1 122 GLU n 
1 123 LEU n 
1 124 PRO n 
1 125 GLY n 
1 126 LEU n 
1 127 ILE n 
1 128 ALA n 
1 129 ASP n 
1 130 GLY n 
1 131 ARG n 
1 132 ASP n 
1 133 MET n 
1 134 GLY n 
1 135 THR n 
1 136 VAL n 
1 137 VAL n 
1 138 PHE n 
1 139 PRO n 
1 140 ASP n 
1 141 ALA n 
1 142 PRO n 
1 143 VAL n 
1 144 LYS n 
1 145 ILE n 
1 146 PHE n 
1 147 LEU n 
1 148 ASP n 
1 149 ALA n 
1 150 SER n 
1 151 SER n 
1 152 GLU n 
1 153 GLU n 
1 154 ARG n 
1 155 ALA n 
1 156 HIS n 
1 157 ARG n 
1 158 ARG n 
1 159 MET n 
1 160 LEU n 
1 161 GLN n 
1 162 LEU n 
1 163 GLN n 
1 164 GLU n 
1 165 LYS n 
1 166 GLY n 
1 167 PHE n 
1 168 SER n 
1 169 VAL n 
1 170 ASN n 
1 171 PHE n 
1 172 GLU n 
1 173 ARG n 
1 174 LEU n 
1 175 LEU n 
1 176 ALA n 
1 177 GLU n 
1 178 ILE n 
1 179 LYS n 
1 180 GLU n 
1 181 ARG n 
1 182 ASP n 
1 183 ASP n 
1 184 ARG n 
1 185 ASP n 
1 186 ARG n 
1 187 ASN n 
1 188 MET n 
1 189 ALA n 
1 190 VAL n 
1 191 ALA n 
1 192 PRO n 
1 193 LEU n 
1 194 VAL n 
1 195 PRO n 
1 196 ALA n 
1 197 ALA n 
1 198 ASP n 
1 199 ALA n 
1 200 LEU n 
1 201 VAL n 
1 202 LEU n 
1 203 ASP n 
1 204 SER n 
1 205 THR n 
1 206 THR n 
1 207 LEU n 
1 208 SER n 
1 209 ILE n 
1 210 GLU n 
1 211 GLN n 
1 212 VAL n 
1 213 ILE n 
1 214 GLU n 
1 215 LYS n 
1 216 ALA n 
1 217 LEU n 
1 218 GLN n 
1 219 TYR n 
1 220 ALA n 
1 221 ARG n 
1 222 GLN n 
1 223 LYS n 
1 224 LEU n 
1 225 ALA n 
1 226 LEU n 
1 227 ALA n 
# 
_entity_src_gen.entity_id                          1 
_entity_src_gen.pdbx_src_id                        1 
_entity_src_gen.pdbx_alt_source_flag               sample 
_entity_src_gen.pdbx_seq_type                      ? 
_entity_src_gen.pdbx_beg_seq_num                   ? 
_entity_src_gen.pdbx_end_seq_num                   ? 
_entity_src_gen.gene_src_common_name               ? 
_entity_src_gen.gene_src_genus                     Escherichia 
_entity_src_gen.pdbx_gene_src_gene                 'cmk, mssA' 
_entity_src_gen.gene_src_species                   ? 
_entity_src_gen.gene_src_strain                    ? 
_entity_src_gen.gene_src_tissue                    ? 
_entity_src_gen.gene_src_tissue_fraction           ? 
_entity_src_gen.gene_src_details                   ? 
_entity_src_gen.pdbx_gene_src_fragment             ? 
_entity_src_gen.pdbx_gene_src_scientific_name      'Escherichia coli' 
_entity_src_gen.pdbx_gene_src_ncbi_taxonomy_id     562 
_entity_src_gen.pdbx_gene_src_variant              ? 
_entity_src_gen.pdbx_gene_src_cell_line            ? 
_entity_src_gen.pdbx_gene_src_atcc                 ? 
_entity_src_gen.pdbx_gene_src_organ                ? 
_entity_src_gen.pdbx_gene_src_organelle            ? 
_entity_src_gen.pdbx_gene_src_cell                 ? 
_entity_src_gen.pdbx_gene_src_cellular_location    ? 
_entity_src_gen.host_org_common_name               ? 
_entity_src_gen.pdbx_host_org_scientific_name      'Escherichia coli' 
_entity_src_gen.pdbx_host_org_ncbi_taxonomy_id     562 
_entity_src_gen.host_org_genus                     Escherichia 
_entity_src_gen.pdbx_host_org_gene                 ? 
_entity_src_gen.pdbx_host_org_organ                ? 
_entity_src_gen.host_org_species                   ? 
_entity_src_gen.pdbx_host_org_tissue               ? 
_entity_src_gen.pdbx_host_org_tissue_fraction      ? 
_entity_src_gen.pdbx_host_org_strain               CJ236 
_entity_src_gen.pdbx_host_org_variant              ? 
_entity_src_gen.pdbx_host_org_cell_line            ? 
_entity_src_gen.pdbx_host_org_atcc                 ? 
_entity_src_gen.pdbx_host_org_culture_collection   ? 
_entity_src_gen.pdbx_host_org_cell                 ? 
_entity_src_gen.pdbx_host_org_organelle            ? 
_entity_src_gen.pdbx_host_org_cellular_location    ? 
_entity_src_gen.pdbx_host_org_vector_type          plasmid 
_entity_src_gen.pdbx_host_org_vector               ? 
_entity_src_gen.host_org_details                   ? 
_entity_src_gen.expression_system_id               ? 
_entity_src_gen.plasmid_name                       pHS210 
_entity_src_gen.plasmid_details                    ? 
_entity_src_gen.pdbx_description                   'used helper phage M13K07 to perform the single mutation' 
# 
loop_
_chem_comp.id 
_chem_comp.type 
_chem_comp.mon_nstd_flag 
_chem_comp.name 
_chem_comp.pdbx_synonyms 
_chem_comp.formula 
_chem_comp.formula_weight 
ALA 'L-peptide linking' y ALANINE                             ? 'C3 H7 N O2'     89.093  
ARG 'L-peptide linking' y ARGININE                            ? 'C6 H15 N4 O2 1' 175.209 
ASN 'L-peptide linking' y ASPARAGINE                          ? 'C4 H8 N2 O3'    132.118 
ASP 'L-peptide linking' y 'ASPARTIC ACID'                     ? 'C4 H7 N O4'     133.103 
CYS 'L-peptide linking' y CYSTEINE                            ? 'C3 H7 N O2 S'   121.158 
DC  'DNA linking'       y "2'-DEOXYCYTIDINE-5'-MONOPHOSPHATE" ? 'C9 H14 N3 O7 P' 307.197 
GLN 'L-peptide linking' y GLUTAMINE                           ? 'C5 H10 N2 O3'   146.144 
GLU 'L-peptide linking' y 'GLUTAMIC ACID'                     ? 'C5 H9 N O4'     147.129 
GLY 'peptide linking'   y GLYCINE                             ? 'C2 H5 N O2'     75.067  
HIS 'L-peptide linking' y HISTIDINE                           ? 'C6 H10 N3 O2 1' 156.162 
HOH non-polymer         . WATER                               ? 'H2 O'           18.015  
ILE 'L-peptide linking' y ISOLEUCINE                          ? 'C6 H13 N O2'    131.173 
LEU 'L-peptide linking' y LEUCINE                             ? 'C6 H13 N O2'    131.173 
LYS 'L-peptide linking' y LYSINE                              ? 'C6 H15 N2 O2 1' 147.195 
MET 'L-peptide linking' y METHIONINE                          ? 'C5 H11 N O2 S'  149.211 
PHE 'L-peptide linking' y PHENYLALANINE                       ? 'C9 H11 N O2'    165.189 
PRO 'L-peptide linking' y PROLINE                             ? 'C5 H9 N O2'     115.130 
SER 'L-peptide linking' y SERINE                              ? 'C3 H7 N O3'     105.093 
SO4 non-polymer         . 'SULFATE ION'                       ? 'O4 S -2'        96.063  
THR 'L-peptide linking' y THREONINE                           ? 'C4 H9 N O3'     119.119 
TRP 'L-peptide linking' y TRYPTOPHAN                          ? 'C11 H12 N2 O2'  204.225 
TYR 'L-peptide linking' y TYROSINE                            ? 'C9 H11 N O3'    181.189 
VAL 'L-peptide linking' y VALINE                              ? 'C5 H11 N O2'    117.146 
# 
loop_
_pdbx_poly_seq_scheme.asym_id 
_pdbx_poly_seq_scheme.entity_id 
_pdbx_poly_seq_scheme.seq_id 
_pdbx_poly_seq_scheme.mon_id 
_pdbx_poly_seq_scheme.ndb_seq_num 
_pdbx_poly_seq_scheme.pdb_seq_num 
_pdbx_poly_seq_scheme.auth_seq_num 
_pdbx_poly_seq_scheme.pdb_mon_id 
_pdbx_poly_seq_scheme.auth_mon_id 
_pdbx_poly_seq_scheme.pdb_strand_id 
_pdbx_poly_seq_scheme.pdb_ins_code 
_pdbx_poly_seq_scheme.hetero 
A 1 1   MET 1   1   ?   ?   ?   A . n 
A 1 2   THR 2   2   ?   ?   ?   A . n 
A 1 3   ALA 3   3   3   ALA ALA A . n 
A 1 4   ILE 4   4   4   ILE ILE A . n 
A 1 5   ALA 5   5   5   ALA ALA A . n 
A 1 6   PRO 6   6   6   PRO PRO A . n 
A 1 7   VAL 7   7   7   VAL VAL A . n 
A 1 8   ILE 8   8   8   ILE ILE A . n 
A 1 9   THR 9   9   9   THR THR A . n 
A 1 10  ILE 10  10  10  ILE ILE A . n 
A 1 11  ASP 11  11  11  ASP ASP A . n 
A 1 12  GLY 12  12  12  GLY GLY A . n 
A 1 13  PRO 13  13  13  PRO PRO A . n 
A 1 14  SER 14  14  14  SER SER A . n 
A 1 15  GLY 15  15  15  GLY GLY A . n 
A 1 16  ALA 16  16  16  ALA ALA A . n 
A 1 17  GLY 17  17  17  GLY GLY A . n 
A 1 18  LYS 18  18  18  LYS LYS A . n 
A 1 19  GLY 19  19  19  GLY GLY A . n 
A 1 20  THR 20  20  20  THR THR A . n 
A 1 21  LEU 21  21  21  LEU LEU A . n 
A 1 22  CYS 22  22  22  CYS CYS A . n 
A 1 23  LYS 23  23  23  LYS LYS A . n 
A 1 24  ALA 24  24  24  ALA ALA A . n 
A 1 25  MET 25  25  25  MET MET A . n 
A 1 26  ALA 26  26  26  ALA ALA A . n 
A 1 27  GLU 27  27  27  GLU GLU A . n 
A 1 28  ALA 28  28  28  ALA ALA A . n 
A 1 29  LEU 29  29  29  LEU LEU A . n 
A 1 30  GLN 30  30  30  GLN GLN A . n 
A 1 31  TRP 31  31  31  TRP TRP A . n 
A 1 32  HIS 32  32  32  HIS HIS A . n 
A 1 33  LEU 33  33  33  LEU LEU A . n 
A 1 34  LEU 34  34  34  LEU LEU A . n 
A 1 35  ASP 35  35  35  ASP ASP A . n 
A 1 36  SER 36  36  36  SER SER A . n 
A 1 37  GLY 37  37  37  GLY GLY A . n 
A 1 38  ALA 38  38  38  ALA ALA A . n 
A 1 39  ILE 39  39  39  ILE ILE A . n 
A 1 40  TYR 40  40  40  TYR TYR A . n 
A 1 41  ARG 41  41  41  ARG ARG A . n 
A 1 42  VAL 42  42  42  VAL VAL A . n 
A 1 43  LEU 43  43  43  LEU LEU A . n 
A 1 44  ALA 44  44  44  ALA ALA A . n 
A 1 45  LEU 45  45  45  LEU LEU A . n 
A 1 46  ALA 46  46  46  ALA ALA A . n 
A 1 47  ALA 47  47  47  ALA ALA A . n 
A 1 48  LEU 48  48  48  LEU LEU A . n 
A 1 49  HIS 49  49  49  HIS HIS A . n 
A 1 50  HIS 50  50  50  HIS HIS A . n 
A 1 51  HIS 51  51  51  HIS HIS A . n 
A 1 52  VAL 52  52  52  VAL VAL A . n 
A 1 53  ASP 53  53  53  ASP ASP A . n 
A 1 54  VAL 54  54  54  VAL VAL A . n 
A 1 55  ALA 55  55  55  ALA ALA A . n 
A 1 56  SER 56  56  56  SER SER A . n 
A 1 57  GLU 57  57  57  GLU GLU A . n 
A 1 58  ASP 58  58  58  ASP ASP A . n 
A 1 59  ALA 59  59  59  ALA ALA A . n 
A 1 60  LEU 60  60  60  LEU LEU A . n 
A 1 61  VAL 61  61  61  VAL VAL A . n 
A 1 62  PRO 62  62  62  PRO PRO A . n 
A 1 63  LEU 63  63  63  LEU LEU A . n 
A 1 64  ALA 64  64  64  ALA ALA A . n 
A 1 65  SER 65  65  65  SER SER A . n 
A 1 66  HIS 66  66  66  HIS HIS A . n 
A 1 67  LEU 67  67  67  LEU LEU A . n 
A 1 68  ASP 68  68  68  ASP ASP A . n 
A 1 69  VAL 69  69  69  VAL VAL A . n 
A 1 70  ARG 70  70  70  ARG ARG A . n 
A 1 71  PHE 71  71  71  PHE PHE A . n 
A 1 72  VAL 72  72  72  VAL VAL A . n 
A 1 73  SER 73  73  73  SER SER A . n 
A 1 74  THR 74  74  74  THR THR A . n 
A 1 75  ASN 75  75  75  ASN ASN A . n 
A 1 76  GLY 76  76  76  GLY GLY A . n 
A 1 77  ASN 77  77  77  ASN ASN A . n 
A 1 78  LEU 78  78  78  LEU LEU A . n 
A 1 79  GLU 79  79  79  GLU GLU A . n 
A 1 80  VAL 80  80  80  VAL VAL A . n 
A 1 81  ILE 81  81  81  ILE ILE A . n 
A 1 82  LEU 82  82  82  LEU LEU A . n 
A 1 83  GLU 83  83  83  GLU GLU A . n 
A 1 84  GLY 84  84  84  GLY GLY A . n 
A 1 85  GLU 85  85  85  GLU GLU A . n 
A 1 86  ASP 86  86  86  ASP ASP A . n 
A 1 87  VAL 87  87  87  VAL VAL A . n 
A 1 88  SER 88  88  88  SER SER A . n 
A 1 89  GLY 89  89  89  GLY GLY A . n 
A 1 90  GLU 90  90  90  GLU GLU A . n 
A 1 91  ILE 91  91  91  ILE ILE A . n 
A 1 92  ARG 92  92  92  ARG ARG A . n 
A 1 93  THR 93  93  93  THR THR A . n 
A 1 94  GLN 94  94  94  GLN GLN A . n 
A 1 95  GLU 95  95  95  GLU GLU A . n 
A 1 96  VAL 96  96  96  VAL VAL A . n 
A 1 97  ALA 97  97  97  ALA ALA A . n 
A 1 98  ASN 98  98  98  ASN ASN A . n 
A 1 99  ALA 99  99  99  ALA ALA A . n 
A 1 100 ALA 100 100 100 ALA ALA A . n 
A 1 101 SER 101 101 101 SER SER A . n 
A 1 102 GLN 102 102 102 GLN GLN A . n 
A 1 103 VAL 103 103 103 VAL VAL A . n 
A 1 104 ALA 104 104 104 ALA ALA A . n 
A 1 105 ALA 105 105 105 ALA ALA A . n 
A 1 106 PHE 106 106 106 PHE PHE A . n 
A 1 107 PRO 107 107 107 PRO PRO A . n 
A 1 108 ARG 108 108 108 ARG ARG A . n 
A 1 109 VAL 109 109 109 VAL VAL A . n 
A 1 110 ARG 110 110 110 ARG ARG A . n 
A 1 111 GLU 111 111 111 GLU GLU A . n 
A 1 112 ALA 112 112 112 ALA ALA A . n 
A 1 113 LEU 113 113 113 LEU LEU A . n 
A 1 114 LEU 114 114 114 LEU LEU A . n 
A 1 115 ARG 115 115 115 ARG ARG A . n 
A 1 116 ARG 116 116 116 ARG ARG A . n 
A 1 117 GLN 117 117 117 GLN GLN A . n 
A 1 118 ARG 118 118 118 ARG ARG A . n 
A 1 119 ALA 119 119 119 ALA ALA A . n 
A 1 120 PHE 120 120 120 PHE PHE A . n 
A 1 121 ARG 121 121 121 ARG ARG A . n 
A 1 122 GLU 122 122 122 GLU GLU A . n 
A 1 123 LEU 123 123 123 LEU LEU A . n 
A 1 124 PRO 124 124 124 PRO PRO A . n 
A 1 125 GLY 125 125 125 GLY GLY A . n 
A 1 126 LEU 126 126 126 LEU LEU A . n 
A 1 127 ILE 127 127 127 ILE ILE A . n 
A 1 128 ALA 128 128 128 ALA ALA A . n 
A 1 129 ASP 129 129 129 ASP ASP A . n 
A 1 130 GLY 130 130 130 GLY GLY A . n 
A 1 131 ARG 131 131 131 ARG ARG A . n 
A 1 132 ASP 132 132 132 ASP ASP A . n 
A 1 133 MET 133 133 133 MET MET A . n 
A 1 134 GLY 134 134 134 GLY GLY A . n 
A 1 135 THR 135 135 135 THR THR A . n 
A 1 136 VAL 136 136 136 VAL VAL A . n 
A 1 137 VAL 137 137 137 VAL VAL A . n 
A 1 138 PHE 138 138 138 PHE PHE A . n 
A 1 139 PRO 139 139 139 PRO PRO A . n 
A 1 140 ASP 140 140 140 ASP ASP A . n 
A 1 141 ALA 141 141 141 ALA ALA A . n 
A 1 142 PRO 142 142 142 PRO PRO A . n 
A 1 143 VAL 143 143 143 VAL VAL A . n 
A 1 144 LYS 144 144 144 LYS LYS A . n 
A 1 145 ILE 145 145 145 ILE ILE A . n 
A 1 146 PHE 146 146 146 PHE PHE A . n 
A 1 147 LEU 147 147 147 LEU LEU A . n 
A 1 148 ASP 148 148 148 ASP ASP A . n 
A 1 149 ALA 149 149 149 ALA ALA A . n 
A 1 150 SER 150 150 150 SER SER A . n 
A 1 151 SER 151 151 151 SER SER A . n 
A 1 152 GLU 152 152 152 GLU GLU A . n 
A 1 153 GLU 153 153 153 GLU GLU A . n 
A 1 154 ARG 154 154 154 ARG ARG A . n 
A 1 155 ALA 155 155 155 ALA ALA A . n 
A 1 156 HIS 156 156 156 HIS HIS A . n 
A 1 157 ARG 157 157 157 ARG ARG A . n 
A 1 158 ARG 158 158 158 ARG ARG A . n 
A 1 159 MET 159 159 159 MET MET A . n 
A 1 160 LEU 160 160 160 LEU LEU A . n 
A 1 161 GLN 161 161 161 GLN GLN A . n 
A 1 162 LEU 162 162 162 LEU LEU A . n 
A 1 163 GLN 163 163 163 GLN GLN A . n 
A 1 164 GLU 164 164 164 GLU GLU A . n 
A 1 165 LYS 165 165 165 LYS LYS A . n 
A 1 166 GLY 166 166 166 GLY GLY A . n 
A 1 167 PHE 167 167 167 PHE PHE A . n 
A 1 168 SER 168 168 168 SER SER A . n 
A 1 169 VAL 169 169 169 VAL VAL A . n 
A 1 170 ASN 170 170 170 ASN ASN A . n 
A 1 171 PHE 171 171 171 PHE PHE A . n 
A 1 172 GLU 172 172 172 GLU GLU A . n 
A 1 173 ARG 173 173 173 ARG ARG A . n 
A 1 174 LEU 174 174 174 LEU LEU A . n 
A 1 175 LEU 175 175 175 LEU LEU A . n 
A 1 176 ALA 176 176 176 ALA ALA A . n 
A 1 177 GLU 177 177 177 GLU GLU A . n 
A 1 178 ILE 178 178 178 ILE ILE A . n 
A 1 179 LYS 179 179 179 LYS LYS A . n 
A 1 180 GLU 180 180 180 GLU GLU A . n 
A 1 181 ARG 181 181 181 ARG ARG A . n 
A 1 182 ASP 182 182 182 ASP ASP A . n 
A 1 183 ASP 183 183 183 ASP ASP A . n 
A 1 184 ARG 184 184 184 ARG ARG A . n 
A 1 185 ASP 185 185 185 ASP ASP A . n 
A 1 186 ARG 186 186 186 ARG ARG A . n 
A 1 187 ASN 187 187 187 ASN ASN A . n 
A 1 188 MET 188 188 188 MET MET A . n 
A 1 189 ALA 189 189 189 ALA ALA A . n 
A 1 190 VAL 190 190 190 VAL VAL A . n 
A 1 191 ALA 191 191 191 ALA ALA A . n 
A 1 192 PRO 192 192 192 PRO PRO A . n 
A 1 193 LEU 193 193 193 LEU LEU A . n 
A 1 194 VAL 194 194 194 VAL VAL A . n 
A 1 195 PRO 195 195 195 PRO PRO A . n 
A 1 196 ALA 196 196 196 ALA ALA A . n 
A 1 197 ALA 197 197 197 ALA ALA A . n 
A 1 198 ASP 198 198 198 ASP ASP A . n 
A 1 199 ALA 199 199 199 ALA ALA A . n 
A 1 200 LEU 200 200 200 LEU LEU A . n 
A 1 201 VAL 201 201 201 VAL VAL A . n 
A 1 202 LEU 202 202 202 LEU LEU A . n 
A 1 203 ASP 203 203 203 ASP ASP A . n 
A 1 204 SER 204 204 204 SER SER A . n 
A 1 205 THR 205 205 205 THR THR A . n 
A 1 206 THR 206 206 206 THR THR A . n 
A 1 207 LEU 207 207 207 LEU LEU A . n 
A 1 208 SER 208 208 208 SER SER A . n 
A 1 209 ILE 209 209 209 ILE ILE A . n 
A 1 210 GLU 210 210 210 GLU GLU A . n 
A 1 211 GLN 211 211 211 GLN GLN A . n 
A 1 212 VAL 212 212 212 VAL VAL A . n 
A 1 213 ILE 213 213 213 ILE ILE A . n 
A 1 214 GLU 214 214 214 GLU GLU A . n 
A 1 215 LYS 215 215 215 LYS LYS A . n 
A 1 216 ALA 216 216 216 ALA ALA A . n 
A 1 217 LEU 217 217 217 LEU LEU A . n 
A 1 218 GLN 218 218 218 GLN GLN A . n 
A 1 219 TYR 219 219 219 TYR TYR A . n 
A 1 220 ALA 220 220 220 ALA ALA A . n 
A 1 221 ARG 221 221 221 ARG ARG A . n 
A 1 222 GLN 222 222 222 GLN GLN A . n 
A 1 223 LYS 223 223 223 LYS LYS A . n 
A 1 224 LEU 224 224 ?   ?   ?   A . n 
A 1 225 ALA 225 225 ?   ?   ?   A . n 
A 1 226 LEU 226 226 ?   ?   ?   A . n 
A 1 227 ALA 227 227 ?   ?   ?   A . n 
# 
loop_
_pdbx_nonpoly_scheme.asym_id 
_pdbx_nonpoly_scheme.entity_id 
_pdbx_nonpoly_scheme.mon_id 
_pdbx_nonpoly_scheme.ndb_seq_num 
_pdbx_nonpoly_scheme.pdb_seq_num 
_pdbx_nonpoly_scheme.auth_seq_num 
_pdbx_nonpoly_scheme.pdb_mon_id 
_pdbx_nonpoly_scheme.auth_mon_id 
_pdbx_nonpoly_scheme.pdb_strand_id 
_pdbx_nonpoly_scheme.pdb_ins_code 
B 2 SO4 1  1001 1001 SO4 SO4 A . 
C 3 DC  1  407  407  DC  DC  A . 
D 4 HOH 1  1002 7    HOH HOH A . 
D 4 HOH 2  1003 11   HOH HOH A . 
D 4 HOH 3  1004 13   HOH HOH A . 
D 4 HOH 4  1005 17   HOH HOH A . 
D 4 HOH 5  1006 18   HOH HOH A . 
D 4 HOH 6  1007 24   HOH HOH A . 
D 4 HOH 7  1008 29   HOH HOH A . 
D 4 HOH 8  1009 31   HOH HOH A . 
D 4 HOH 9  1010 32   HOH HOH A . 
D 4 HOH 10 1011 38   HOH HOH A . 
D 4 HOH 11 1012 41   HOH HOH A . 
D 4 HOH 12 1013 45   HOH HOH A . 
D 4 HOH 13 1014 48   HOH HOH A . 
D 4 HOH 14 1015 52   HOH HOH A . 
D 4 HOH 15 1016 53   HOH HOH A . 
D 4 HOH 16 1017 56   HOH HOH A . 
D 4 HOH 17 1018 57   HOH HOH A . 
D 4 HOH 18 1019 58   HOH HOH A . 
D 4 HOH 19 1020 59   HOH HOH A . 
D 4 HOH 20 1021 63   HOH HOH A . 
D 4 HOH 21 1022 70   HOH HOH A . 
D 4 HOH 22 1023 72   HOH HOH A . 
D 4 HOH 23 1024 73   HOH HOH A . 
D 4 HOH 24 1025 75   HOH HOH A . 
D 4 HOH 25 1026 80   HOH HOH A . 
D 4 HOH 26 1027 82   HOH HOH A . 
D 4 HOH 27 1028 88   HOH HOH A . 
D 4 HOH 28 1029 89   HOH HOH A . 
D 4 HOH 29 1030 92   HOH HOH A . 
D 4 HOH 30 1031 93   HOH HOH A . 
D 4 HOH 31 1032 96   HOH HOH A . 
D 4 HOH 32 1033 97   HOH HOH A . 
D 4 HOH 33 1034 99   HOH HOH A . 
D 4 HOH 34 1035 100  HOH HOH A . 
D 4 HOH 35 1036 102  HOH HOH A . 
D 4 HOH 36 1037 103  HOH HOH A . 
D 4 HOH 37 1038 107  HOH HOH A . 
D 4 HOH 38 1039 113  HOH HOH A . 
D 4 HOH 39 1040 116  HOH HOH A . 
D 4 HOH 40 1041 117  HOH HOH A . 
D 4 HOH 41 1042 119  HOH HOH A . 
D 4 HOH 42 1043 120  HOH HOH A . 
# 
loop_
_pdbx_unobs_or_zero_occ_atoms.id 
_pdbx_unobs_or_zero_occ_atoms.PDB_model_num 
_pdbx_unobs_or_zero_occ_atoms.polymer_flag 
_pdbx_unobs_or_zero_occ_atoms.occupancy_flag 
_pdbx_unobs_or_zero_occ_atoms.auth_asym_id 
_pdbx_unobs_or_zero_occ_atoms.auth_comp_id 
_pdbx_unobs_or_zero_occ_atoms.auth_seq_id 
_pdbx_unobs_or_zero_occ_atoms.PDB_ins_code 
_pdbx_unobs_or_zero_occ_atoms.auth_atom_id 
_pdbx_unobs_or_zero_occ_atoms.label_alt_id 
_pdbx_unobs_or_zero_occ_atoms.label_asym_id 
_pdbx_unobs_or_zero_occ_atoms.label_comp_id 
_pdbx_unobs_or_zero_occ_atoms.label_seq_id 
_pdbx_unobs_or_zero_occ_atoms.label_atom_id 
1 1 Y 1 A LEU 147 ? CG  ? A LEU 147 CG  
2 1 Y 1 A LEU 147 ? CD1 ? A LEU 147 CD1 
3 1 Y 1 A LEU 147 ? CD2 ? A LEU 147 CD2 
4 1 Y 1 A GLU 164 ? CG  ? A GLU 164 CG  
5 1 Y 1 A GLU 164 ? CD  ? A GLU 164 CD  
6 1 Y 1 A GLU 164 ? OE1 ? A GLU 164 OE1 
7 1 Y 1 A GLU 164 ? OE2 ? A GLU 164 OE2 
# 
loop_
_software.name 
_software.classification 
_software.version 
_software.citation_id 
_software.pdbx_ordinal 
DENZO     'data reduction' .   ? 1 
SCALEPACK 'data scaling'   .   ? 2 
AMoRE     phasing          .   ? 3 
CNS       refinement       1.1 ? 4 
# 
_cell.entry_id           2FEO 
_cell.length_a           72.949 
_cell.length_b           72.949 
_cell.length_c           76.960 
_cell.angle_alpha        90.00 
_cell.angle_beta         90.00 
_cell.angle_gamma        90.00 
_cell.Z_PDB              8 
_cell.pdbx_unique_axis   ? 
_cell.length_a_esd       ? 
_cell.length_b_esd       ? 
_cell.length_c_esd       ? 
_cell.angle_alpha_esd    ? 
_cell.angle_beta_esd     ? 
_cell.angle_gamma_esd    ? 
# 
_symmetry.entry_id                         2FEO 
_symmetry.space_group_name_H-M             'P 41 21 2' 
_symmetry.pdbx_full_space_group_name_H-M   ? 
_symmetry.Int_Tables_number                92 
_symmetry.cell_setting                     ? 
_symmetry.space_group_name_Hall            ? 
# 
_exptl.entry_id          2FEO 
_exptl.method            'X-RAY DIFFRACTION' 
_exptl.crystals_number   1 
# 
_exptl_crystal.id                    1 
_exptl_crystal.density_meas          ? 
_exptl_crystal.density_Matthews      2.07 
_exptl_crystal.density_percent_sol   40.51 
_exptl_crystal.description           ? 
_exptl_crystal.F_000                 ? 
_exptl_crystal.preparation           ? 
# 
_exptl_crystal_grow.crystal_id      1 
_exptl_crystal_grow.method          'VAPOR DIFFUSION, HANGING DROP' 
_exptl_crystal_grow.temp            293 
_exptl_crystal_grow.pH              7.4 
_exptl_crystal_grow.pdbx_details    
'dCMP 200 mM, Tris-HCL 50 mM pH 7.4, ammonium sulfate 1.7 M, VAPOR DIFFUSION, HANGING DROP, temperature 293K' 
_exptl_crystal_grow.temp_details    ? 
_exptl_crystal_grow.pdbx_pH_range   . 
# 
_diffrn.id                     1 
_diffrn.ambient_temp           173 
_diffrn.ambient_temp_details   ? 
_diffrn.crystal_id             1 
# 
_diffrn_detector.diffrn_id              1 
_diffrn_detector.detector               'IMAGE PLATE' 
_diffrn_detector.type                   MARRESEARCH 
_diffrn_detector.pdbx_collection_date   2001-05-31 
_diffrn_detector.details                ? 
# 
_diffrn_radiation.diffrn_id                        1 
_diffrn_radiation.wavelength_id                    1 
_diffrn_radiation.pdbx_monochromatic_or_laue_m_l   M 
_diffrn_radiation.monochromator                    GRAPHITE 
_diffrn_radiation.pdbx_diffrn_protocol             'SINGLE WAVELENGTH' 
_diffrn_radiation.pdbx_scattering_type             x-ray 
# 
_diffrn_radiation_wavelength.id           1 
_diffrn_radiation_wavelength.wavelength   0.9490 
_diffrn_radiation_wavelength.wt           1.0 
# 
_diffrn_source.diffrn_id                   1 
_diffrn_source.source                      SYNCHROTRON 
_diffrn_source.type                        'LURE BEAMLINE DW32' 
_diffrn_source.pdbx_synchrotron_site       LURE 
_diffrn_source.pdbx_synchrotron_beamline   DW32 
_diffrn_source.pdbx_wavelength             ? 
_diffrn_source.pdbx_wavelength_list        0.9490 
# 
_reflns.entry_id                     2FEO 
_reflns.observed_criterion_sigma_I   1.0 
_reflns.observed_criterion_sigma_F   ? 
_reflns.d_resolution_low             15. 
_reflns.d_resolution_high            2.80 
_reflns.number_obs                   5424 
_reflns.number_all                   ? 
_reflns.percent_possible_obs         92.3 
_reflns.pdbx_Rmerge_I_obs            ? 
_reflns.pdbx_Rsym_value              ? 
_reflns.pdbx_netI_over_sigmaI        ? 
_reflns.B_iso_Wilson_estimate        ? 
_reflns.pdbx_redundancy              ? 
_reflns.R_free_details               ? 
_reflns.limit_h_max                  ? 
_reflns.limit_h_min                  ? 
_reflns.limit_k_max                  ? 
_reflns.limit_k_min                  ? 
_reflns.limit_l_max                  ? 
_reflns.limit_l_min                  ? 
_reflns.observed_criterion_F_max     ? 
_reflns.observed_criterion_F_min     ? 
_reflns.pdbx_chi_squared             ? 
_reflns.pdbx_scaling_rejects         ? 
_reflns.pdbx_diffrn_id               1 
_reflns.pdbx_ordinal                 1 
# 
_reflns_shell.d_res_high             2.8 
_reflns_shell.d_res_low              2.9 
_reflns_shell.percent_possible_all   84.6 
_reflns_shell.Rmerge_I_obs           ? 
_reflns_shell.pdbx_Rsym_value        ? 
_reflns_shell.meanI_over_sigI_obs    ? 
_reflns_shell.pdbx_redundancy        ? 
_reflns_shell.percent_possible_obs   ? 
_reflns_shell.number_unique_all      ? 
_reflns_shell.number_measured_all    ? 
_reflns_shell.number_measured_obs    ? 
_reflns_shell.number_unique_obs      ? 
_reflns_shell.pdbx_chi_squared       ? 
_reflns_shell.pdbx_diffrn_id         ? 
_reflns_shell.pdbx_ordinal           1 
# 
_refine.entry_id                                 2FEO 
_refine.ls_number_reflns_obs                     5090 
_refine.ls_number_reflns_all                     5424 
_refine.pdbx_ls_sigma_I                          ? 
_refine.pdbx_ls_sigma_F                          0.0 
_refine.pdbx_data_cutoff_high_absF               1000. 
_refine.pdbx_data_cutoff_low_absF                0.0 
_refine.pdbx_data_cutoff_high_rms_absF           ? 
_refine.ls_d_res_low                             15 
_refine.ls_d_res_high                            2.8 
_refine.ls_percent_reflns_obs                    ? 
_refine.ls_R_factor_obs                          0.259 
_refine.ls_R_factor_all                          0.259 
_refine.ls_R_factor_R_work                       0.259 
_refine.ls_R_factor_R_free                       0.339 
_refine.ls_R_factor_R_free_error                 ? 
_refine.ls_R_factor_R_free_error_details         ? 
_refine.ls_percent_reflns_R_free                 10. 
_refine.ls_number_reflns_R_free                  509 
_refine.ls_number_parameters                     ? 
_refine.ls_number_restraints                     ? 
_refine.occupancy_min                            ? 
_refine.occupancy_max                            ? 
_refine.correlation_coeff_Fo_to_Fc               ? 
_refine.correlation_coeff_Fo_to_Fc_free          ? 
_refine.B_iso_mean                               ? 
_refine.aniso_B[1][1]                            -7.416 
_refine.aniso_B[2][2]                            -7.416 
_refine.aniso_B[3][3]                            14.831 
_refine.aniso_B[1][2]                            0.000 
_refine.aniso_B[1][3]                            0.000 
_refine.aniso_B[2][3]                            0.000 
_refine.solvent_model_param_ksol                 ? 
_refine.solvent_model_param_bsol                 ? 
_refine.pdbx_solvent_vdw_probe_radii             ? 
_refine.pdbx_solvent_ion_probe_radii             ? 
_refine.pdbx_solvent_shrinkage_radii             ? 
_refine.pdbx_ls_cross_valid_method               THROUGHOUT 
_refine.details                                  ? 
_refine.pdbx_starting_model                      ? 
_refine.pdbx_method_to_determine_struct          'MOLECULAR REPLACEMENT' 
_refine.pdbx_isotropic_thermal_model             ? 
_refine.pdbx_stereochemistry_target_values       'Engh & Huber' 
_refine.pdbx_stereochem_target_val_spec_case     ? 
_refine.pdbx_R_Free_selection_details            RANDOM 
_refine.pdbx_overall_ESU_R                       ? 
_refine.pdbx_overall_ESU_R_Free                  ? 
_refine.overall_SU_ML                            ? 
_refine.overall_SU_B                             ? 
_refine.ls_redundancy_reflns_obs                 ? 
_refine.B_iso_min                                ? 
_refine.B_iso_max                                ? 
_refine.overall_SU_R_Cruickshank_DPI             ? 
_refine.overall_SU_R_free                        ? 
_refine.ls_wR_factor_R_free                      ? 
_refine.ls_wR_factor_R_work                      ? 
_refine.overall_FOM_free_R_set                   ? 
_refine.overall_FOM_work_R_set                   ? 
_refine.solvent_model_details                    ? 
_refine.pdbx_refine_id                           'X-RAY DIFFRACTION' 
_refine.pdbx_diffrn_id                           1 
_refine.pdbx_TLS_residual_ADP_flag               ? 
_refine.pdbx_overall_phase_error                 ? 
_refine.pdbx_overall_SU_R_free_Cruickshank_DPI   ? 
_refine.pdbx_overall_SU_R_Blow_DPI               ? 
_refine.pdbx_overall_SU_R_free_Blow_DPI          ? 
# 
_refine_hist.pdbx_refine_id                   'X-RAY DIFFRACTION' 
_refine_hist.cycle_id                         LAST 
_refine_hist.pdbx_number_atoms_protein        1689 
_refine_hist.pdbx_number_atoms_nucleic_acid   0 
_refine_hist.pdbx_number_atoms_ligand         25 
_refine_hist.number_atoms_solvent             42 
_refine_hist.number_atoms_total               1756 
_refine_hist.d_res_high                       2.8 
_refine_hist.d_res_low                        15 
# 
loop_
_refine_ls_restr.type 
_refine_ls_restr.dev_ideal 
_refine_ls_restr.dev_ideal_target 
_refine_ls_restr.weight 
_refine_ls_restr.number 
_refine_ls_restr.pdbx_refine_id 
_refine_ls_restr.pdbx_restraint_function 
c_bond_d    0.009 ? ? ? 'X-RAY DIFFRACTION' ? 
c_angle_deg 1.56  ? ? ? 'X-RAY DIFFRACTION' ? 
# 
_struct.entry_id                  2FEO 
_struct.title                     'Mutant R188M of The Cytidine Monophosphate Kinase from E. coli complexed with dCMP' 
_struct.pdbx_model_details        ? 
_struct.pdbx_CASP_flag            ? 
_struct.pdbx_model_type_details   ? 
# 
_struct_keywords.entry_id        2FEO 
_struct_keywords.pdbx_keywords   'SIGNALING PROTEIN,TRANSFERASE' 
_struct_keywords.text            'NUCLEOTIDE MONOPHOSPHATE KINASE; TRANSFERASE, SIGNALING PROTEIN, TRANSFERASE' 
# 
loop_
_struct_asym.id 
_struct_asym.pdbx_blank_PDB_chainid_flag 
_struct_asym.pdbx_modified 
_struct_asym.entity_id 
_struct_asym.details 
A N N 1 ? 
B N N 2 ? 
C N N 3 ? 
D N N 4 ? 
# 
_struct_ref.id                         1 
_struct_ref.entity_id                  1 
_struct_ref.db_name                    UNP 
_struct_ref.db_code                    KCY_ECOLI 
_struct_ref.pdbx_db_accession          P0A6I0 
_struct_ref.pdbx_align_begin           1 
_struct_ref.pdbx_seq_one_letter_code   
;MTAIAPVITIDGPSGAGKGTLCKAMAEALQWHLLDSGAIYRVLALAALHHHVDVASEDALVPLASHLDVRFVSTNGNLEV
ILEGEDVSGEIRTQEVANAASQVAAFPRVREALLRRQRAFRELPGLIADGRDMGTVVFPDAPVKIFLDASSEERAHRRML
QLQEKGFSVNFERLLAEIKERDDRDRNRAVAPLVPAADALVLDSTTLSIEQVIEKALQYARQKLALA
;
_struct_ref.pdbx_db_isoform            ? 
# 
_struct_ref_seq.align_id                      1 
_struct_ref_seq.ref_id                        1 
_struct_ref_seq.pdbx_PDB_id_code              2FEO 
_struct_ref_seq.pdbx_strand_id                A 
_struct_ref_seq.seq_align_beg                 1 
_struct_ref_seq.pdbx_seq_align_beg_ins_code   ? 
_struct_ref_seq.seq_align_end                 227 
_struct_ref_seq.pdbx_seq_align_end_ins_code   ? 
_struct_ref_seq.pdbx_db_accession             P0A6I0 
_struct_ref_seq.db_align_beg                  1 
_struct_ref_seq.pdbx_db_align_beg_ins_code    ? 
_struct_ref_seq.db_align_end                  227 
_struct_ref_seq.pdbx_db_align_end_ins_code    ? 
_struct_ref_seq.pdbx_auth_seq_align_beg       1 
_struct_ref_seq.pdbx_auth_seq_align_end       227 
# 
_struct_ref_seq_dif.align_id                     1 
_struct_ref_seq_dif.pdbx_pdb_id_code             2FEO 
_struct_ref_seq_dif.mon_id                       MET 
_struct_ref_seq_dif.pdbx_pdb_strand_id           A 
_struct_ref_seq_dif.seq_num                      188 
_struct_ref_seq_dif.pdbx_pdb_ins_code            ? 
_struct_ref_seq_dif.pdbx_seq_db_name             UNP 
_struct_ref_seq_dif.pdbx_seq_db_accession_code   P0A6I0 
_struct_ref_seq_dif.db_mon_id                    ARG 
_struct_ref_seq_dif.pdbx_seq_db_seq_num          188 
_struct_ref_seq_dif.details                      'engineered mutation' 
_struct_ref_seq_dif.pdbx_auth_seq_num            188 
_struct_ref_seq_dif.pdbx_ordinal                 1 
# 
_pdbx_struct_assembly.id                   1 
_pdbx_struct_assembly.details              author_and_software_defined_assembly 
_pdbx_struct_assembly.method_details       PISA 
_pdbx_struct_assembly.oligomeric_details   monomeric 
_pdbx_struct_assembly.oligomeric_count     1 
# 
_pdbx_struct_assembly_gen.assembly_id       1 
_pdbx_struct_assembly_gen.oper_expression   1 
_pdbx_struct_assembly_gen.asym_id_list      A,B,C,D 
# 
_pdbx_struct_oper_list.id                   1 
_pdbx_struct_oper_list.type                 'identity operation' 
_pdbx_struct_oper_list.name                 1_555 
_pdbx_struct_oper_list.symmetry_operation   x,y,z 
_pdbx_struct_oper_list.matrix[1][1]         1.0000000000 
_pdbx_struct_oper_list.matrix[1][2]         0.0000000000 
_pdbx_struct_oper_list.matrix[1][3]         0.0000000000 
_pdbx_struct_oper_list.vector[1]            0.0000000000 
_pdbx_struct_oper_list.matrix[2][1]         0.0000000000 
_pdbx_struct_oper_list.matrix[2][2]         1.0000000000 
_pdbx_struct_oper_list.matrix[2][3]         0.0000000000 
_pdbx_struct_oper_list.vector[2]            0.0000000000 
_pdbx_struct_oper_list.matrix[3][1]         0.0000000000 
_pdbx_struct_oper_list.matrix[3][2]         0.0000000000 
_pdbx_struct_oper_list.matrix[3][3]         1.0000000000 
_pdbx_struct_oper_list.vector[3]            0.0000000000 
# 
_struct_biol.id                    1 
_struct_biol.details               'The biological assembly is a monomer' 
_struct_biol.pdbx_parent_biol_id   ? 
# 
loop_
_struct_conf.conf_type_id 
_struct_conf.id 
_struct_conf.pdbx_PDB_helix_id 
_struct_conf.beg_label_comp_id 
_struct_conf.beg_label_asym_id 
_struct_conf.beg_label_seq_id 
_struct_conf.pdbx_beg_PDB_ins_code 
_struct_conf.end_label_comp_id 
_struct_conf.end_label_asym_id 
_struct_conf.end_label_seq_id 
_struct_conf.pdbx_end_PDB_ins_code 
_struct_conf.beg_auth_comp_id 
_struct_conf.beg_auth_asym_id 
_struct_conf.beg_auth_seq_id 
_struct_conf.end_auth_comp_id 
_struct_conf.end_auth_asym_id 
_struct_conf.end_auth_seq_id 
_struct_conf.pdbx_PDB_helix_class 
_struct_conf.details 
_struct_conf.pdbx_PDB_helix_length 
HELX_P HELX_P1 1 GLY A 17  ? GLN A 30  ? GLY A 17  GLN A 30  1 ? 14 
HELX_P HELX_P2 2 GLY A 37  ? HIS A 50  ? GLY A 37  HIS A 50  1 ? 14 
HELX_P HELX_P3 3 SER A 56  ? LEU A 60  ? SER A 56  LEU A 60  5 ? 5  
HELX_P HELX_P4 4 VAL A 87  ? ARG A 92  ? VAL A 87  ARG A 92  1 ? 6  
HELX_P HELX_P5 5 GLU A 95  ? SER A 101 ? GLU A 95  SER A 101 1 ? 7  
HELX_P HELX_P6 6 PHE A 106 ? ALA A 119 ? PHE A 106 ALA A 119 1 ? 14 
HELX_P HELX_P7 7 SER A 150 ? LEU A 160 ? SER A 150 LEU A 160 1 ? 11 
HELX_P HELX_P8 8 ASN A 170 ? MET A 188 ? ASN A 170 MET A 188 1 ? 19 
HELX_P HELX_P9 9 SER A 208 ? LYS A 223 ? SER A 208 LYS A 223 1 ? 16 
# 
_struct_conf_type.id          HELX_P 
_struct_conf_type.criteria    ? 
_struct_conf_type.reference   ? 
# 
_struct_mon_prot_cis.pdbx_id                1 
_struct_mon_prot_cis.label_comp_id          LEU 
_struct_mon_prot_cis.label_seq_id           123 
_struct_mon_prot_cis.label_asym_id          A 
_struct_mon_prot_cis.label_alt_id           . 
_struct_mon_prot_cis.pdbx_PDB_ins_code      ? 
_struct_mon_prot_cis.auth_comp_id           LEU 
_struct_mon_prot_cis.auth_seq_id            123 
_struct_mon_prot_cis.auth_asym_id           A 
_struct_mon_prot_cis.pdbx_label_comp_id_2   PRO 
_struct_mon_prot_cis.pdbx_label_seq_id_2    124 
_struct_mon_prot_cis.pdbx_label_asym_id_2   A 
_struct_mon_prot_cis.pdbx_PDB_ins_code_2    ? 
_struct_mon_prot_cis.pdbx_auth_comp_id_2    PRO 
_struct_mon_prot_cis.pdbx_auth_seq_id_2     124 
_struct_mon_prot_cis.pdbx_auth_asym_id_2    A 
_struct_mon_prot_cis.pdbx_PDB_model_num     1 
_struct_mon_prot_cis.pdbx_omega_angle       -2.35 
# 
loop_
_struct_sheet.id 
_struct_sheet.type 
_struct_sheet.number_strands 
_struct_sheet.details 
A ? 2 ? 
B ? 3 ? 
C ? 2 ? 
# 
loop_
_struct_sheet_order.sheet_id 
_struct_sheet_order.range_id_1 
_struct_sheet_order.range_id_2 
_struct_sheet_order.offset 
_struct_sheet_order.sense 
A 1 2 ? parallel      
B 1 2 ? anti-parallel 
B 2 3 ? anti-parallel 
C 1 2 ? parallel      
# 
loop_
_struct_sheet_range.sheet_id 
_struct_sheet_range.id 
_struct_sheet_range.beg_label_comp_id 
_struct_sheet_range.beg_label_asym_id 
_struct_sheet_range.beg_label_seq_id 
_struct_sheet_range.pdbx_beg_PDB_ins_code 
_struct_sheet_range.end_label_comp_id 
_struct_sheet_range.end_label_asym_id 
_struct_sheet_range.end_label_seq_id 
_struct_sheet_range.pdbx_end_PDB_ins_code 
_struct_sheet_range.beg_auth_comp_id 
_struct_sheet_range.beg_auth_asym_id 
_struct_sheet_range.beg_auth_seq_id 
_struct_sheet_range.end_auth_comp_id 
_struct_sheet_range.end_auth_asym_id 
_struct_sheet_range.end_auth_seq_id 
A 1 HIS A 32  ? ASP A 35  ? HIS A 32  ASP A 35  
A 2 LEU A 126 ? ASP A 129 ? LEU A 126 ASP A 129 
B 1 VAL A 69  ? PHE A 71  ? VAL A 69  PHE A 71  
B 2 VAL A 80  ? LEU A 82  ? VAL A 80  LEU A 82  
B 3 GLU A 85  ? ASP A 86  ? GLU A 85  ASP A 86  
C 1 ILE A 145 ? ASP A 148 ? ILE A 145 ASP A 148 
C 2 LEU A 200 ? ASP A 203 ? LEU A 200 ASP A 203 
# 
loop_
_pdbx_struct_sheet_hbond.sheet_id 
_pdbx_struct_sheet_hbond.range_id_1 
_pdbx_struct_sheet_hbond.range_id_2 
_pdbx_struct_sheet_hbond.range_1_label_atom_id 
_pdbx_struct_sheet_hbond.range_1_label_comp_id 
_pdbx_struct_sheet_hbond.range_1_label_asym_id 
_pdbx_struct_sheet_hbond.range_1_label_seq_id 
_pdbx_struct_sheet_hbond.range_1_PDB_ins_code 
_pdbx_struct_sheet_hbond.range_1_auth_atom_id 
_pdbx_struct_sheet_hbond.range_1_auth_comp_id 
_pdbx_struct_sheet_hbond.range_1_auth_asym_id 
_pdbx_struct_sheet_hbond.range_1_auth_seq_id 
_pdbx_struct_sheet_hbond.range_2_label_atom_id 
_pdbx_struct_sheet_hbond.range_2_label_comp_id 
_pdbx_struct_sheet_hbond.range_2_label_asym_id 
_pdbx_struct_sheet_hbond.range_2_label_seq_id 
_pdbx_struct_sheet_hbond.range_2_PDB_ins_code 
_pdbx_struct_sheet_hbond.range_2_auth_atom_id 
_pdbx_struct_sheet_hbond.range_2_auth_comp_id 
_pdbx_struct_sheet_hbond.range_2_auth_asym_id 
_pdbx_struct_sheet_hbond.range_2_auth_seq_id 
A 1 2 N LEU A 34  ? N LEU A 34  O ILE A 127 ? O ILE A 127 
B 1 2 N ARG A 70  ? N ARG A 70  O ILE A 81  ? O ILE A 81  
B 2 3 N LEU A 82  ? N LEU A 82  O GLU A 85  ? O GLU A 85  
C 1 2 N PHE A 146 ? N PHE A 146 O LEU A 200 ? O LEU A 200 
# 
loop_
_struct_site.id 
_struct_site.pdbx_evidence_code 
_struct_site.pdbx_auth_asym_id 
_struct_site.pdbx_auth_comp_id 
_struct_site.pdbx_auth_seq_id 
_struct_site.pdbx_auth_ins_code 
_struct_site.pdbx_num_residues 
_struct_site.details 
AC1 Software A SO4 1001 ? 6  'BINDING SITE FOR RESIDUE SO4 A 1001' 
AC2 Software A DC  407  ? 10 'BINDING SITE FOR RESIDUE DC A 407'   
# 
loop_
_struct_site_gen.id 
_struct_site_gen.site_id 
_struct_site_gen.pdbx_num_res 
_struct_site_gen.label_comp_id 
_struct_site_gen.label_asym_id 
_struct_site_gen.label_seq_id 
_struct_site_gen.pdbx_auth_ins_code 
_struct_site_gen.auth_comp_id 
_struct_site_gen.auth_asym_id 
_struct_site_gen.auth_seq_id 
_struct_site_gen.label_atom_id 
_struct_site_gen.label_alt_id 
_struct_site_gen.symmetry 
_struct_site_gen.details 
1  AC1 6  PRO A 13  ? PRO A 13   . ? 1_555 ? 
2  AC1 6  GLY A 15  ? GLY A 15   . ? 1_555 ? 
3  AC1 6  ALA A 16  ? ALA A 16   . ? 1_555 ? 
4  AC1 6  GLY A 17  ? GLY A 17   . ? 1_555 ? 
5  AC1 6  LYS A 18  ? LYS A 18   . ? 1_555 ? 
6  AC1 6  GLY A 19  ? GLY A 19   . ? 1_555 ? 
7  AC2 10 LYS A 18  ? LYS A 18   . ? 1_555 ? 
8  AC2 10 GLY A 37  ? GLY A 37   . ? 1_555 ? 
9  AC2 10 ARG A 41  ? ARG A 41   . ? 1_555 ? 
10 AC2 10 ALA A 100 ? ALA A 100  . ? 1_555 ? 
11 AC2 10 SER A 101 ? SER A 101  . ? 1_555 ? 
12 AC2 10 ARG A 110 ? ARG A 110  . ? 1_555 ? 
13 AC2 10 GLY A 130 ? GLY A 130  . ? 1_555 ? 
14 AC2 10 ARG A 131 ? ARG A 131  . ? 1_555 ? 
15 AC2 10 ASP A 132 ? ASP A 132  . ? 1_555 ? 
16 AC2 10 HOH D .   ? HOH A 1040 . ? 1_555 ? 
# 
loop_
_pdbx_validate_close_contact.id 
_pdbx_validate_close_contact.PDB_model_num 
_pdbx_validate_close_contact.auth_atom_id_1 
_pdbx_validate_close_contact.auth_asym_id_1 
_pdbx_validate_close_contact.auth_comp_id_1 
_pdbx_validate_close_contact.auth_seq_id_1 
_pdbx_validate_close_contact.PDB_ins_code_1 
_pdbx_validate_close_contact.label_alt_id_1 
_pdbx_validate_close_contact.auth_atom_id_2 
_pdbx_validate_close_contact.auth_asym_id_2 
_pdbx_validate_close_contact.auth_comp_id_2 
_pdbx_validate_close_contact.auth_seq_id_2 
_pdbx_validate_close_contact.PDB_ins_code_2 
_pdbx_validate_close_contact.label_alt_id_2 
_pdbx_validate_close_contact.dist 
1  1 O   A ASN 170 ? ? O A HOH 1013 ? ? 2.02 
2  1 NH1 A ARG 184 ? ? O A HOH 1017 ? ? 2.02 
3  1 N   A GLU 153 ? ? O A HOH 1019 ? ? 2.02 
4  1 O   A GLU 79  ? ? O A HOH 1007 ? ? 2.03 
5  1 ND1 A HIS 156 ? ? O A HOH 1042 ? ? 2.07 
6  1 NH2 A ARG 115 ? ? O A HOH 1003 ? ? 2.08 
7  1 OE1 A GLU 95  ? ? O A HOH 1037 ? ? 2.10 
8  1 NE2 A GLN 117 ? ? O A HOH 1027 ? ? 2.10 
9  1 O   A GLU 164 ? ? O A HOH 1029 ? ? 2.12 
10 1 CA  A GLY 134 ? ? O A HOH 1006 ? ? 2.14 
11 1 CG  A ARG 181 ? ? O A HOH 1011 ? ? 2.17 
12 1 O   A MET 133 ? ? O A HOH 1006 ? ? 2.18 
# 
loop_
_pdbx_validate_torsion.id 
_pdbx_validate_torsion.PDB_model_num 
_pdbx_validate_torsion.auth_comp_id 
_pdbx_validate_torsion.auth_asym_id 
_pdbx_validate_torsion.auth_seq_id 
_pdbx_validate_torsion.PDB_ins_code 
_pdbx_validate_torsion.label_alt_id 
_pdbx_validate_torsion.phi 
_pdbx_validate_torsion.psi 
1  1 PRO A 6   ? ? -55.88  -170.45 
2  1 VAL A 7   ? ? -168.89 -156.00 
3  1 THR A 9   ? ? -141.90 41.72   
4  1 ILE A 10  ? ? -51.25  89.57   
5  1 LYS A 23  ? ? -68.57  2.55    
6  1 SER A 36  ? ? -69.26  -93.38  
7  1 ILE A 39  ? ? -29.50  -60.28  
8  1 HIS A 51  ? ? 36.80   31.38   
9  1 VAL A 54  ? ? -55.74  -7.56   
10 1 ALA A 59  ? ? -160.80 10.17   
11 1 SER A 65  ? ? -62.35  13.79   
12 1 HIS A 66  ? ? -154.38 20.79   
13 1 ASP A 68  ? ? -99.00  54.61   
14 1 VAL A 72  ? ? -56.76  -177.84 
15 1 SER A 73  ? ? -98.76  -130.49 
16 1 ASN A 75  ? ? -133.69 -124.63 
17 1 ASN A 77  ? ? -135.04 -85.82  
18 1 LEU A 78  ? ? -178.07 101.98  
19 1 GLU A 83  ? ? 47.76   15.12   
20 1 VAL A 87  ? ? -143.45 15.34   
21 1 SER A 88  ? ? -42.23  -79.18  
22 1 GLU A 95  ? ? -123.45 -51.01  
23 1 LEU A 114 ? ? -46.30  -83.04  
24 1 GLU A 122 ? ? -178.71 148.99  
25 1 ASP A 132 ? ? -174.07 12.49   
26 1 MET A 133 ? ? -60.63  15.00   
27 1 VAL A 136 ? ? -151.26 -64.37  
28 1 PHE A 138 ? ? -112.34 53.29   
29 1 ASP A 140 ? ? -171.74 6.53    
30 1 SER A 150 ? ? -46.71  -177.94 
31 1 ARG A 157 ? ? -59.40  62.18   
32 1 ARG A 158 ? ? 164.51  -73.31  
33 1 MET A 159 ? ? -51.88  -6.82   
34 1 ARG A 173 ? ? -55.31  -76.41  
35 1 ARG A 184 ? ? -92.82  -74.39  
36 1 ARG A 186 ? ? -75.04  -79.60  
37 1 ASN A 187 ? ? -50.94  -5.06   
38 1 MET A 188 ? ? -46.16  -8.08   
39 1 ALA A 189 ? ? 72.96   -91.49  
40 1 PRO A 192 ? ? -50.29  -97.14  
41 1 LEU A 193 ? ? 151.69  7.26    
42 1 ALA A 197 ? ? -43.62  -6.93   
43 1 SER A 204 ? ? -159.26 18.07   
44 1 GLU A 214 ? ? -36.57  -72.65  
45 1 LYS A 215 ? ? -38.89  -85.46  
46 1 ALA A 216 ? ? -17.30  -75.71  
47 1 ALA A 220 ? ? -49.58  -101.86 
48 1 GLN A 222 ? ? -49.51  -72.22  
# 
loop_
_pdbx_unobs_or_zero_occ_residues.id 
_pdbx_unobs_or_zero_occ_residues.PDB_model_num 
_pdbx_unobs_or_zero_occ_residues.polymer_flag 
_pdbx_unobs_or_zero_occ_residues.occupancy_flag 
_pdbx_unobs_or_zero_occ_residues.auth_asym_id 
_pdbx_unobs_or_zero_occ_residues.auth_comp_id 
_pdbx_unobs_or_zero_occ_residues.auth_seq_id 
_pdbx_unobs_or_zero_occ_residues.PDB_ins_code 
_pdbx_unobs_or_zero_occ_residues.label_asym_id 
_pdbx_unobs_or_zero_occ_residues.label_comp_id 
_pdbx_unobs_or_zero_occ_residues.label_seq_id 
1 1 Y 1 A MET 1   ? A MET 1   
2 1 Y 1 A THR 2   ? A THR 2   
3 1 Y 1 A LEU 224 ? A LEU 224 
4 1 Y 1 A ALA 225 ? A ALA 225 
5 1 Y 1 A LEU 226 ? A LEU 226 
6 1 Y 1 A ALA 227 ? A ALA 227 
# 
loop_
_chem_comp_atom.comp_id 
_chem_comp_atom.atom_id 
_chem_comp_atom.type_symbol 
_chem_comp_atom.pdbx_aromatic_flag 
_chem_comp_atom.pdbx_stereo_config 
_chem_comp_atom.pdbx_ordinal 
ALA N      N N N 1   
ALA CA     C N S 2   
ALA C      C N N 3   
ALA O      O N N 4   
ALA CB     C N N 5   
ALA OXT    O N N 6   
ALA H      H N N 7   
ALA H2     H N N 8   
ALA HA     H N N 9   
ALA HB1    H N N 10  
ALA HB2    H N N 11  
ALA HB3    H N N 12  
ALA HXT    H N N 13  
ARG N      N N N 14  
ARG CA     C N S 15  
ARG C      C N N 16  
ARG O      O N N 17  
ARG CB     C N N 18  
ARG CG     C N N 19  
ARG CD     C N N 20  
ARG NE     N N N 21  
ARG CZ     C N N 22  
ARG NH1    N N N 23  
ARG NH2    N N N 24  
ARG OXT    O N N 25  
ARG H      H N N 26  
ARG H2     H N N 27  
ARG HA     H N N 28  
ARG HB2    H N N 29  
ARG HB3    H N N 30  
ARG HG2    H N N 31  
ARG HG3    H N N 32  
ARG HD2    H N N 33  
ARG HD3    H N N 34  
ARG HE     H N N 35  
ARG HH11   H N N 36  
ARG HH12   H N N 37  
ARG HH21   H N N 38  
ARG HH22   H N N 39  
ARG HXT    H N N 40  
ASN N      N N N 41  
ASN CA     C N S 42  
ASN C      C N N 43  
ASN O      O N N 44  
ASN CB     C N N 45  
ASN CG     C N N 46  
ASN OD1    O N N 47  
ASN ND2    N N N 48  
ASN OXT    O N N 49  
ASN H      H N N 50  
ASN H2     H N N 51  
ASN HA     H N N 52  
ASN HB2    H N N 53  
ASN HB3    H N N 54  
ASN HD21   H N N 55  
ASN HD22   H N N 56  
ASN HXT    H N N 57  
ASP N      N N N 58  
ASP CA     C N S 59  
ASP C      C N N 60  
ASP O      O N N 61  
ASP CB     C N N 62  
ASP CG     C N N 63  
ASP OD1    O N N 64  
ASP OD2    O N N 65  
ASP OXT    O N N 66  
ASP H      H N N 67  
ASP H2     H N N 68  
ASP HA     H N N 69  
ASP HB2    H N N 70  
ASP HB3    H N N 71  
ASP HD2    H N N 72  
ASP HXT    H N N 73  
CYS N      N N N 74  
CYS CA     C N R 75  
CYS C      C N N 76  
CYS O      O N N 77  
CYS CB     C N N 78  
CYS SG     S N N 79  
CYS OXT    O N N 80  
CYS H      H N N 81  
CYS H2     H N N 82  
CYS HA     H N N 83  
CYS HB2    H N N 84  
CYS HB3    H N N 85  
CYS HG     H N N 86  
CYS HXT    H N N 87  
DC  OP3    O N N 88  
DC  P      P N N 89  
DC  OP1    O N N 90  
DC  OP2    O N N 91  
DC  "O5'"  O N N 92  
DC  "C5'"  C N N 93  
DC  "C4'"  C N R 94  
DC  "O4'"  O N N 95  
DC  "C3'"  C N S 96  
DC  "O3'"  O N N 97  
DC  "C2'"  C N N 98  
DC  "C1'"  C N R 99  
DC  N1     N N N 100 
DC  C2     C N N 101 
DC  O2     O N N 102 
DC  N3     N N N 103 
DC  C4     C N N 104 
DC  N4     N N N 105 
DC  C5     C N N 106 
DC  C6     C N N 107 
DC  HOP3   H N N 108 
DC  HOP2   H N N 109 
DC  "H5'"  H N N 110 
DC  "H5''" H N N 111 
DC  "H4'"  H N N 112 
DC  "H3'"  H N N 113 
DC  "HO3'" H N N 114 
DC  "H2'"  H N N 115 
DC  "H2''" H N N 116 
DC  "H1'"  H N N 117 
DC  H41    H N N 118 
DC  H42    H N N 119 
DC  H5     H N N 120 
DC  H6     H N N 121 
GLN N      N N N 122 
GLN CA     C N S 123 
GLN C      C N N 124 
GLN O      O N N 125 
GLN CB     C N N 126 
GLN CG     C N N 127 
GLN CD     C N N 128 
GLN OE1    O N N 129 
GLN NE2    N N N 130 
GLN OXT    O N N 131 
GLN H      H N N 132 
GLN H2     H N N 133 
GLN HA     H N N 134 
GLN HB2    H N N 135 
GLN HB3    H N N 136 
GLN HG2    H N N 137 
GLN HG3    H N N 138 
GLN HE21   H N N 139 
GLN HE22   H N N 140 
GLN HXT    H N N 141 
GLU N      N N N 142 
GLU CA     C N S 143 
GLU C      C N N 144 
GLU O      O N N 145 
GLU CB     C N N 146 
GLU CG     C N N 147 
GLU CD     C N N 148 
GLU OE1    O N N 149 
GLU OE2    O N N 150 
GLU OXT    O N N 151 
GLU H      H N N 152 
GLU H2     H N N 153 
GLU HA     H N N 154 
GLU HB2    H N N 155 
GLU HB3    H N N 156 
GLU HG2    H N N 157 
GLU HG3    H N N 158 
GLU HE2    H N N 159 
GLU HXT    H N N 160 
GLY N      N N N 161 
GLY CA     C N N 162 
GLY C      C N N 163 
GLY O      O N N 164 
GLY OXT    O N N 165 
GLY H      H N N 166 
GLY H2     H N N 167 
GLY HA2    H N N 168 
GLY HA3    H N N 169 
GLY HXT    H N N 170 
HIS N      N N N 171 
HIS CA     C N S 172 
HIS C      C N N 173 
HIS O      O N N 174 
HIS CB     C N N 175 
HIS CG     C Y N 176 
HIS ND1    N Y N 177 
HIS CD2    C Y N 178 
HIS CE1    C Y N 179 
HIS NE2    N Y N 180 
HIS OXT    O N N 181 
HIS H      H N N 182 
HIS H2     H N N 183 
HIS HA     H N N 184 
HIS HB2    H N N 185 
HIS HB3    H N N 186 
HIS HD1    H N N 187 
HIS HD2    H N N 188 
HIS HE1    H N N 189 
HIS HE2    H N N 190 
HIS HXT    H N N 191 
HOH O      O N N 192 
HOH H1     H N N 193 
HOH H2     H N N 194 
ILE N      N N N 195 
ILE CA     C N S 196 
ILE C      C N N 197 
ILE O      O N N 198 
ILE CB     C N S 199 
ILE CG1    C N N 200 
ILE CG2    C N N 201 
ILE CD1    C N N 202 
ILE OXT    O N N 203 
ILE H      H N N 204 
ILE H2     H N N 205 
ILE HA     H N N 206 
ILE HB     H N N 207 
ILE HG12   H N N 208 
ILE HG13   H N N 209 
ILE HG21   H N N 210 
ILE HG22   H N N 211 
ILE HG23   H N N 212 
ILE HD11   H N N 213 
ILE HD12   H N N 214 
ILE HD13   H N N 215 
ILE HXT    H N N 216 
LEU N      N N N 217 
LEU CA     C N S 218 
LEU C      C N N 219 
LEU O      O N N 220 
LEU CB     C N N 221 
LEU CG     C N N 222 
LEU CD1    C N N 223 
LEU CD2    C N N 224 
LEU OXT    O N N 225 
LEU H      H N N 226 
LEU H2     H N N 227 
LEU HA     H N N 228 
LEU HB2    H N N 229 
LEU HB3    H N N 230 
LEU HG     H N N 231 
LEU HD11   H N N 232 
LEU HD12   H N N 233 
LEU HD13   H N N 234 
LEU HD21   H N N 235 
LEU HD22   H N N 236 
LEU HD23   H N N 237 
LEU HXT    H N N 238 
LYS N      N N N 239 
LYS CA     C N S 240 
LYS C      C N N 241 
LYS O      O N N 242 
LYS CB     C N N 243 
LYS CG     C N N 244 
LYS CD     C N N 245 
LYS CE     C N N 246 
LYS NZ     N N N 247 
LYS OXT    O N N 248 
LYS H      H N N 249 
LYS H2     H N N 250 
LYS HA     H N N 251 
LYS HB2    H N N 252 
LYS HB3    H N N 253 
LYS HG2    H N N 254 
LYS HG3    H N N 255 
LYS HD2    H N N 256 
LYS HD3    H N N 257 
LYS HE2    H N N 258 
LYS HE3    H N N 259 
LYS HZ1    H N N 260 
LYS HZ2    H N N 261 
LYS HZ3    H N N 262 
LYS HXT    H N N 263 
MET N      N N N 264 
MET CA     C N S 265 
MET C      C N N 266 
MET O      O N N 267 
MET CB     C N N 268 
MET CG     C N N 269 
MET SD     S N N 270 
MET CE     C N N 271 
MET OXT    O N N 272 
MET H      H N N 273 
MET H2     H N N 274 
MET HA     H N N 275 
MET HB2    H N N 276 
MET HB3    H N N 277 
MET HG2    H N N 278 
MET HG3    H N N 279 
MET HE1    H N N 280 
MET HE2    H N N 281 
MET HE3    H N N 282 
MET HXT    H N N 283 
PHE N      N N N 284 
PHE CA     C N S 285 
PHE C      C N N 286 
PHE O      O N N 287 
PHE CB     C N N 288 
PHE CG     C Y N 289 
PHE CD1    C Y N 290 
PHE CD2    C Y N 291 
PHE CE1    C Y N 292 
PHE CE2    C Y N 293 
PHE CZ     C Y N 294 
PHE OXT    O N N 295 
PHE H      H N N 296 
PHE H2     H N N 297 
PHE HA     H N N 298 
PHE HB2    H N N 299 
PHE HB3    H N N 300 
PHE HD1    H N N 301 
PHE HD2    H N N 302 
PHE HE1    H N N 303 
PHE HE2    H N N 304 
PHE HZ     H N N 305 
PHE HXT    H N N 306 
PRO N      N N N 307 
PRO CA     C N S 308 
PRO C      C N N 309 
PRO O      O N N 310 
PRO CB     C N N 311 
PRO CG     C N N 312 
PRO CD     C N N 313 
PRO OXT    O N N 314 
PRO H      H N N 315 
PRO HA     H N N 316 
PRO HB2    H N N 317 
PRO HB3    H N N 318 
PRO HG2    H N N 319 
PRO HG3    H N N 320 
PRO HD2    H N N 321 
PRO HD3    H N N 322 
PRO HXT    H N N 323 
SER N      N N N 324 
SER CA     C N S 325 
SER C      C N N 326 
SER O      O N N 327 
SER CB     C N N 328 
SER OG     O N N 329 
SER OXT    O N N 330 
SER H      H N N 331 
SER H2     H N N 332 
SER HA     H N N 333 
SER HB2    H N N 334 
SER HB3    H N N 335 
SER HG     H N N 336 
SER HXT    H N N 337 
SO4 S      S N N 338 
SO4 O1     O N N 339 
SO4 O2     O N N 340 
SO4 O3     O N N 341 
SO4 O4     O N N 342 
THR N      N N N 343 
THR CA     C N S 344 
THR C      C N N 345 
THR O      O N N 346 
THR CB     C N R 347 
THR OG1    O N N 348 
THR CG2    C N N 349 
THR OXT    O N N 350 
THR H      H N N 351 
THR H2     H N N 352 
THR HA     H N N 353 
THR HB     H N N 354 
THR HG1    H N N 355 
THR HG21   H N N 356 
THR HG22   H N N 357 
THR HG23   H N N 358 
THR HXT    H N N 359 
TRP N      N N N 360 
TRP CA     C N S 361 
TRP C      C N N 362 
TRP O      O N N 363 
TRP CB     C N N 364 
TRP CG     C Y N 365 
TRP CD1    C Y N 366 
TRP CD2    C Y N 367 
TRP NE1    N Y N 368 
TRP CE2    C Y N 369 
TRP CE3    C Y N 370 
TRP CZ2    C Y N 371 
TRP CZ3    C Y N 372 
TRP CH2    C Y N 373 
TRP OXT    O N N 374 
TRP H      H N N 375 
TRP H2     H N N 376 
TRP HA     H N N 377 
TRP HB2    H N N 378 
TRP HB3    H N N 379 
TRP HD1    H N N 380 
TRP HE1    H N N 381 
TRP HE3    H N N 382 
TRP HZ2    H N N 383 
TRP HZ3    H N N 384 
TRP HH2    H N N 385 
TRP HXT    H N N 386 
TYR N      N N N 387 
TYR CA     C N S 388 
TYR C      C N N 389 
TYR O      O N N 390 
TYR CB     C N N 391 
TYR CG     C Y N 392 
TYR CD1    C Y N 393 
TYR CD2    C Y N 394 
TYR CE1    C Y N 395 
TYR CE2    C Y N 396 
TYR CZ     C Y N 397 
TYR OH     O N N 398 
TYR OXT    O N N 399 
TYR H      H N N 400 
TYR H2     H N N 401 
TYR HA     H N N 402 
TYR HB2    H N N 403 
TYR HB3    H N N 404 
TYR HD1    H N N 405 
TYR HD2    H N N 406 
TYR HE1    H N N 407 
TYR HE2    H N N 408 
TYR HH     H N N 409 
TYR HXT    H N N 410 
VAL N      N N N 411 
VAL CA     C N S 412 
VAL C      C N N 413 
VAL O      O N N 414 
VAL CB     C N N 415 
VAL CG1    C N N 416 
VAL CG2    C N N 417 
VAL OXT    O N N 418 
VAL H      H N N 419 
VAL H2     H N N 420 
VAL HA     H N N 421 
VAL HB     H N N 422 
VAL HG11   H N N 423 
VAL HG12   H N N 424 
VAL HG13   H N N 425 
VAL HG21   H N N 426 
VAL HG22   H N N 427 
VAL HG23   H N N 428 
VAL HXT    H N N 429 
# 
loop_
_chem_comp_bond.comp_id 
_chem_comp_bond.atom_id_1 
_chem_comp_bond.atom_id_2 
_chem_comp_bond.value_order 
_chem_comp_bond.pdbx_aromatic_flag 
_chem_comp_bond.pdbx_stereo_config 
_chem_comp_bond.pdbx_ordinal 
ALA N     CA     sing N N 1   
ALA N     H      sing N N 2   
ALA N     H2     sing N N 3   
ALA CA    C      sing N N 4   
ALA CA    CB     sing N N 5   
ALA CA    HA     sing N N 6   
ALA C     O      doub N N 7   
ALA C     OXT    sing N N 8   
ALA CB    HB1    sing N N 9   
ALA CB    HB2    sing N N 10  
ALA CB    HB3    sing N N 11  
ALA OXT   HXT    sing N N 12  
ARG N     CA     sing N N 13  
ARG N     H      sing N N 14  
ARG N     H2     sing N N 15  
ARG CA    C      sing N N 16  
ARG CA    CB     sing N N 17  
ARG CA    HA     sing N N 18  
ARG C     O      doub N N 19  
ARG C     OXT    sing N N 20  
ARG CB    CG     sing N N 21  
ARG CB    HB2    sing N N 22  
ARG CB    HB3    sing N N 23  
ARG CG    CD     sing N N 24  
ARG CG    HG2    sing N N 25  
ARG CG    HG3    sing N N 26  
ARG CD    NE     sing N N 27  
ARG CD    HD2    sing N N 28  
ARG CD    HD3    sing N N 29  
ARG NE    CZ     sing N N 30  
ARG NE    HE     sing N N 31  
ARG CZ    NH1    sing N N 32  
ARG CZ    NH2    doub N N 33  
ARG NH1   HH11   sing N N 34  
ARG NH1   HH12   sing N N 35  
ARG NH2   HH21   sing N N 36  
ARG NH2   HH22   sing N N 37  
ARG OXT   HXT    sing N N 38  
ASN N     CA     sing N N 39  
ASN N     H      sing N N 40  
ASN N     H2     sing N N 41  
ASN CA    C      sing N N 42  
ASN CA    CB     sing N N 43  
ASN CA    HA     sing N N 44  
ASN C     O      doub N N 45  
ASN C     OXT    sing N N 46  
ASN CB    CG     sing N N 47  
ASN CB    HB2    sing N N 48  
ASN CB    HB3    sing N N 49  
ASN CG    OD1    doub N N 50  
ASN CG    ND2    sing N N 51  
ASN ND2   HD21   sing N N 52  
ASN ND2   HD22   sing N N 53  
ASN OXT   HXT    sing N N 54  
ASP N     CA     sing N N 55  
ASP N     H      sing N N 56  
ASP N     H2     sing N N 57  
ASP CA    C      sing N N 58  
ASP CA    CB     sing N N 59  
ASP CA    HA     sing N N 60  
ASP C     O      doub N N 61  
ASP C     OXT    sing N N 62  
ASP CB    CG     sing N N 63  
ASP CB    HB2    sing N N 64  
ASP CB    HB3    sing N N 65  
ASP CG    OD1    doub N N 66  
ASP CG    OD2    sing N N 67  
ASP OD2   HD2    sing N N 68  
ASP OXT   HXT    sing N N 69  
CYS N     CA     sing N N 70  
CYS N     H      sing N N 71  
CYS N     H2     sing N N 72  
CYS CA    C      sing N N 73  
CYS CA    CB     sing N N 74  
CYS CA    HA     sing N N 75  
CYS C     O      doub N N 76  
CYS C     OXT    sing N N 77  
CYS CB    SG     sing N N 78  
CYS CB    HB2    sing N N 79  
CYS CB    HB3    sing N N 80  
CYS SG    HG     sing N N 81  
CYS OXT   HXT    sing N N 82  
DC  OP3   P      sing N N 83  
DC  OP3   HOP3   sing N N 84  
DC  P     OP1    doub N N 85  
DC  P     OP2    sing N N 86  
DC  P     "O5'"  sing N N 87  
DC  OP2   HOP2   sing N N 88  
DC  "O5'" "C5'"  sing N N 89  
DC  "C5'" "C4'"  sing N N 90  
DC  "C5'" "H5'"  sing N N 91  
DC  "C5'" "H5''" sing N N 92  
DC  "C4'" "O4'"  sing N N 93  
DC  "C4'" "C3'"  sing N N 94  
DC  "C4'" "H4'"  sing N N 95  
DC  "O4'" "C1'"  sing N N 96  
DC  "C3'" "O3'"  sing N N 97  
DC  "C3'" "C2'"  sing N N 98  
DC  "C3'" "H3'"  sing N N 99  
DC  "O3'" "HO3'" sing N N 100 
DC  "C2'" "C1'"  sing N N 101 
DC  "C2'" "H2'"  sing N N 102 
DC  "C2'" "H2''" sing N N 103 
DC  "C1'" N1     sing N N 104 
DC  "C1'" "H1'"  sing N N 105 
DC  N1    C2     sing N N 106 
DC  N1    C6     sing N N 107 
DC  C2    O2     doub N N 108 
DC  C2    N3     sing N N 109 
DC  N3    C4     doub N N 110 
DC  C4    N4     sing N N 111 
DC  C4    C5     sing N N 112 
DC  N4    H41    sing N N 113 
DC  N4    H42    sing N N 114 
DC  C5    C6     doub N N 115 
DC  C5    H5     sing N N 116 
DC  C6    H6     sing N N 117 
GLN N     CA     sing N N 118 
GLN N     H      sing N N 119 
GLN N     H2     sing N N 120 
GLN CA    C      sing N N 121 
GLN CA    CB     sing N N 122 
GLN CA    HA     sing N N 123 
GLN C     O      doub N N 124 
GLN C     OXT    sing N N 125 
GLN CB    CG     sing N N 126 
GLN CB    HB2    sing N N 127 
GLN CB    HB3    sing N N 128 
GLN CG    CD     sing N N 129 
GLN CG    HG2    sing N N 130 
GLN CG    HG3    sing N N 131 
GLN CD    OE1    doub N N 132 
GLN CD    NE2    sing N N 133 
GLN NE2   HE21   sing N N 134 
GLN NE2   HE22   sing N N 135 
GLN OXT   HXT    sing N N 136 
GLU N     CA     sing N N 137 
GLU N     H      sing N N 138 
GLU N     H2     sing N N 139 
GLU CA    C      sing N N 140 
GLU CA    CB     sing N N 141 
GLU CA    HA     sing N N 142 
GLU C     O      doub N N 143 
GLU C     OXT    sing N N 144 
GLU CB    CG     sing N N 145 
GLU CB    HB2    sing N N 146 
GLU CB    HB3    sing N N 147 
GLU CG    CD     sing N N 148 
GLU CG    HG2    sing N N 149 
GLU CG    HG3    sing N N 150 
GLU CD    OE1    doub N N 151 
GLU CD    OE2    sing N N 152 
GLU OE2   HE2    sing N N 153 
GLU OXT   HXT    sing N N 154 
GLY N     CA     sing N N 155 
GLY N     H      sing N N 156 
GLY N     H2     sing N N 157 
GLY CA    C      sing N N 158 
GLY CA    HA2    sing N N 159 
GLY CA    HA3    sing N N 160 
GLY C     O      doub N N 161 
GLY C     OXT    sing N N 162 
GLY OXT   HXT    sing N N 163 
HIS N     CA     sing N N 164 
HIS N     H      sing N N 165 
HIS N     H2     sing N N 166 
HIS CA    C      sing N N 167 
HIS CA    CB     sing N N 168 
HIS CA    HA     sing N N 169 
HIS C     O      doub N N 170 
HIS C     OXT    sing N N 171 
HIS CB    CG     sing N N 172 
HIS CB    HB2    sing N N 173 
HIS CB    HB3    sing N N 174 
HIS CG    ND1    sing Y N 175 
HIS CG    CD2    doub Y N 176 
HIS ND1   CE1    doub Y N 177 
HIS ND1   HD1    sing N N 178 
HIS CD2   NE2    sing Y N 179 
HIS CD2   HD2    sing N N 180 
HIS CE1   NE2    sing Y N 181 
HIS CE1   HE1    sing N N 182 
HIS NE2   HE2    sing N N 183 
HIS OXT   HXT    sing N N 184 
HOH O     H1     sing N N 185 
HOH O     H2     sing N N 186 
ILE N     CA     sing N N 187 
ILE N     H      sing N N 188 
ILE N     H2     sing N N 189 
ILE CA    C      sing N N 190 
ILE CA    CB     sing N N 191 
ILE CA    HA     sing N N 192 
ILE C     O      doub N N 193 
ILE C     OXT    sing N N 194 
ILE CB    CG1    sing N N 195 
ILE CB    CG2    sing N N 196 
ILE CB    HB     sing N N 197 
ILE CG1   CD1    sing N N 198 
ILE CG1   HG12   sing N N 199 
ILE CG1   HG13   sing N N 200 
ILE CG2   HG21   sing N N 201 
ILE CG2   HG22   sing N N 202 
ILE CG2   HG23   sing N N 203 
ILE CD1   HD11   sing N N 204 
ILE CD1   HD12   sing N N 205 
ILE CD1   HD13   sing N N 206 
ILE OXT   HXT    sing N N 207 
LEU N     CA     sing N N 208 
LEU N     H      sing N N 209 
LEU N     H2     sing N N 210 
LEU CA    C      sing N N 211 
LEU CA    CB     sing N N 212 
LEU CA    HA     sing N N 213 
LEU C     O      doub N N 214 
LEU C     OXT    sing N N 215 
LEU CB    CG     sing N N 216 
LEU CB    HB2    sing N N 217 
LEU CB    HB3    sing N N 218 
LEU CG    CD1    sing N N 219 
LEU CG    CD2    sing N N 220 
LEU CG    HG     sing N N 221 
LEU CD1   HD11   sing N N 222 
LEU CD1   HD12   sing N N 223 
LEU CD1   HD13   sing N N 224 
LEU CD2   HD21   sing N N 225 
LEU CD2   HD22   sing N N 226 
LEU CD2   HD23   sing N N 227 
LEU OXT   HXT    sing N N 228 
LYS N     CA     sing N N 229 
LYS N     H      sing N N 230 
LYS N     H2     sing N N 231 
LYS CA    C      sing N N 232 
LYS CA    CB     sing N N 233 
LYS CA    HA     sing N N 234 
LYS C     O      doub N N 235 
LYS C     OXT    sing N N 236 
LYS CB    CG     sing N N 237 
LYS CB    HB2    sing N N 238 
LYS CB    HB3    sing N N 239 
LYS CG    CD     sing N N 240 
LYS CG    HG2    sing N N 241 
LYS CG    HG3    sing N N 242 
LYS CD    CE     sing N N 243 
LYS CD    HD2    sing N N 244 
LYS CD    HD3    sing N N 245 
LYS CE    NZ     sing N N 246 
LYS CE    HE2    sing N N 247 
LYS CE    HE3    sing N N 248 
LYS NZ    HZ1    sing N N 249 
LYS NZ    HZ2    sing N N 250 
LYS NZ    HZ3    sing N N 251 
LYS OXT   HXT    sing N N 252 
MET N     CA     sing N N 253 
MET N     H      sing N N 254 
MET N     H2     sing N N 255 
MET CA    C      sing N N 256 
MET CA    CB     sing N N 257 
MET CA    HA     sing N N 258 
MET C     O      doub N N 259 
MET C     OXT    sing N N 260 
MET CB    CG     sing N N 261 
MET CB    HB2    sing N N 262 
MET CB    HB3    sing N N 263 
MET CG    SD     sing N N 264 
MET CG    HG2    sing N N 265 
MET CG    HG3    sing N N 266 
MET SD    CE     sing N N 267 
MET CE    HE1    sing N N 268 
MET CE    HE2    sing N N 269 
MET CE    HE3    sing N N 270 
MET OXT   HXT    sing N N 271 
PHE N     CA     sing N N 272 
PHE N     H      sing N N 273 
PHE N     H2     sing N N 274 
PHE CA    C      sing N N 275 
PHE CA    CB     sing N N 276 
PHE CA    HA     sing N N 277 
PHE C     O      doub N N 278 
PHE C     OXT    sing N N 279 
PHE CB    CG     sing N N 280 
PHE CB    HB2    sing N N 281 
PHE CB    HB3    sing N N 282 
PHE CG    CD1    doub Y N 283 
PHE CG    CD2    sing Y N 284 
PHE CD1   CE1    sing Y N 285 
PHE CD1   HD1    sing N N 286 
PHE CD2   CE2    doub Y N 287 
PHE CD2   HD2    sing N N 288 
PHE CE1   CZ     doub Y N 289 
PHE CE1   HE1    sing N N 290 
PHE CE2   CZ     sing Y N 291 
PHE CE2   HE2    sing N N 292 
PHE CZ    HZ     sing N N 293 
PHE OXT   HXT    sing N N 294 
PRO N     CA     sing N N 295 
PRO N     CD     sing N N 296 
PRO N     H      sing N N 297 
PRO CA    C      sing N N 298 
PRO CA    CB     sing N N 299 
PRO CA    HA     sing N N 300 
PRO C     O      doub N N 301 
PRO C     OXT    sing N N 302 
PRO CB    CG     sing N N 303 
PRO CB    HB2    sing N N 304 
PRO CB    HB3    sing N N 305 
PRO CG    CD     sing N N 306 
PRO CG    HG2    sing N N 307 
PRO CG    HG3    sing N N 308 
PRO CD    HD2    sing N N 309 
PRO CD    HD3    sing N N 310 
PRO OXT   HXT    sing N N 311 
SER N     CA     sing N N 312 
SER N     H      sing N N 313 
SER N     H2     sing N N 314 
SER CA    C      sing N N 315 
SER CA    CB     sing N N 316 
SER CA    HA     sing N N 317 
SER C     O      doub N N 318 
SER C     OXT    sing N N 319 
SER CB    OG     sing N N 320 
SER CB    HB2    sing N N 321 
SER CB    HB3    sing N N 322 
SER OG    HG     sing N N 323 
SER OXT   HXT    sing N N 324 
SO4 S     O1     doub N N 325 
SO4 S     O2     doub N N 326 
SO4 S     O3     sing N N 327 
SO4 S     O4     sing N N 328 
THR N     CA     sing N N 329 
THR N     H      sing N N 330 
THR N     H2     sing N N 331 
THR CA    C      sing N N 332 
THR CA    CB     sing N N 333 
THR CA    HA     sing N N 334 
THR C     O      doub N N 335 
THR C     OXT    sing N N 336 
THR CB    OG1    sing N N 337 
THR CB    CG2    sing N N 338 
THR CB    HB     sing N N 339 
THR OG1   HG1    sing N N 340 
THR CG2   HG21   sing N N 341 
THR CG2   HG22   sing N N 342 
THR CG2   HG23   sing N N 343 
THR OXT   HXT    sing N N 344 
TRP N     CA     sing N N 345 
TRP N     H      sing N N 346 
TRP N     H2     sing N N 347 
TRP CA    C      sing N N 348 
TRP CA    CB     sing N N 349 
TRP CA    HA     sing N N 350 
TRP C     O      doub N N 351 
TRP C     OXT    sing N N 352 
TRP CB    CG     sing N N 353 
TRP CB    HB2    sing N N 354 
TRP CB    HB3    sing N N 355 
TRP CG    CD1    doub Y N 356 
TRP CG    CD2    sing Y N 357 
TRP CD1   NE1    sing Y N 358 
TRP CD1   HD1    sing N N 359 
TRP CD2   CE2    doub Y N 360 
TRP CD2   CE3    sing Y N 361 
TRP NE1   CE2    sing Y N 362 
TRP NE1   HE1    sing N N 363 
TRP CE2   CZ2    sing Y N 364 
TRP CE3   CZ3    doub Y N 365 
TRP CE3   HE3    sing N N 366 
TRP CZ2   CH2    doub Y N 367 
TRP CZ2   HZ2    sing N N 368 
TRP CZ3   CH2    sing Y N 369 
TRP CZ3   HZ3    sing N N 370 
TRP CH2   HH2    sing N N 371 
TRP OXT   HXT    sing N N 372 
TYR N     CA     sing N N 373 
TYR N     H      sing N N 374 
TYR N     H2     sing N N 375 
TYR CA    C      sing N N 376 
TYR CA    CB     sing N N 377 
TYR CA    HA     sing N N 378 
TYR C     O      doub N N 379 
TYR C     OXT    sing N N 380 
TYR CB    CG     sing N N 381 
TYR CB    HB2    sing N N 382 
TYR CB    HB3    sing N N 383 
TYR CG    CD1    doub Y N 384 
TYR CG    CD2    sing Y N 385 
TYR CD1   CE1    sing Y N 386 
TYR CD1   HD1    sing N N 387 
TYR CD2   CE2    doub Y N 388 
TYR CD2   HD2    sing N N 389 
TYR CE1   CZ     doub Y N 390 
TYR CE1   HE1    sing N N 391 
TYR CE2   CZ     sing Y N 392 
TYR CE2   HE2    sing N N 393 
TYR CZ    OH     sing N N 394 
TYR OH    HH     sing N N 395 
TYR OXT   HXT    sing N N 396 
VAL N     CA     sing N N 397 
VAL N     H      sing N N 398 
VAL N     H2     sing N N 399 
VAL CA    C      sing N N 400 
VAL CA    CB     sing N N 401 
VAL CA    HA     sing N N 402 
VAL C     O      doub N N 403 
VAL C     OXT    sing N N 404 
VAL CB    CG1    sing N N 405 
VAL CB    CG2    sing N N 406 
VAL CB    HB     sing N N 407 
VAL CG1   HG11   sing N N 408 
VAL CG1   HG12   sing N N 409 
VAL CG1   HG13   sing N N 410 
VAL CG2   HG21   sing N N 411 
VAL CG2   HG22   sing N N 412 
VAL CG2   HG23   sing N N 413 
VAL OXT   HXT    sing N N 414 
# 
_atom_sites.entry_id                    2FEO 
_atom_sites.fract_transf_matrix[1][1]   0.01158445 
_atom_sites.fract_transf_matrix[1][2]   0.00370025 
_atom_sites.fract_transf_matrix[1][3]   0.00632597 
_atom_sites.fract_transf_matrix[2][1]   -0.00710689 
_atom_sites.fract_transf_matrix[2][2]   0.00278296 
_atom_sites.fract_transf_matrix[2][3]   0.01138668 
_atom_sites.fract_transf_matrix[3][1]   0.00169617 
_atom_sites.fract_transf_matrix[3][2]   -0.01223038 
_atom_sites.fract_transf_matrix[3][3]   0.00404781 
_atom_sites.fract_transf_vector[1]      0.813216 
_atom_sites.fract_transf_vector[2]      0.782432 
_atom_sites.fract_transf_vector[3]      0.250436 
# 
loop_
_atom_type.symbol 
C 
N 
O 
P 
S 
# 
loop_
_atom_site.group_PDB 
_atom_site.id 
_atom_site.type_symbol 
_atom_site.label_atom_id 
_atom_site.label_alt_id 
_atom_site.label_comp_id 
_atom_site.label_asym_id 
_atom_site.label_entity_id 
_atom_site.label_seq_id 
_atom_site.pdbx_PDB_ins_code 
_atom_site.Cartn_x 
_atom_site.Cartn_y 
_atom_site.Cartn_z 
_atom_site.occupancy 
_atom_site.B_iso_or_equiv 
_atom_site.pdbx_formal_charge 
_atom_site.auth_seq_id 
_atom_site.auth_comp_id 
_atom_site.auth_asym_id 
_atom_site.auth_atom_id 
_atom_site.pdbx_PDB_model_num 
ATOM   1    N N     . ALA A 1 3   ? -14.667 21.700  4.343   1.00 76.69  ? 3    ALA A N     1 
ATOM   2    C CA    . ALA A 1 3   ? -14.833 20.758  5.491   1.00 78.64  ? 3    ALA A CA    1 
ATOM   3    C C     . ALA A 1 3   ? -14.000 19.502  5.273   1.00 78.96  ? 3    ALA A C     1 
ATOM   4    O O     . ALA A 1 3   ? -14.443 18.544  4.634   1.00 76.26  ? 3    ALA A O     1 
ATOM   5    C CB    . ALA A 1 3   ? -16.301 20.390  5.658   1.00 79.47  ? 3    ALA A CB    1 
ATOM   6    N N     . ILE A 1 4   ? -12.791 19.511  5.823   1.00 79.45  ? 4    ILE A N     1 
ATOM   7    C CA    . ILE A 1 4   ? -11.878 18.395  5.687   1.00 80.36  ? 4    ILE A CA    1 
ATOM   8    C C     . ILE A 1 4   ? -10.746 18.498  6.705   1.00 80.63  ? 4    ILE A C     1 
ATOM   9    O O     . ILE A 1 4   ? -10.514 19.561  7.286   1.00 82.88  ? 4    ILE A O     1 
ATOM   10   C CB    . ILE A 1 4   ? -11.329 18.343  4.235   1.00 81.02  ? 4    ILE A CB    1 
ATOM   11   C CG1   . ILE A 1 4   ? -12.148 17.333  3.424   1.00 82.49  ? 4    ILE A CG1   1 
ATOM   12   C CG2   . ILE A 1 4   ? -9.845  18.037  4.226   1.00 82.95  ? 4    ILE A CG2   1 
ATOM   13   C CD1   . ILE A 1 4   ? -11.722 17.191  1.973   1.00 82.18  ? 4    ILE A CD1   1 
ATOM   14   N N     . ALA A 1 5   ? -10.056 17.384  6.931   1.00 79.14  ? 5    ALA A N     1 
ATOM   15   C CA    . ALA A 1 5   ? -8.955  17.330  7.887   1.00 77.21  ? 5    ALA A CA    1 
ATOM   16   C C     . ALA A 1 5   ? -7.626  17.087  7.187   1.00 74.45  ? 5    ALA A C     1 
ATOM   17   O O     . ALA A 1 5   ? -7.594  16.699  6.022   1.00 76.07  ? 5    ALA A O     1 
ATOM   18   C CB    . ALA A 1 5   ? -9.212  16.223  8.894   1.00 77.27  ? 5    ALA A CB    1 
ATOM   19   N N     . PRO A 1 6   ? -6.507  17.302  7.898   1.00 70.82  ? 6    PRO A N     1 
ATOM   20   C CA    . PRO A 1 6   ? -5.169  17.105  7.336   1.00 69.21  ? 6    PRO A CA    1 
ATOM   21   C C     . PRO A 1 6   ? -4.945  15.711  6.777   1.00 66.94  ? 6    PRO A C     1 
ATOM   22   O O     . PRO A 1 6   ? -5.893  14.937  6.649   1.00 66.98  ? 6    PRO A O     1 
ATOM   23   C CB    . PRO A 1 6   ? -4.245  17.431  8.517   1.00 69.50  ? 6    PRO A CB    1 
ATOM   24   C CG    . PRO A 1 6   ? -5.059  17.037  9.687   1.00 69.51  ? 6    PRO A CG    1 
ATOM   25   C CD    . PRO A 1 6   ? -6.414  17.616  9.332   1.00 70.07  ? 6    PRO A CD    1 
ATOM   26   N N     . VAL A 1 7   ? -3.692  15.412  6.434   1.00 65.82  ? 7    VAL A N     1 
ATOM   27   C CA    . VAL A 1 7   ? -3.301  14.116  5.877   1.00 63.36  ? 7    VAL A CA    1 
ATOM   28   C C     . VAL A 1 7   ? -1.776  13.919  5.818   1.00 62.63  ? 7    VAL A C     1 
ATOM   29   O O     . VAL A 1 7   ? -1.020  14.545  6.569   1.00 60.33  ? 7    VAL A O     1 
ATOM   30   C CB    . VAL A 1 7   ? -3.883  13.915  4.450   1.00 61.08  ? 7    VAL A CB    1 
ATOM   31   C CG1   . VAL A 1 7   ? -5.278  13.326  4.542   1.00 61.94  ? 7    VAL A CG1   1 
ATOM   32   C CG2   . VAL A 1 7   ? -3.920  15.221  3.709   1.00 60.33  ? 7    VAL A CG2   1 
ATOM   33   N N     . ILE A 1 8   ? -1.368  13.040  4.906   1.00 64.46  ? 8    ILE A N     1 
ATOM   34   C CA    . ILE A 1 8   ? 0.024   12.676  4.613   1.00 65.22  ? 8    ILE A CA    1 
ATOM   35   C C     . ILE A 1 8   ? -0.087  11.714  3.416   1.00 66.15  ? 8    ILE A C     1 
ATOM   36   O O     . ILE A 1 8   ? -1.185  11.221  3.147   1.00 67.64  ? 8    ILE A O     1 
ATOM   37   C CB    . ILE A 1 8   ? 0.708   11.944  5.802   1.00 66.30  ? 8    ILE A CB    1 
ATOM   38   C CG1   . ILE A 1 8   ? 0.986   12.928  6.949   1.00 62.24  ? 8    ILE A CG1   1 
ATOM   39   C CG2   . ILE A 1 8   ? 2.001   11.283  5.324   1.00 66.24  ? 8    ILE A CG2   1 
ATOM   40   C CD1   . ILE A 1 8   ? 1.621   12.306  8.168   1.00 59.00  ? 8    ILE A CD1   1 
ATOM   41   N N     . THR A 1 9   ? 1.009   11.446  2.699   1.00 66.05  ? 9    THR A N     1 
ATOM   42   C CA    . THR A 1 9   ? 0.937   10.543  1.535   1.00 64.93  ? 9    THR A CA    1 
ATOM   43   C C     . THR A 1 9   ? 2.110   9.584   1.291   1.00 63.91  ? 9    THR A C     1 
ATOM   44   O O     . THR A 1 9   ? 2.533   9.415   0.135   1.00 63.51  ? 9    THR A O     1 
ATOM   45   C CB    . THR A 1 9   ? 0.755   11.339  0.234   1.00 67.53  ? 9    THR A CB    1 
ATOM   46   O OG1   . THR A 1 9   ? 1.885   12.202  0.046   1.00 69.16  ? 9    THR A OG1   1 
ATOM   47   C CG2   . THR A 1 9   ? -0.514  12.185  0.287   1.00 68.92  ? 9    THR A CG2   1 
ATOM   48   N N     . ILE A 1 10  ? 2.629   8.976   2.366   1.00 60.58  ? 10   ILE A N     1 
ATOM   49   C CA    . ILE A 1 10  ? 3.755   8.017   2.296   1.00 52.60  ? 10   ILE A CA    1 
ATOM   50   C C     . ILE A 1 10  ? 3.545   6.908   1.282   1.00 46.78  ? 10   ILE A C     1 
ATOM   51   O O     . ILE A 1 10  ? 3.007   5.862   1.630   1.00 48.52  ? 10   ILE A O     1 
ATOM   52   C CB    . ILE A 1 10  ? 4.028   7.281   3.661   1.00 51.01  ? 10   ILE A CB    1 
ATOM   53   C CG1   . ILE A 1 10  ? 4.386   8.271   4.779   1.00 48.17  ? 10   ILE A CG1   1 
ATOM   54   C CG2   . ILE A 1 10  ? 5.197   6.325   3.508   1.00 46.44  ? 10   ILE A CG2   1 
ATOM   55   C CD1   . ILE A 1 10  ? 4.536   7.592   6.123   1.00 42.36  ? 10   ILE A CD1   1 
ATOM   56   N N     . ASP A 1 11  ? 3.968   7.133   0.039   1.00 45.13  ? 11   ASP A N     1 
ATOM   57   C CA    . ASP A 1 11  ? 3.867   6.112   -1.011  1.00 43.61  ? 11   ASP A CA    1 
ATOM   58   C C     . ASP A 1 11  ? 5.271   5.628   -1.333  1.00 41.87  ? 11   ASP A C     1 
ATOM   59   O O     . ASP A 1 11  ? 6.273   5.996   -0.689  1.00 41.49  ? 11   ASP A O     1 
ATOM   60   C CB    . ASP A 1 11  ? 3.300   6.640   -2.343  1.00 52.73  ? 11   ASP A CB    1 
ATOM   61   C CG    . ASP A 1 11  ? 1.832   7.050   -2.255  1.00 59.63  ? 11   ASP A CG    1 
ATOM   62   O OD1   . ASP A 1 11  ? 1.055   6.339   -1.555  1.00 60.22  ? 11   ASP A OD1   1 
ATOM   63   O OD2   . ASP A 1 11  ? 1.444   8.051   -2.908  1.00 60.50  ? 11   ASP A OD2   1 
ATOM   64   N N     . GLY A 1 12  ? 5.329   4.796   -2.364  1.00 40.06  ? 12   GLY A N     1 
ATOM   65   C CA    . GLY A 1 12  ? 6.580   4.235   -2.830  1.00 39.46  ? 12   GLY A CA    1 
ATOM   66   C C     . GLY A 1 12  ? 6.395   2.788   -3.263  1.00 40.68  ? 12   GLY A C     1 
ATOM   67   O O     . GLY A 1 12  ? 5.303   2.235   -3.124  1.00 40.54  ? 12   GLY A O     1 
ATOM   68   N N     . PRO A 1 13  ? 7.461   2.129   -3.740  1.00 40.58  ? 13   PRO A N     1 
ATOM   69   C CA    . PRO A 1 13  ? 7.455   0.745   -4.205  1.00 42.82  ? 13   PRO A CA    1 
ATOM   70   C C     . PRO A 1 13  ? 7.501   -0.239  -3.033  1.00 47.73  ? 13   PRO A C     1 
ATOM   71   O O     . PRO A 1 13  ? 7.883   0.132   -1.927  1.00 52.85  ? 13   PRO A O     1 
ATOM   72   C CB    . PRO A 1 13  ? 8.690   0.698   -5.096  1.00 41.82  ? 13   PRO A CB    1 
ATOM   73   C CG    . PRO A 1 13  ? 9.664   1.570   -4.364  1.00 41.74  ? 13   PRO A CG    1 
ATOM   74   C CD    . PRO A 1 13  ? 8.841   2.630   -3.626  1.00 38.50  ? 13   PRO A CD    1 
ATOM   75   N N     . SER A 1 14  ? 7.115   -1.490  -3.276  1.00 52.46  ? 14   SER A N     1 
ATOM   76   C CA    . SER A 1 14  ? 7.095   -2.505  -2.233  1.00 51.91  ? 14   SER A CA    1 
ATOM   77   C C     . SER A 1 14  ? 8.477   -2.627  -1.609  1.00 51.62  ? 14   SER A C     1 
ATOM   78   O O     . SER A 1 14  ? 9.457   -2.190  -2.199  1.00 53.90  ? 14   SER A O     1 
ATOM   79   C CB    . SER A 1 14  ? 6.634   -3.834  -2.838  1.00 53.80  ? 14   SER A CB    1 
ATOM   80   O OG    . SER A 1 14  ? 6.734   -4.895  -1.913  1.00 57.12  ? 14   SER A OG    1 
ATOM   81   N N     . GLY A 1 15  ? 8.550   -3.191  -0.406  1.00 50.23  ? 15   GLY A N     1 
ATOM   82   C CA    . GLY A 1 15  ? 9.828   -3.364  0.272   1.00 44.64  ? 15   GLY A CA    1 
ATOM   83   C C     . GLY A 1 15  ? 10.482  -2.109  0.841   1.00 42.92  ? 15   GLY A C     1 
ATOM   84   O O     . GLY A 1 15  ? 11.391  -2.204  1.670   1.00 41.47  ? 15   GLY A O     1 
ATOM   85   N N     . ALA A 1 16  ? 10.020  -0.939  0.409   1.00 37.47  ? 16   ALA A N     1 
ATOM   86   C CA    . ALA A 1 16  ? 10.571  0.336   0.860   1.00 33.24  ? 16   ALA A CA    1 
ATOM   87   C C     . ALA A 1 16  ? 10.438  0.596   2.357   1.00 35.21  ? 16   ALA A C     1 
ATOM   88   O O     . ALA A 1 16  ? 11.053  1.527   2.882   1.00 40.71  ? 16   ALA A O     1 
ATOM   89   C CB    . ALA A 1 16  ? 9.915   1.450   0.109   1.00 26.62  ? 16   ALA A CB    1 
ATOM   90   N N     . GLY A 1 17  ? 9.637   -0.218  3.037   1.00 36.20  ? 17   GLY A N     1 
ATOM   91   C CA    . GLY A 1 17  ? 9.416   -0.040  4.462   1.00 35.34  ? 17   GLY A CA    1 
ATOM   92   C C     . GLY A 1 17  ? 8.458   1.099   4.774   1.00 33.80  ? 17   GLY A C     1 
ATOM   93   O O     . GLY A 1 17  ? 8.504   1.681   5.846   1.00 29.42  ? 17   GLY A O     1 
ATOM   94   N N     . LYS A 1 18  ? 7.592   1.426   3.827   1.00 37.90  ? 18   LYS A N     1 
ATOM   95   C CA    . LYS A 1 18  ? 6.625   2.506   4.015   1.00 39.59  ? 18   LYS A CA    1 
ATOM   96   C C     . LYS A 1 18  ? 5.544   2.022   4.959   1.00 41.48  ? 18   LYS A C     1 
ATOM   97   O O     . LYS A 1 18  ? 4.740   2.792   5.477   1.00 45.64  ? 18   LYS A O     1 
ATOM   98   C CB    . LYS A 1 18  ? 6.010   2.915   2.670   1.00 40.99  ? 18   LYS A CB    1 
ATOM   99   C CG    . LYS A 1 18  ? 5.410   1.781   1.844   1.00 38.32  ? 18   LYS A CG    1 
ATOM   100  C CD    . LYS A 1 18  ? 5.141   2.283   0.445   1.00 37.07  ? 18   LYS A CD    1 
ATOM   101  C CE    . LYS A 1 18  ? 4.736   1.173   -0.503  1.00 36.46  ? 18   LYS A CE    1 
ATOM   102  N NZ    . LYS A 1 18  ? 3.443   0.564   -0.142  1.00 36.13  ? 18   LYS A NZ    1 
ATOM   103  N N     . GLY A 1 19  ? 5.547   0.721   5.184   1.00 43.97  ? 19   GLY A N     1 
ATOM   104  C CA    . GLY A 1 19  ? 4.571   0.132   6.068   1.00 48.51  ? 19   GLY A CA    1 
ATOM   105  C C     . GLY A 1 19  ? 4.844   0.548   7.489   1.00 48.93  ? 19   GLY A C     1 
ATOM   106  O O     . GLY A 1 19  ? 4.129   1.389   8.029   1.00 49.34  ? 19   GLY A O     1 
ATOM   107  N N     . THR A 1 20  ? 5.881   -0.033  8.084   1.00 51.40  ? 20   THR A N     1 
ATOM   108  C CA    . THR A 1 20  ? 6.249   0.276   9.455   1.00 48.42  ? 20   THR A CA    1 
ATOM   109  C C     . THR A 1 20  ? 6.394   1.774   9.655   1.00 47.14  ? 20   THR A C     1 
ATOM   110  O O     . THR A 1 20  ? 6.177   2.272   10.743  1.00 44.51  ? 20   THR A O     1 
ATOM   111  C CB    . THR A 1 20  ? 7.575   -0.428  9.850   1.00 48.23  ? 20   THR A CB    1 
ATOM   112  O OG1   . THR A 1 20  ? 8.605   -0.052  8.930   1.00 46.29  ? 20   THR A OG1   1 
ATOM   113  C CG2   . THR A 1 20  ? 7.412   -1.945  9.834   1.00 46.42  ? 20   THR A CG2   1 
ATOM   114  N N     . LEU A 1 21  ? 6.731   2.497   8.596   1.00 50.08  ? 21   LEU A N     1 
ATOM   115  C CA    . LEU A 1 21  ? 6.894   3.952   8.708   1.00 53.72  ? 21   LEU A CA    1 
ATOM   116  C C     . LEU A 1 21  ? 5.538   4.557   9.126   1.00 57.10  ? 21   LEU A C     1 
ATOM   117  O O     . LEU A 1 21  ? 5.464   5.439   9.984   1.00 57.29  ? 21   LEU A O     1 
ATOM   118  C CB    . LEU A 1 21  ? 7.318   4.547   7.366   1.00 51.10  ? 21   LEU A CB    1 
ATOM   119  C CG    . LEU A 1 21  ? 7.850   5.981   7.311   1.00 45.57  ? 21   LEU A CG    1 
ATOM   120  C CD1   . LEU A 1 21  ? 7.742   6.460   5.888   1.00 47.77  ? 21   LEU A CD1   1 
ATOM   121  C CD2   . LEU A 1 21  ? 7.054   6.895   8.201   1.00 43.57  ? 21   LEU A CD2   1 
ATOM   122  N N     . CYS A 1 22  ? 4.477   4.060   8.501   1.00 59.34  ? 22   CYS A N     1 
ATOM   123  C CA    . CYS A 1 22  ? 3.140   4.514   8.784   1.00 62.56  ? 22   CYS A CA    1 
ATOM   124  C C     . CYS A 1 22  ? 2.711   4.273   10.214  1.00 61.85  ? 22   CYS A C     1 
ATOM   125  O O     . CYS A 1 22  ? 1.990   5.087   10.809  1.00 64.80  ? 22   CYS A O     1 
ATOM   126  C CB    . CYS A 1 22  ? 2.154   3.852   7.829   1.00 63.56  ? 22   CYS A CB    1 
ATOM   127  S SG    . CYS A 1 22  ? 2.423   4.395   6.134   1.00 72.11  ? 22   CYS A SG    1 
ATOM   128  N N     . LYS A 1 23  ? 3.132   3.151   10.782  1.00 59.03  ? 23   LYS A N     1 
ATOM   129  C CA    . LYS A 1 23  ? 2.739   2.787   12.147  1.00 58.57  ? 23   LYS A CA    1 
ATOM   130  C C     . LYS A 1 23  ? 3.316   3.658   13.240  1.00 59.29  ? 23   LYS A C     1 
ATOM   131  O O     . LYS A 1 23  ? 3.109   3.434   14.428  1.00 58.97  ? 23   LYS A O     1 
ATOM   132  C CB    . LYS A 1 23  ? 3.107   1.335   12.398  1.00 59.20  ? 23   LYS A CB    1 
ATOM   133  C CG    . LYS A 1 23  ? 1.864   0.457   12.624  1.00 62.50  ? 23   LYS A CG    1 
ATOM   134  C CD    . LYS A 1 23  ? 2.156   -0.585  13.669  1.00 64.33  ? 23   LYS A CD    1 
ATOM   135  C CE    . LYS A 1 23  ? 1.881   -0.074  15.089  1.00 63.64  ? 23   LYS A CE    1 
ATOM   136  N NZ    . LYS A 1 23  ? 0.415   -0.012  15.351  1.00 64.02  ? 23   LYS A NZ    1 
ATOM   137  N N     . ALA A 1 24  ? 4.048   4.655   12.788  1.00 60.32  ? 24   ALA A N     1 
ATOM   138  C CA    . ALA A 1 24  ? 4.701   5.623   13.637  1.00 64.36  ? 24   ALA A CA    1 
ATOM   139  C C     . ALA A 1 24  ? 3.950   6.907   13.343  1.00 65.88  ? 24   ALA A C     1 
ATOM   140  O O     . ALA A 1 24  ? 3.357   7.519   14.248  1.00 65.42  ? 24   ALA A O     1 
ATOM   141  C CB    . ALA A 1 24  ? 6.160   5.759   13.243  1.00 65.06  ? 24   ALA A CB    1 
ATOM   142  N N     . MET A 1 25  ? 3.990   7.302   12.068  1.00 67.91  ? 25   MET A N     1 
ATOM   143  C CA    . MET A 1 25  ? 3.279   8.491   11.630  1.00 69.34  ? 25   MET A CA    1 
ATOM   144  C C     . MET A 1 25  ? 1.972   8.451   12.412  1.00 70.02  ? 25   MET A C     1 
ATOM   145  O O     . MET A 1 25  ? 1.650   9.366   13.180  1.00 71.18  ? 25   MET A O     1 
ATOM   146  C CB    . MET A 1 25  ? 2.948   8.428   10.126  1.00 69.26  ? 25   MET A CB    1 
ATOM   147  C CG    . MET A 1 25  ? 4.131   8.169   9.193   1.00 68.43  ? 25   MET A CG    1 
ATOM   148  S SD    . MET A 1 25  ? 5.102   9.615   8.717   1.00 64.49  ? 25   MET A SD    1 
ATOM   149  C CE    . MET A 1 25  ? 6.188   9.679   10.097  1.00 63.33  ? 25   MET A CE    1 
ATOM   150  N N     . ALA A 1 26  ? 1.247   7.349   12.236  1.00 71.15  ? 26   ALA A N     1 
ATOM   151  C CA    . ALA A 1 26  ? -0.043  7.161   12.881  1.00 72.99  ? 26   ALA A CA    1 
ATOM   152  C C     . ALA A 1 26  ? -0.005  6.908   14.385  1.00 73.49  ? 26   ALA A C     1 
ATOM   153  O O     . ALA A 1 26  ? -0.966  7.215   15.088  1.00 73.62  ? 26   ALA A O     1 
ATOM   154  C CB    . ALA A 1 26  ? -0.803  6.036   12.189  1.00 75.45  ? 26   ALA A CB    1 
ATOM   155  N N     . GLU A 1 27  ? 1.087   6.345   14.886  1.00 73.79  ? 27   GLU A N     1 
ATOM   156  C CA    . GLU A 1 27  ? 1.168   6.069   16.314  1.00 73.47  ? 27   GLU A CA    1 
ATOM   157  C C     . GLU A 1 27  ? 1.570   7.316   17.095  1.00 72.74  ? 27   GLU A C     1 
ATOM   158  O O     . GLU A 1 27  ? 0.868   7.747   18.007  1.00 72.97  ? 27   GLU A O     1 
ATOM   159  C CB    . GLU A 1 27  ? 2.176   4.953   16.584  1.00 74.22  ? 27   GLU A CB    1 
ATOM   160  C CG    . GLU A 1 27  ? 1.857   4.095   17.800  1.00 76.91  ? 27   GLU A CG    1 
ATOM   161  C CD    . GLU A 1 27  ? 2.918   3.040   18.054  1.00 78.85  ? 27   GLU A CD    1 
ATOM   162  O OE1   . GLU A 1 27  ? 4.062   3.425   18.375  1.00 80.77  ? 27   GLU A OE1   1 
ATOM   163  O OE2   . GLU A 1 27  ? 2.614   1.832   17.929  1.00 78.20  ? 27   GLU A OE2   1 
ATOM   164  N N     . ALA A 1 28  ? 2.708   7.893   16.736  1.00 71.15  ? 28   ALA A N     1 
ATOM   165  C CA    . ALA A 1 28  ? 3.190   9.078   17.424  1.00 68.94  ? 28   ALA A CA    1 
ATOM   166  C C     . ALA A 1 28  ? 2.149   10.172  17.336  1.00 68.12  ? 28   ALA A C     1 
ATOM   167  O O     . ALA A 1 28  ? 2.047   11.007  18.223  1.00 63.30  ? 28   ALA A O     1 
ATOM   168  C CB    . ALA A 1 28  ? 4.494   9.549   16.803  1.00 70.47  ? 28   ALA A CB    1 
ATOM   169  N N     . LEU A 1 29  ? 1.365   10.148  16.263  1.00 70.34  ? 29   LEU A N     1 
ATOM   170  C CA    . LEU A 1 29  ? 0.332   11.156  16.039  1.00 71.08  ? 29   LEU A CA    1 
ATOM   171  C C     . LEU A 1 29  ? -1.095  10.716  16.360  1.00 69.58  ? 29   LEU A C     1 
ATOM   172  O O     . LEU A 1 29  ? -1.991  11.549  16.485  1.00 68.31  ? 29   LEU A O     1 
ATOM   173  C CB    . LEU A 1 29  ? 0.417   11.661  14.594  1.00 71.87  ? 29   LEU A CB    1 
ATOM   174  C CG    . LEU A 1 29  ? 1.435   12.781  14.311  1.00 71.64  ? 29   LEU A CG    1 
ATOM   175  C CD1   . LEU A 1 29  ? 2.686   12.626  15.179  1.00 72.90  ? 29   LEU A CD1   1 
ATOM   176  C CD2   . LEU A 1 29  ? 1.782   12.779  12.825  1.00 68.19  ? 29   LEU A CD2   1 
ATOM   177  N N     . GLN A 1 30  ? -1.303  9.412   16.496  1.00 67.94  ? 30   GLN A N     1 
ATOM   178  C CA    . GLN A 1 30  ? -2.622  8.878   16.827  1.00 67.82  ? 30   GLN A CA    1 
ATOM   179  C C     . GLN A 1 30  ? -3.587  9.151   15.682  1.00 67.13  ? 30   GLN A C     1 
ATOM   180  O O     . GLN A 1 30  ? -4.793  9.278   15.880  1.00 67.84  ? 30   GLN A O     1 
ATOM   181  C CB    . GLN A 1 30  ? -3.127  9.530   18.118  1.00 69.93  ? 30   GLN A CB    1 
ATOM   182  C CG    . GLN A 1 30  ? -2.039  9.662   19.190  1.00 75.56  ? 30   GLN A CG    1 
ATOM   183  C CD    . GLN A 1 30  ? -2.558  10.185  20.524  1.00 75.58  ? 30   GLN A CD    1 
ATOM   184  O OE1   . GLN A 1 30  ? -3.408  9.560   21.157  1.00 75.95  ? 30   GLN A OE1   1 
ATOM   185  N NE2   . GLN A 1 30  ? -2.042  11.334  20.958  1.00 74.50  ? 30   GLN A NE2   1 
ATOM   186  N N     . TRP A 1 31  ? -3.019  9.233   14.484  1.00 66.57  ? 31   TRP A N     1 
ATOM   187  C CA    . TRP A 1 31  ? -3.740  9.496   13.234  1.00 64.40  ? 31   TRP A CA    1 
ATOM   188  C C     . TRP A 1 31  ? -4.280  8.223   12.570  1.00 63.07  ? 31   TRP A C     1 
ATOM   189  O O     . TRP A 1 31  ? -3.541  7.260   12.367  1.00 62.92  ? 31   TRP A O     1 
ATOM   190  C CB    . TRP A 1 31  ? -2.785  10.157  12.241  1.00 64.55  ? 31   TRP A CB    1 
ATOM   191  C CG    . TRP A 1 31  ? -2.725  11.656  12.245  1.00 65.20  ? 31   TRP A CG    1 
ATOM   192  C CD1   . TRP A 1 31  ? -2.735  12.498  13.333  1.00 65.84  ? 31   TRP A CD1   1 
ATOM   193  C CD2   . TRP A 1 31  ? -2.577  12.492  11.093  1.00 64.49  ? 31   TRP A CD2   1 
ATOM   194  N NE1   . TRP A 1 31  ? -2.614  13.807  12.915  1.00 63.94  ? 31   TRP A NE1   1 
ATOM   195  C CE2   . TRP A 1 31  ? -2.529  13.830  11.535  1.00 64.32  ? 31   TRP A CE2   1 
ATOM   196  C CE3   . TRP A 1 31  ? -2.511  12.241  9.707   1.00 62.36  ? 31   TRP A CE3   1 
ATOM   197  C CZ2   . TRP A 1 31  ? -2.382  14.911  10.661  1.00 63.04  ? 31   TRP A CZ2   1 
ATOM   198  C CZ3   . TRP A 1 31  ? -2.367  13.311  8.839   1.00 58.99  ? 31   TRP A CZ3   1 
ATOM   199  C CH2   . TRP A 1 31  ? -2.321  14.630  9.316   1.00 59.40  ? 31   TRP A CH2   1 
ATOM   200  N N     . HIS A 1 32  ? -5.553  8.227   12.202  1.00 62.55  ? 32   HIS A N     1 
ATOM   201  C CA    . HIS A 1 32  ? -6.144  7.074   11.533  1.00 63.00  ? 32   HIS A CA    1 
ATOM   202  C C     . HIS A 1 32  ? -5.135  6.601   10.481  1.00 64.36  ? 32   HIS A C     1 
ATOM   203  O O     . HIS A 1 32  ? -4.691  7.391   9.647   1.00 66.16  ? 32   HIS A O     1 
ATOM   204  C CB    . HIS A 1 32  ? -7.443  7.473   10.812  1.00 62.96  ? 32   HIS A CB    1 
ATOM   205  C CG    . HIS A 1 32  ? -8.254  8.520   11.530  1.00 60.15  ? 32   HIS A CG    1 
ATOM   206  N ND1   . HIS A 1 32  ? -8.894  9.537   10.866  1.00 58.07  ? 32   HIS A ND1   1 
ATOM   207  C CD2   . HIS A 1 32  ? -8.515  8.692   12.848  1.00 59.36  ? 32   HIS A CD2   1 
ATOM   208  C CE1   . HIS A 1 32  ? -9.525  10.305  11.751  1.00 55.12  ? 32   HIS A CE1   1 
ATOM   209  N NE2   . HIS A 1 32  ? -9.310  9.813   12.952  1.00 58.70  ? 32   HIS A NE2   1 
ATOM   210  N N     . LEU A 1 33  ? -4.750  5.329   10.532  1.00 65.64  ? 33   LEU A N     1 
ATOM   211  C CA    . LEU A 1 33  ? -3.815  4.788   9.547   1.00 62.82  ? 33   LEU A CA    1 
ATOM   212  C C     . LEU A 1 33  ? -4.582  4.025   8.472   1.00 62.66  ? 33   LEU A C     1 
ATOM   213  O O     . LEU A 1 33  ? -5.148  2.950   8.722   1.00 64.40  ? 33   LEU A O     1 
ATOM   214  C CB    . LEU A 1 33  ? -2.809  3.830   10.193  1.00 59.57  ? 33   LEU A CB    1 
ATOM   215  C CG    . LEU A 1 33  ? -1.619  3.304   9.359   1.00 63.95  ? 33   LEU A CG    1 
ATOM   216  C CD1   . LEU A 1 33  ? -1.091  2.050   10.047  1.00 65.97  ? 33   LEU A CD1   1 
ATOM   217  C CD2   . LEU A 1 33  ? -1.990  2.956   7.922   1.00 60.54  ? 33   LEU A CD2   1 
ATOM   218  N N     . LEU A 1 34  ? -4.592  4.593   7.275   1.00 58.95  ? 34   LEU A N     1 
ATOM   219  C CA    . LEU A 1 34  ? -5.231  3.966   6.129   1.00 55.24  ? 34   LEU A CA    1 
ATOM   220  C C     . LEU A 1 34  ? -4.158  3.139   5.405   1.00 53.23  ? 34   LEU A C     1 
ATOM   221  O O     . LEU A 1 34  ? -3.143  3.682   4.948   1.00 50.90  ? 34   LEU A O     1 
ATOM   222  C CB    . LEU A 1 34  ? -5.797  5.037   5.186   1.00 55.44  ? 34   LEU A CB    1 
ATOM   223  C CG    . LEU A 1 34  ? -6.259  4.577   3.795   1.00 56.69  ? 34   LEU A CG    1 
ATOM   224  C CD1   . LEU A 1 34  ? -7.272  5.553   3.256   1.00 59.55  ? 34   LEU A CD1   1 
ATOM   225  C CD2   . LEU A 1 34  ? -5.075  4.468   2.836   1.00 58.14  ? 34   LEU A CD2   1 
ATOM   226  N N     . ASP A 1 35  ? -4.371  1.830   5.324   1.00 49.42  ? 35   ASP A N     1 
ATOM   227  C CA    . ASP A 1 35  ? -3.427  0.950   4.636   1.00 44.28  ? 35   ASP A CA    1 
ATOM   228  C C     . ASP A 1 35  ? -4.087  0.493   3.345   1.00 41.22  ? 35   ASP A C     1 
ATOM   229  O O     . ASP A 1 35  ? -5.031  -0.291  3.385   1.00 35.57  ? 35   ASP A O     1 
ATOM   230  C CB    . ASP A 1 35  ? -3.103  -0.269  5.500   1.00 43.17  ? 35   ASP A CB    1 
ATOM   231  C CG    . ASP A 1 35  ? -2.384  -1.370  4.721   1.00 42.36  ? 35   ASP A CG    1 
ATOM   232  O OD1   . ASP A 1 35  ? -2.274  -2.489  5.270   1.00 41.43  ? 35   ASP A OD1   1 
ATOM   233  O OD2   . ASP A 1 35  ? -1.927  -1.121  3.572   1.00 37.79  ? 35   ASP A OD2   1 
ATOM   234  N N     . SER A 1 36  ? -3.597  0.996   2.214   1.00 40.17  ? 36   SER A N     1 
ATOM   235  C CA    . SER A 1 36  ? -4.165  0.641   0.918   1.00 40.71  ? 36   SER A CA    1 
ATOM   236  C C     . SER A 1 36  ? -3.858  -0.798  0.604   1.00 40.74  ? 36   SER A C     1 
ATOM   237  O O     . SER A 1 36  ? -4.618  -1.679  1.009   1.00 38.73  ? 36   SER A O     1 
ATOM   238  C CB    . SER A 1 36  ? -3.638  1.547   -0.214  1.00 41.79  ? 36   SER A CB    1 
ATOM   239  O OG    . SER A 1 36  ? -4.369  2.777   -0.301  1.00 38.10  ? 36   SER A OG    1 
ATOM   240  N N     . GLY A 1 37  ? -2.757  -1.023  -0.118  1.00 40.22  ? 37   GLY A N     1 
ATOM   241  C CA    . GLY A 1 37  ? -2.338  -2.365  -0.509  1.00 41.35  ? 37   GLY A CA    1 
ATOM   242  C C     . GLY A 1 37  ? -3.210  -3.484  0.038   1.00 43.42  ? 37   GLY A C     1 
ATOM   243  O O     . GLY A 1 37  ? -3.689  -4.341  -0.717  1.00 44.94  ? 37   GLY A O     1 
ATOM   244  N N     . ALA A 1 38  ? -3.402  -3.487  1.356   1.00 43.80  ? 38   ALA A N     1 
ATOM   245  C CA    . ALA A 1 38  ? -4.253  -4.478  1.997   1.00 43.53  ? 38   ALA A CA    1 
ATOM   246  C C     . ALA A 1 38  ? -5.521  -4.538  1.155   1.00 43.09  ? 38   ALA A C     1 
ATOM   247  O O     . ALA A 1 38  ? -5.768  -5.531  0.474   1.00 43.57  ? 38   ALA A O     1 
ATOM   248  C CB    . ALA A 1 38  ? -4.584  -4.051  3.423   1.00 42.43  ? 38   ALA A CB    1 
ATOM   249  N N     . ILE A 1 39  ? -6.304  -3.460  1.191   1.00 40.88  ? 39   ILE A N     1 
ATOM   250  C CA    . ILE A 1 39  ? -7.548  -3.371  0.428   1.00 39.86  ? 39   ILE A CA    1 
ATOM   251  C C     . ILE A 1 39  ? -7.521  -4.188  -0.864  1.00 37.97  ? 39   ILE A C     1 
ATOM   252  O O     . ILE A 1 39  ? -8.330  -5.089  -1.080  1.00 38.11  ? 39   ILE A O     1 
ATOM   253  C CB    . ILE A 1 39  ? -7.858  -1.930  0.049   1.00 37.98  ? 39   ILE A CB    1 
ATOM   254  C CG1   . ILE A 1 39  ? -8.415  -1.183  1.253   1.00 34.47  ? 39   ILE A CG1   1 
ATOM   255  C CG2   . ILE A 1 39  ? -8.834  -1.911  -1.102  1.00 33.23  ? 39   ILE A CG2   1 
ATOM   256  C CD1   . ILE A 1 39  ? -8.924  0.210   0.904   1.00 38.57  ? 39   ILE A CD1   1 
ATOM   257  N N     . TYR A 1 40  ? -6.592  -3.853  -1.736  1.00 38.19  ? 40   TYR A N     1 
ATOM   258  C CA    . TYR A 1 40  ? -6.485  -4.576  -2.976  1.00 39.49  ? 40   TYR A CA    1 
ATOM   259  C C     . TYR A 1 40  ? -6.332  -6.050  -2.633  1.00 42.50  ? 40   TYR A C     1 
ATOM   260  O O     . TYR A 1 40  ? -7.041  -6.905  -3.170  1.00 43.14  ? 40   TYR A O     1 
ATOM   261  C CB    . TYR A 1 40  ? -5.279  -4.077  -3.747  1.00 36.84  ? 40   TYR A CB    1 
ATOM   262  C CG    . TYR A 1 40  ? -5.428  -2.656  -4.272  1.00 37.24  ? 40   TYR A CG    1 
ATOM   263  C CD1   . TYR A 1 40  ? -5.256  -1.541  -3.439  1.00 30.63  ? 40   TYR A CD1   1 
ATOM   264  C CD2   . TYR A 1 40  ? -5.717  -2.429  -5.619  1.00 34.60  ? 40   TYR A CD2   1 
ATOM   265  C CE1   . TYR A 1 40  ? -5.354  -0.255  -3.950  1.00 20.76  ? 40   TYR A CE1   1 
ATOM   266  C CE2   . TYR A 1 40  ? -5.813  -1.152  -6.123  1.00 25.19  ? 40   TYR A CE2   1 
ATOM   267  C CZ    . TYR A 1 40  ? -5.629  -0.075  -5.289  1.00 22.15  ? 40   TYR A CZ    1 
ATOM   268  O OH    . TYR A 1 40  ? -5.669  1.171   -5.858  1.00 25.02  ? 40   TYR A OH    1 
ATOM   269  N N     . ARG A 1 41  ? -5.410  -6.333  -1.716  1.00 41.02  ? 41   ARG A N     1 
ATOM   270  C CA    . ARG A 1 41  ? -5.152  -7.694  -1.275  1.00 39.25  ? 41   ARG A CA    1 
ATOM   271  C C     . ARG A 1 41  ? -6.393  -8.424  -0.788  1.00 35.52  ? 41   ARG A C     1 
ATOM   272  O O     . ARG A 1 41  ? -6.449  -9.648  -0.817  1.00 37.86  ? 41   ARG A O     1 
ATOM   273  C CB    . ARG A 1 41  ? -4.126  -7.697  -0.151  1.00 46.02  ? 41   ARG A CB    1 
ATOM   274  C CG    . ARG A 1 41  ? -2.731  -7.255  -0.551  1.00 49.00  ? 41   ARG A CG    1 
ATOM   275  C CD    . ARG A 1 41  ? -1.758  -7.576  0.564   1.00 50.09  ? 41   ARG A CD    1 
ATOM   276  N NE    . ARG A 1 41  ? -0.390  -7.278  0.175   1.00 52.70  ? 41   ARG A NE    1 
ATOM   277  C CZ    . ARG A 1 41  ? 0.550   -8.195  -0.002  1.00 52.35  ? 41   ARG A CZ    1 
ATOM   278  N NH1   . ARG A 1 41  ? 0.270   -9.481  0.180   1.00 49.88  ? 41   ARG A NH1   1 
ATOM   279  N NH2   . ARG A 1 41  ? 1.771   -7.823  -0.369  1.00 51.68  ? 41   ARG A NH2   1 
ATOM   280  N N     . VAL A 1 42  ? -7.382  -7.688  -0.319  1.00 33.29  ? 42   VAL A N     1 
ATOM   281  C CA    . VAL A 1 42  ? -8.589  -8.337  0.147   1.00 37.30  ? 42   VAL A CA    1 
ATOM   282  C C     . VAL A 1 42  ? -9.451  -8.443  -1.086  1.00 40.85  ? 42   VAL A C     1 
ATOM   283  O O     . VAL A 1 42  ? -10.151 -9.443  -1.316  1.00 41.48  ? 42   VAL A O     1 
ATOM   284  C CB    . VAL A 1 42  ? -9.317  -7.505  1.221   1.00 32.85  ? 42   VAL A CB    1 
ATOM   285  C CG1   . VAL A 1 42  ? -8.328  -7.033  2.267   1.00 31.38  ? 42   VAL A CG1   1 
ATOM   286  C CG2   . VAL A 1 42  ? -10.006 -6.348  0.598   1.00 35.92  ? 42   VAL A CG2   1 
ATOM   287  N N     . LEU A 1 43  ? -9.372  -7.395  -1.894  1.00 43.40  ? 43   LEU A N     1 
ATOM   288  C CA    . LEU A 1 43  ? -10.132 -7.327  -3.124  1.00 42.54  ? 43   LEU A CA    1 
ATOM   289  C C     . LEU A 1 43  ? -9.800  -8.557  -3.933  1.00 40.41  ? 43   LEU A C     1 
ATOM   290  O O     . LEU A 1 43  ? -10.698 -9.244  -4.404  1.00 40.16  ? 43   LEU A O     1 
ATOM   291  C CB    . LEU A 1 43  ? -9.738  -6.067  -3.885  1.00 46.11  ? 43   LEU A CB    1 
ATOM   292  C CG    . LEU A 1 43  ? -10.514 -5.589  -5.109  1.00 48.65  ? 43   LEU A CG    1 
ATOM   293  C CD1   . LEU A 1 43  ? -12.011 -5.782  -4.968  1.00 46.93  ? 43   LEU A CD1   1 
ATOM   294  C CD2   . LEU A 1 43  ? -10.180 -4.121  -5.280  1.00 50.73  ? 43   LEU A CD2   1 
ATOM   295  N N     . ALA A 1 44  ? -8.502  -8.834  -4.061  1.00 37.76  ? 44   ALA A N     1 
ATOM   296  C CA    . ALA A 1 44  ? -8.012  -9.972  -4.821  1.00 35.25  ? 44   ALA A CA    1 
ATOM   297  C C     . ALA A 1 44  ? -8.459  -11.273 -4.194  1.00 38.38  ? 44   ALA A C     1 
ATOM   298  O O     . ALA A 1 44  ? -8.891  -12.195 -4.884  1.00 40.26  ? 44   ALA A O     1 
ATOM   299  C CB    . ALA A 1 44  ? -6.521  -9.932  -4.904  1.00 29.91  ? 44   ALA A CB    1 
ATOM   300  N N     . LEU A 1 45  ? -8.349  -11.351 -2.877  1.00 41.07  ? 45   LEU A N     1 
ATOM   301  C CA    . LEU A 1 45  ? -8.770  -12.542 -2.161  1.00 40.87  ? 45   LEU A CA    1 
ATOM   302  C C     . LEU A 1 45  ? -10.236 -12.786 -2.493  1.00 39.10  ? 45   LEU A C     1 
ATOM   303  O O     . LEU A 1 45  ? -10.622 -13.859 -2.960  1.00 39.34  ? 45   LEU A O     1 
ATOM   304  C CB    . LEU A 1 45  ? -8.613  -12.316 -0.658  1.00 41.93  ? 45   LEU A CB    1 
ATOM   305  C CG    . LEU A 1 45  ? -8.993  -13.503 0.215   1.00 42.51  ? 45   LEU A CG    1 
ATOM   306  C CD1   . LEU A 1 45  ? -8.231  -14.760 -0.240  1.00 40.27  ? 45   LEU A CD1   1 
ATOM   307  C CD2   . LEU A 1 45  ? -8.676  -13.164 1.662   1.00 48.53  ? 45   LEU A CD2   1 
ATOM   308  N N     . ALA A 1 46  ? -11.047 -11.766 -2.243  1.00 39.49  ? 46   ALA A N     1 
ATOM   309  C CA    . ALA A 1 46  ? -12.477 -11.835 -2.508  1.00 41.14  ? 46   ALA A CA    1 
ATOM   310  C C     . ALA A 1 46  ? -12.727 -12.218 -3.973  1.00 41.26  ? 46   ALA A C     1 
ATOM   311  O O     . ALA A 1 46  ? -13.702 -12.893 -4.309  1.00 44.37  ? 46   ALA A O     1 
ATOM   312  C CB    . ALA A 1 46  ? -13.126 -10.480 -2.191  1.00 35.67  ? 46   ALA A CB    1 
ATOM   313  N N     . ALA A 1 47  ? -11.834 -11.785 -4.844  1.00 38.35  ? 47   ALA A N     1 
ATOM   314  C CA    . ALA A 1 47  ? -11.985 -12.074 -6.244  1.00 37.28  ? 47   ALA A CA    1 
ATOM   315  C C     . ALA A 1 47  ? -11.774 -13.546 -6.429  1.00 41.07  ? 47   ALA A C     1 
ATOM   316  O O     . ALA A 1 47  ? -12.517 -14.189 -7.164  1.00 45.17  ? 47   ALA A O     1 
ATOM   317  C CB    . ALA A 1 47  ? -10.962 -11.287 -7.042  1.00 37.19  ? 47   ALA A CB    1 
ATOM   318  N N     . LEU A 1 48  ? -10.759 -14.067 -5.737  1.00 42.00  ? 48   LEU A N     1 
ATOM   319  C CA    . LEU A 1 48  ? -10.368 -15.466 -5.804  1.00 38.45  ? 48   LEU A CA    1 
ATOM   320  C C     . LEU A 1 48  ? -11.426 -16.454 -5.392  1.00 38.77  ? 48   LEU A C     1 
ATOM   321  O O     . LEU A 1 48  ? -11.758 -17.378 -6.144  1.00 42.10  ? 48   LEU A O     1 
ATOM   322  C CB    . LEU A 1 48  ? -9.123  -15.694 -4.956  1.00 36.75  ? 48   LEU A CB    1 
ATOM   323  C CG    . LEU A 1 48  ? -7.861  -15.927 -5.806  1.00 41.57  ? 48   LEU A CG    1 
ATOM   324  C CD1   . LEU A 1 48  ? -6.613  -15.773 -4.927  1.00 38.12  ? 48   LEU A CD1   1 
ATOM   325  C CD2   . LEU A 1 48  ? -7.920  -17.326 -6.492  1.00 38.63  ? 48   LEU A CD2   1 
ATOM   326  N N     . HIS A 1 49  ? -11.947 -16.257 -4.186  1.00 40.54  ? 49   HIS A N     1 
ATOM   327  C CA    . HIS A 1 49  ? -12.975 -17.123 -3.613  1.00 39.60  ? 49   HIS A CA    1 
ATOM   328  C C     . HIS A 1 49  ? -14.322 -16.941 -4.257  1.00 37.38  ? 49   HIS A C     1 
ATOM   329  O O     . HIS A 1 49  ? -15.189 -17.788 -4.135  1.00 36.72  ? 49   HIS A O     1 
ATOM   330  C CB    . HIS A 1 49  ? -13.086 -16.857 -2.124  1.00 42.44  ? 49   HIS A CB    1 
ATOM   331  C CG    . HIS A 1 49  ? -11.846 -17.216 -1.366  1.00 43.62  ? 49   HIS A CG    1 
ATOM   332  N ND1   . HIS A 1 49  ? -11.566 -16.710 -0.121  1.00 45.21  ? 49   HIS A ND1   1 
ATOM   333  C CD2   . HIS A 1 49  ? -10.823 -18.041 -1.695  1.00 41.04  ? 49   HIS A CD2   1 
ATOM   334  C CE1   . HIS A 1 49  ? -10.406 -17.211 0.294   1.00 47.74  ? 49   HIS A CE1   1 
ATOM   335  N NE2   . HIS A 1 49  ? -9.942  -18.016 -0.641  1.00 43.61  ? 49   HIS A NE2   1 
ATOM   336  N N     . HIS A 1 50  ? -14.502 -15.815 -4.927  1.00 36.64  ? 50   HIS A N     1 
ATOM   337  C CA    . HIS A 1 50  ? -15.744 -15.567 -5.617  1.00 36.20  ? 50   HIS A CA    1 
ATOM   338  C C     . HIS A 1 50  ? -15.574 -15.974 -7.062  1.00 35.36  ? 50   HIS A C     1 
ATOM   339  O O     . HIS A 1 50  ? -16.258 -15.473 -7.935  1.00 38.74  ? 50   HIS A O     1 
ATOM   340  C CB    . HIS A 1 50  ? -16.124 -14.096 -5.512  1.00 34.15  ? 50   HIS A CB    1 
ATOM   341  C CG    . HIS A 1 50  ? -16.664 -13.712 -4.169  1.00 38.84  ? 50   HIS A CG    1 
ATOM   342  N ND1   . HIS A 1 50  ? -16.220 -14.289 -2.995  1.00 44.25  ? 50   HIS A ND1   1 
ATOM   343  C CD2   . HIS A 1 50  ? -17.558 -12.763 -3.802  1.00 33.91  ? 50   HIS A CD2   1 
ATOM   344  C CE1   . HIS A 1 50  ? -16.812 -13.707 -1.968  1.00 43.35  ? 50   HIS A CE1   1 
ATOM   345  N NE2   . HIS A 1 50  ? -17.629 -12.773 -2.431  1.00 34.63  ? 50   HIS A NE2   1 
ATOM   346  N N     . HIS A 1 51  ? -14.650 -16.895 -7.306  1.00 37.41  ? 51   HIS A N     1 
ATOM   347  C CA    . HIS A 1 51  ? -14.394 -17.396 -8.650  1.00 37.49  ? 51   HIS A CA    1 
ATOM   348  C C     . HIS A 1 51  ? -14.525 -16.297 -9.687  1.00 36.77  ? 51   HIS A C     1 
ATOM   349  O O     . HIS A 1 51  ? -14.942 -16.550 -10.819 1.00 34.79  ? 51   HIS A O     1 
ATOM   350  C CB    . HIS A 1 51  ? -15.371 -18.530 -8.994  1.00 37.66  ? 51   HIS A CB    1 
ATOM   351  C CG    . HIS A 1 51  ? -15.117 -19.802 -8.242  1.00 39.64  ? 51   HIS A CG    1 
ATOM   352  N ND1   . HIS A 1 51  ? -14.189 -19.899 -7.229  1.00 39.75  ? 51   HIS A ND1   1 
ATOM   353  C CD2   . HIS A 1 51  ? -15.668 -21.033 -8.367  1.00 39.87  ? 51   HIS A CD2   1 
ATOM   354  C CE1   . HIS A 1 51  ? -14.176 -21.134 -6.765  1.00 42.60  ? 51   HIS A CE1   1 
ATOM   355  N NE2   . HIS A 1 51  ? -15.065 -21.842 -7.437  1.00 41.86  ? 51   HIS A NE2   1 
ATOM   356  N N     . VAL A 1 52  ? -14.198 -15.074 -9.281  1.00 39.02  ? 52   VAL A N     1 
ATOM   357  C CA    . VAL A 1 52  ? -14.248 -13.922 -10.179 1.00 42.75  ? 52   VAL A CA    1 
ATOM   358  C C     . VAL A 1 52  ? -12.936 -13.919 -10.969 1.00 47.08  ? 52   VAL A C     1 
ATOM   359  O O     . VAL A 1 52  ? -11.853 -14.090 -10.401 1.00 47.45  ? 52   VAL A O     1 
ATOM   360  C CB    . VAL A 1 52  ? -14.426 -12.605 -9.368  1.00 40.44  ? 52   VAL A CB    1 
ATOM   361  C CG1   . VAL A 1 52  ? -14.184 -11.383 -10.232 1.00 36.64  ? 52   VAL A CG1   1 
ATOM   362  C CG2   . VAL A 1 52  ? -15.823 -12.552 -8.817  1.00 40.18  ? 52   VAL A CG2   1 
ATOM   363  N N     . ASP A 1 53  ? -13.040 -13.760 -12.282 1.00 50.38  ? 53   ASP A N     1 
ATOM   364  C CA    . ASP A 1 53  ? -11.863 -13.763 -13.138 1.00 51.87  ? 53   ASP A CA    1 
ATOM   365  C C     . ASP A 1 53  ? -11.049 -12.480 -13.034 1.00 53.45  ? 53   ASP A C     1 
ATOM   366  O O     . ASP A 1 53  ? -11.270 -11.534 -13.783 1.00 53.72  ? 53   ASP A O     1 
ATOM   367  C CB    . ASP A 1 53  ? -12.276 -13.978 -14.583 1.00 53.77  ? 53   ASP A CB    1 
ATOM   368  C CG    . ASP A 1 53  ? -11.140 -13.756 -15.540 1.00 58.01  ? 53   ASP A CG    1 
ATOM   369  O OD1   . ASP A 1 53  ? -11.401 -13.740 -16.762 1.00 61.71  ? 53   ASP A OD1   1 
ATOM   370  O OD2   . ASP A 1 53  ? -9.988  -13.606 -15.070 1.00 58.15  ? 53   ASP A OD2   1 
ATOM   371  N N     . VAL A 1 54  ? -10.085 -12.474 -12.119 1.00 56.72  ? 54   VAL A N     1 
ATOM   372  C CA    . VAL A 1 54  ? -9.224  -11.314 -11.888 1.00 58.75  ? 54   VAL A CA    1 
ATOM   373  C C     . VAL A 1 54  ? -8.505  -10.847 -13.154 1.00 58.27  ? 54   VAL A C     1 
ATOM   374  O O     . VAL A 1 54  ? -7.845  -9.803  -13.165 1.00 56.78  ? 54   VAL A O     1 
ATOM   375  C CB    . VAL A 1 54  ? -8.191  -11.611 -10.768 1.00 61.70  ? 54   VAL A CB    1 
ATOM   376  C CG1   . VAL A 1 54  ? -7.479  -12.931 -11.043 1.00 64.55  ? 54   VAL A CG1   1 
ATOM   377  C CG2   . VAL A 1 54  ? -7.189  -10.464 -10.662 1.00 64.30  ? 54   VAL A CG2   1 
ATOM   378  N N     . ALA A 1 55  ? -8.628  -11.627 -14.224 1.00 59.24  ? 55   ALA A N     1 
ATOM   379  C CA    . ALA A 1 55  ? -8.018  -11.247 -15.492 1.00 57.25  ? 55   ALA A CA    1 
ATOM   380  C C     . ALA A 1 55  ? -8.991  -10.277 -16.167 1.00 55.59  ? 55   ALA A C     1 
ATOM   381  O O     . ALA A 1 55  ? -8.575  -9.301  -16.794 1.00 56.14  ? 55   ALA A O     1 
ATOM   382  C CB    . ALA A 1 55  ? -7.801  -12.479 -16.365 1.00 56.80  ? 55   ALA A CB    1 
ATOM   383  N N     . SER A 1 56  ? -10.289 -10.541 -15.996 1.00 52.99  ? 56   SER A N     1 
ATOM   384  C CA    . SER A 1 56  ? -11.367 -9.737  -16.582 1.00 51.73  ? 56   SER A CA    1 
ATOM   385  C C     . SER A 1 56  ? -11.713 -8.430  -15.868 1.00 52.17  ? 56   SER A C     1 
ATOM   386  O O     . SER A 1 56  ? -12.381 -8.451  -14.826 1.00 49.94  ? 56   SER A O     1 
ATOM   387  C CB    . SER A 1 56  ? -12.638 -10.578 -16.674 1.00 53.41  ? 56   SER A CB    1 
ATOM   388  O OG    . SER A 1 56  ? -13.788 -9.753  -16.790 1.00 54.87  ? 56   SER A OG    1 
ATOM   389  N N     . GLU A 1 57  ? -11.285 -7.295  -16.434 1.00 53.99  ? 57   GLU A N     1 
ATOM   390  C CA    . GLU A 1 57  ? -11.577 -5.986  -15.830 1.00 54.78  ? 57   GLU A CA    1 
ATOM   391  C C     . GLU A 1 57  ? -13.092 -5.850  -15.840 1.00 55.89  ? 57   GLU A C     1 
ATOM   392  O O     . GLU A 1 57  ? -13.673 -5.066  -15.080 1.00 56.15  ? 57   GLU A O     1 
ATOM   393  C CB    . GLU A 1 57  ? -10.929 -4.828  -16.628 1.00 52.31  ? 57   GLU A CB    1 
ATOM   394  C CG    . GLU A 1 57  ? -11.393 -3.420  -16.175 1.00 54.19  ? 57   GLU A CG    1 
ATOM   395  C CD    . GLU A 1 57  ? -10.615 -2.234  -16.800 1.00 51.94  ? 57   GLU A CD    1 
ATOM   396  O OE1   . GLU A 1 57  ? -10.534 -2.122  -18.056 1.00 47.61  ? 57   GLU A OE1   1 
ATOM   397  O OE2   . GLU A 1 57  ? -10.101 -1.397  -16.017 1.00 46.64  ? 57   GLU A OE2   1 
ATOM   398  N N     . ASP A 1 58  ? -13.720 -6.647  -16.704 1.00 57.76  ? 58   ASP A N     1 
ATOM   399  C CA    . ASP A 1 58  ? -15.167 -6.647  -16.857 1.00 60.66  ? 58   ASP A CA    1 
ATOM   400  C C     . ASP A 1 58  ? -15.780 -7.566  -15.793 1.00 60.92  ? 58   ASP A C     1 
ATOM   401  O O     . ASP A 1 58  ? -16.852 -8.135  -15.996 1.00 63.77  ? 58   ASP A O     1 
ATOM   402  C CB    . ASP A 1 58  ? -15.531 -7.127  -18.272 1.00 62.45  ? 58   ASP A CB    1 
ATOM   403  C CG    . ASP A 1 58  ? -16.700 -6.357  -18.883 1.00 65.03  ? 58   ASP A CG    1 
ATOM   404  O OD1   . ASP A 1 58  ? -17.860 -6.569  -18.448 1.00 62.56  ? 58   ASP A OD1   1 
ATOM   405  O OD2   . ASP A 1 58  ? -16.449 -5.540  -19.807 1.00 65.61  ? 58   ASP A OD2   1 
ATOM   406  N N     . ALA A 1 59  ? -15.089 -7.705  -14.661 1.00 58.68  ? 59   ALA A N     1 
ATOM   407  C CA    . ALA A 1 59  ? -15.562 -8.541  -13.563 1.00 54.21  ? 59   ALA A CA    1 
ATOM   408  C C     . ALA A 1 59  ? -14.864 -8.161  -12.265 1.00 54.30  ? 59   ALA A C     1 
ATOM   409  O O     . ALA A 1 59  ? -14.978 -8.860  -11.253 1.00 57.51  ? 59   ALA A O     1 
ATOM   410  C CB    . ALA A 1 59  ? -15.311 -10.004 -13.878 1.00 50.87  ? 59   ALA A CB    1 
ATOM   411  N N     . LEU A 1 60  ? -14.141 -7.055  -12.281 1.00 52.39  ? 60   LEU A N     1 
ATOM   412  C CA    . LEU A 1 60  ? -13.444 -6.646  -11.081 1.00 51.96  ? 60   LEU A CA    1 
ATOM   413  C C     . LEU A 1 60  ? -13.976 -5.331  -10.546 1.00 52.44  ? 60   LEU A C     1 
ATOM   414  O O     . LEU A 1 60  ? -13.477 -4.832  -9.534  1.00 54.39  ? 60   LEU A O     1 
ATOM   415  C CB    . LEU A 1 60  ? -11.944 -6.544  -11.361 1.00 54.29  ? 60   LEU A CB    1 
ATOM   416  C CG    . LEU A 1 60  ? -11.326 -7.840  -11.922 1.00 55.95  ? 60   LEU A CG    1 
ATOM   417  C CD1   . LEU A 1 60  ? -10.180 -7.491  -12.869 1.00 54.89  ? 60   LEU A CD1   1 
ATOM   418  C CD2   . LEU A 1 60  ? -10.850 -8.762  -10.786 1.00 53.94  ? 60   LEU A CD2   1 
ATOM   419  N N     . VAL A 1 61  ? -14.985 -4.763  -11.212 1.00 49.53  ? 61   VAL A N     1 
ATOM   420  C CA    . VAL A 1 61  ? -15.556 -3.497  -10.749 1.00 47.23  ? 61   VAL A CA    1 
ATOM   421  C C     . VAL A 1 61  ? -16.767 -3.733  -9.865  1.00 43.62  ? 61   VAL A C     1 
ATOM   422  O O     . VAL A 1 61  ? -17.060 -2.942  -8.976  1.00 45.44  ? 61   VAL A O     1 
ATOM   423  C CB    . VAL A 1 61  ? -15.997 -2.563  -11.907 1.00 49.10  ? 61   VAL A CB    1 
ATOM   424  C CG1   . VAL A 1 61  ? -17.502 -2.651  -12.116 1.00 56.71  ? 61   VAL A CG1   1 
ATOM   425  C CG2   . VAL A 1 61  ? -15.637 -1.123  -11.575 1.00 51.56  ? 61   VAL A CG2   1 
ATOM   426  N N     . PRO A 1 62  ? -17.508 -4.814  -10.115 1.00 40.54  ? 62   PRO A N     1 
ATOM   427  C CA    . PRO A 1 62  ? -18.652 -4.972  -9.223  1.00 38.73  ? 62   PRO A CA    1 
ATOM   428  C C     . PRO A 1 62  ? -18.163 -5.317  -7.821  1.00 35.94  ? 62   PRO A C     1 
ATOM   429  O O     . PRO A 1 62  ? -18.617 -4.767  -6.812  1.00 33.50  ? 62   PRO A O     1 
ATOM   430  C CB    . PRO A 1 62  ? -19.430 -6.113  -9.882  1.00 35.62  ? 62   PRO A CB    1 
ATOM   431  C CG    . PRO A 1 62  ? -19.127 -5.926  -11.340 1.00 31.94  ? 62   PRO A CG    1 
ATOM   432  C CD    . PRO A 1 62  ? -17.638 -5.693  -11.296 1.00 38.73  ? 62   PRO A CD    1 
ATOM   433  N N     . LEU A 1 63  ? -17.221 -6.248  -7.788  1.00 38.24  ? 63   LEU A N     1 
ATOM   434  C CA    . LEU A 1 63  ? -16.624 -6.733  -6.559  1.00 37.63  ? 63   LEU A CA    1 
ATOM   435  C C     . LEU A 1 63  ? -16.105 -5.617  -5.701  1.00 38.91  ? 63   LEU A C     1 
ATOM   436  O O     . LEU A 1 63  ? -16.113 -5.699  -4.472  1.00 41.66  ? 63   LEU A O     1 
ATOM   437  C CB    . LEU A 1 63  ? -15.482 -7.660  -6.891  1.00 33.92  ? 63   LEU A CB    1 
ATOM   438  C CG    . LEU A 1 63  ? -15.776 -9.087  -6.499  1.00 37.99  ? 63   LEU A CG    1 
ATOM   439  C CD1   . LEU A 1 63  ? -14.647 -9.945  -7.020  1.00 38.26  ? 63   LEU A CD1   1 
ATOM   440  C CD2   . LEU A 1 63  ? -15.935 -9.197  -4.967  1.00 35.71  ? 63   LEU A CD2   1 
ATOM   441  N N     . ALA A 1 64  ? -15.643 -4.572  -6.357  1.00 36.77  ? 64   ALA A N     1 
ATOM   442  C CA    . ALA A 1 64  ? -15.110 -3.445  -5.651  1.00 38.91  ? 64   ALA A CA    1 
ATOM   443  C C     . ALA A 1 64  ? -16.206 -2.526  -5.123  1.00 43.02  ? 64   ALA A C     1 
ATOM   444  O O     . ALA A 1 64  ? -16.287 -2.273  -3.921  1.00 44.80  ? 64   ALA A O     1 
ATOM   445  C CB    . ALA A 1 64  ? -14.178 -2.692  -6.553  1.00 33.61  ? 64   ALA A CB    1 
ATOM   446  N N     . SER A 1 65  ? -17.062 -2.045  -6.014  1.00 45.86  ? 65   SER A N     1 
ATOM   447  C CA    . SER A 1 65  ? -18.124 -1.117  -5.624  1.00 49.98  ? 65   SER A CA    1 
ATOM   448  C C     . SER A 1 65  ? -19.188 -1.601  -4.631  1.00 51.85  ? 65   SER A C     1 
ATOM   449  O O     . SER A 1 65  ? -20.222 -0.960  -4.465  1.00 51.49  ? 65   SER A O     1 
ATOM   450  C CB    . SER A 1 65  ? -18.797 -0.559  -6.882  1.00 50.94  ? 65   SER A CB    1 
ATOM   451  O OG    . SER A 1 65  ? -19.026 -1.581  -7.832  1.00 52.02  ? 65   SER A OG    1 
ATOM   452  N N     . HIS A 1 66  ? -18.939 -2.724  -3.967  1.00 54.35  ? 66   HIS A N     1 
ATOM   453  C CA    . HIS A 1 66  ? -19.874 -3.251  -2.971  1.00 55.72  ? 66   HIS A CA    1 
ATOM   454  C C     . HIS A 1 66  ? -19.073 -4.097  -1.990  1.00 55.96  ? 66   HIS A C     1 
ATOM   455  O O     . HIS A 1 66  ? -19.626 -4.942  -1.280  1.00 54.53  ? 66   HIS A O     1 
ATOM   456  C CB    . HIS A 1 66  ? -20.966 -4.116  -3.628  1.00 56.08  ? 66   HIS A CB    1 
ATOM   457  C CG    . HIS A 1 66  ? -21.985 -3.338  -4.408  1.00 58.20  ? 66   HIS A CG    1 
ATOM   458  N ND1   . HIS A 1 66  ? -21.824 -3.019  -5.742  1.00 59.94  ? 66   HIS A ND1   1 
ATOM   459  C CD2   . HIS A 1 66  ? -23.178 -2.815  -4.042  1.00 59.22  ? 66   HIS A CD2   1 
ATOM   460  C CE1   . HIS A 1 66  ? -22.874 -2.336  -6.161  1.00 58.03  ? 66   HIS A CE1   1 
ATOM   461  N NE2   . HIS A 1 66  ? -23.713 -2.198  -5.147  1.00 60.14  ? 66   HIS A NE2   1 
ATOM   462  N N     . LEU A 1 67  ? -17.764 -3.835  -1.958  1.00 55.57  ? 67   LEU A N     1 
ATOM   463  C CA    . LEU A 1 67  ? -16.817 -4.556  -1.111  1.00 55.82  ? 67   LEU A CA    1 
ATOM   464  C C     . LEU A 1 67  ? -17.023 -4.320  0.381   1.00 55.86  ? 67   LEU A C     1 
ATOM   465  O O     . LEU A 1 67  ? -17.170 -3.181  0.828   1.00 59.73  ? 67   LEU A O     1 
ATOM   466  C CB    . LEU A 1 67  ? -15.388 -4.171  -1.499  1.00 54.02  ? 67   LEU A CB    1 
ATOM   467  C CG    . LEU A 1 67  ? -14.386 -5.272  -1.172  1.00 56.44  ? 67   LEU A CG    1 
ATOM   468  C CD1   . LEU A 1 67  ? -14.817 -6.532  -1.935  1.00 53.23  ? 67   LEU A CD1   1 
ATOM   469  C CD2   . LEU A 1 67  ? -12.962 -4.851  -1.536  1.00 53.98  ? 67   LEU A CD2   1 
ATOM   470  N N     . ASP A 1 68  ? -17.019 -5.402  1.152   1.00 53.64  ? 68   ASP A N     1 
ATOM   471  C CA    . ASP A 1 68  ? -17.229 -5.326  2.590   1.00 55.40  ? 68   ASP A CA    1 
ATOM   472  C C     . ASP A 1 68  ? -15.892 -5.375  3.349   1.00 58.33  ? 68   ASP A C     1 
ATOM   473  O O     . ASP A 1 68  ? -15.716 -6.211  4.236   1.00 59.39  ? 68   ASP A O     1 
ATOM   474  C CB    . ASP A 1 68  ? -18.131 -6.499  3.023   1.00 56.10  ? 68   ASP A CB    1 
ATOM   475  C CG    . ASP A 1 68  ? -18.811 -6.278  4.384   1.00 59.46  ? 68   ASP A CG    1 
ATOM   476  O OD1   . ASP A 1 68  ? -18.125 -5.892  5.353   1.00 61.17  ? 68   ASP A OD1   1 
ATOM   477  O OD2   . ASP A 1 68  ? -20.036 -6.509  4.494   1.00 61.33  ? 68   ASP A OD2   1 
ATOM   478  N N     . VAL A 1 69  ? -14.947 -4.488  3.031   1.00 61.96  ? 69   VAL A N     1 
ATOM   479  C CA    . VAL A 1 69  ? -13.656 -4.521  3.736   1.00 66.65  ? 69   VAL A CA    1 
ATOM   480  C C     . VAL A 1 69  ? -13.360 -3.352  4.664   1.00 69.82  ? 69   VAL A C     1 
ATOM   481  O O     . VAL A 1 69  ? -13.265 -2.217  4.209   1.00 71.90  ? 69   VAL A O     1 
ATOM   482  C CB    . VAL A 1 69  ? -12.489 -4.608  2.768   1.00 67.61  ? 69   VAL A CB    1 
ATOM   483  C CG1   . VAL A 1 69  ? -11.185 -4.575  3.558   1.00 66.67  ? 69   VAL A CG1   1 
ATOM   484  C CG2   . VAL A 1 69  ? -12.605 -5.881  1.932   1.00 69.25  ? 69   VAL A CG2   1 
ATOM   485  N N     . ARG A 1 70  ? -13.177 -3.656  5.950   1.00 69.92  ? 70   ARG A N     1 
ATOM   486  C CA    . ARG A 1 70  ? -12.899 -2.655  6.962   1.00 70.13  ? 70   ARG A CA    1 
ATOM   487  C C     . ARG A 1 70  ? -11.641 -3.012  7.746   1.00 70.35  ? 70   ARG A C     1 
ATOM   488  O O     . ARG A 1 70  ? -11.154 -4.134  7.678   1.00 71.08  ? 70   ARG A O     1 
ATOM   489  C CB    . ARG A 1 70  ? -14.077 -2.540  7.921   1.00 72.09  ? 70   ARG A CB    1 
ATOM   490  C CG    . ARG A 1 70  ? -15.429 -2.245  7.268   1.00 74.17  ? 70   ARG A CG    1 
ATOM   491  C CD    . ARG A 1 70  ? -16.477 -1.940  8.361   1.00 78.27  ? 70   ARG A CD    1 
ATOM   492  N NE    . ARG A 1 70  ? -17.808 -1.648  7.827   1.00 79.07  ? 70   ARG A NE    1 
ATOM   493  C CZ    . ARG A 1 70  ? -18.617 -2.556  7.287   1.00 81.05  ? 70   ARG A CZ    1 
ATOM   494  N NH1   . ARG A 1 70  ? -18.236 -3.823  7.207   1.00 82.40  ? 70   ARG A NH1   1 
ATOM   495  N NH2   . ARG A 1 70  ? -19.811 -2.202  6.824   1.00 80.86  ? 70   ARG A NH2   1 
ATOM   496  N N     . PHE A 1 71  ? -11.133 -2.060  8.519   1.00 71.35  ? 71   PHE A N     1 
ATOM   497  C CA    . PHE A 1 71  ? -9.919  -2.260  9.319   1.00 73.46  ? 71   PHE A CA    1 
ATOM   498  C C     . PHE A 1 71  ? -10.153 -2.058  10.811  1.00 73.29  ? 71   PHE A C     1 
ATOM   499  O O     . PHE A 1 71  ? -10.834 -1.115  11.193  1.00 72.72  ? 71   PHE A O     1 
ATOM   500  C CB    . PHE A 1 71  ? -8.834  -1.278  8.869   1.00 73.87  ? 71   PHE A CB    1 
ATOM   501  C CG    . PHE A 1 71  ? -8.233  -1.612  7.546   1.00 70.90  ? 71   PHE A CG    1 
ATOM   502  C CD1   . PHE A 1 71  ? -8.880  -1.281  6.360   1.00 69.05  ? 71   PHE A CD1   1 
ATOM   503  C CD2   . PHE A 1 71  ? -7.037  -2.316  7.495   1.00 70.53  ? 71   PHE A CD2   1 
ATOM   504  C CE1   . PHE A 1 71  ? -8.339  -1.652  5.136   1.00 70.44  ? 71   PHE A CE1   1 
ATOM   505  C CE2   . PHE A 1 71  ? -6.481  -2.696  6.286   1.00 70.24  ? 71   PHE A CE2   1 
ATOM   506  C CZ    . PHE A 1 71  ? -7.131  -2.367  5.095   1.00 69.01  ? 71   PHE A CZ    1 
ATOM   507  N N     . VAL A 1 72  ? -9.552  -2.909  11.645  1.00 75.01  ? 72   VAL A N     1 
ATOM   508  C CA    . VAL A 1 72  ? -9.701  -2.816  13.108  1.00 79.22  ? 72   VAL A CA    1 
ATOM   509  C C     . VAL A 1 72  ? -9.285  -1.452  13.686  1.00 81.61  ? 72   VAL A C     1 
ATOM   510  O O     . VAL A 1 72  ? -8.911  -0.541  12.944  1.00 80.39  ? 72   VAL A O     1 
ATOM   511  C CB    . VAL A 1 72  ? -8.871  -3.905  13.838  1.00 77.54  ? 72   VAL A CB    1 
ATOM   512  C CG1   . VAL A 1 72  ? -9.301  -5.282  13.383  1.00 77.63  ? 72   VAL A CG1   1 
ATOM   513  C CG2   . VAL A 1 72  ? -7.397  -3.696  13.578  1.00 76.80  ? 72   VAL A CG2   1 
ATOM   514  N N     . SER A 1 73  ? -9.355  -1.319  15.011  1.00 85.36  ? 73   SER A N     1 
ATOM   515  C CA    . SER A 1 73  ? -8.983  -0.073  15.680  1.00 89.75  ? 73   SER A CA    1 
ATOM   516  C C     . SER A 1 73  ? -7.566  -0.173  16.229  1.00 91.84  ? 73   SER A C     1 
ATOM   517  O O     . SER A 1 73  ? -6.641  -0.565  15.517  1.00 92.60  ? 73   SER A O     1 
ATOM   518  C CB    . SER A 1 73  ? -9.954  0.226   16.825  1.00 90.75  ? 73   SER A CB    1 
ATOM   519  O OG    . SER A 1 73  ? -9.663  1.475   17.427  1.00 92.43  ? 73   SER A OG    1 
ATOM   520  N N     . THR A 1 74  ? -7.399  0.187   17.499  1.00 94.54  ? 74   THR A N     1 
ATOM   521  C CA    . THR A 1 74  ? -6.094  0.128   18.147  1.00 95.35  ? 74   THR A CA    1 
ATOM   522  C C     . THR A 1 74  ? -6.022  -1.057  19.098  1.00 95.02  ? 74   THR A C     1 
ATOM   523  O O     . THR A 1 74  ? -6.573  -1.035  20.198  1.00 95.38  ? 74   THR A O     1 
ATOM   524  C CB    . THR A 1 74  ? -5.795  1.415   18.933  1.00 95.77  ? 74   THR A CB    1 
ATOM   525  O OG1   . THR A 1 74  ? -5.745  2.527   18.031  1.00 96.43  ? 74   THR A OG1   1 
ATOM   526  C CG2   . THR A 1 74  ? -4.460  1.293   19.650  1.00 97.78  ? 74   THR A CG2   1 
ATOM   527  N N     . ASN A 1 75  ? -5.329  -2.094  18.657  1.00 94.47  ? 75   ASN A N     1 
ATOM   528  C CA    . ASN A 1 75  ? -5.167  -3.307  19.437  1.00 96.26  ? 75   ASN A CA    1 
ATOM   529  C C     . ASN A 1 75  ? -3.701  -3.715  19.397  1.00 96.02  ? 75   ASN A C     1 
ATOM   530  O O     . ASN A 1 75  ? -2.814  -2.933  19.751  1.00 96.06  ? 75   ASN A O     1 
ATOM   531  C CB    . ASN A 1 75  ? -6.033  -4.414  18.833  1.00 99.10  ? 75   ASN A CB    1 
ATOM   532  C CG    . ASN A 1 75  ? -5.896  -4.505  17.312  1.00 101.71 ? 75   ASN A CG    1 
ATOM   533  O OD1   . ASN A 1 75  ? -6.177  -3.540  16.595  1.00 102.35 ? 75   ASN A OD1   1 
ATOM   534  N ND2   . ASN A 1 75  ? -5.464  -5.667  16.816  1.00 98.35  ? 75   ASN A ND2   1 
ATOM   535  N N     . GLY A 1 76  ? -3.457  -4.948  18.970  1.00 94.72  ? 76   GLY A N     1 
ATOM   536  C CA    . GLY A 1 76  ? -2.099  -5.424  18.860  1.00 94.88  ? 76   GLY A CA    1 
ATOM   537  C C     . GLY A 1 76  ? -1.448  -4.707  17.693  1.00 95.00  ? 76   GLY A C     1 
ATOM   538  O O     . GLY A 1 76  ? -0.472  -3.977  17.874  1.00 96.95  ? 76   GLY A O     1 
ATOM   539  N N     . ASN A 1 77  ? -2.001  -4.896  16.496  1.00 94.30  ? 77   ASN A N     1 
ATOM   540  C CA    . ASN A 1 77  ? -1.460  -4.268  15.290  1.00 93.46  ? 77   ASN A CA    1 
ATOM   541  C C     . ASN A 1 77  ? -2.536  -3.653  14.398  1.00 91.29  ? 77   ASN A C     1 
ATOM   542  O O     . ASN A 1 77  ? -2.825  -2.458  14.477  1.00 89.74  ? 77   ASN A O     1 
ATOM   543  C CB    . ASN A 1 77  ? -0.683  -5.289  14.457  1.00 95.03  ? 77   ASN A CB    1 
ATOM   544  C CG    . ASN A 1 77  ? 0.367   -6.022  15.255  1.00 95.63  ? 77   ASN A CG    1 
ATOM   545  O OD1   . ASN A 1 77  ? 1.264   -5.411  15.843  1.00 95.86  ? 77   ASN A OD1   1 
ATOM   546  N ND2   . ASN A 1 77  ? 0.269   -7.346  15.273  1.00 96.51  ? 77   ASN A ND2   1 
ATOM   547  N N     . LEU A 1 78  ? -3.108  -4.486  13.533  1.00 89.50  ? 78   LEU A N     1 
ATOM   548  C CA    . LEU A 1 78  ? -4.143  -4.053  12.605  1.00 86.18  ? 78   LEU A CA    1 
ATOM   549  C C     . LEU A 1 78  ? -4.636  -5.243  11.774  1.00 82.86  ? 78   LEU A C     1 
ATOM   550  O O     . LEU A 1 78  ? -3.974  -5.691  10.835  1.00 81.63  ? 78   LEU A O     1 
ATOM   551  C CB    . LEU A 1 78  ? -3.592  -2.951  11.692  1.00 88.20  ? 78   LEU A CB    1 
ATOM   552  C CG    . LEU A 1 78  ? -4.499  -1.760  11.378  1.00 88.25  ? 78   LEU A CG    1 
ATOM   553  C CD1   . LEU A 1 78  ? -4.909  -1.081  12.669  1.00 89.38  ? 78   LEU A CD1   1 
ATOM   554  C CD2   . LEU A 1 78  ? -3.766  -0.775  10.479  1.00 89.80  ? 78   LEU A CD2   1 
ATOM   555  N N     . GLU A 1 79  ? -5.799  -5.762  12.156  1.00 80.01  ? 79   GLU A N     1 
ATOM   556  C CA    . GLU A 1 79  ? -6.422  -6.883  11.471  1.00 77.07  ? 79   GLU A CA    1 
ATOM   557  C C     . GLU A 1 79  ? -7.424  -6.385  10.436  1.00 73.91  ? 79   GLU A C     1 
ATOM   558  O O     . GLU A 1 79  ? -8.288  -5.548  10.721  1.00 73.52  ? 79   GLU A O     1 
ATOM   559  C CB    . GLU A 1 79  ? -7.164  -7.778  12.458  1.00 80.32  ? 79   GLU A CB    1 
ATOM   560  C CG    . GLU A 1 79  ? -6.288  -8.573  13.395  1.00 86.87  ? 79   GLU A CG    1 
ATOM   561  C CD    . GLU A 1 79  ? -7.110  -9.484  14.275  1.00 90.50  ? 79   GLU A CD    1 
ATOM   562  O OE1   . GLU A 1 79  ? -6.515  -10.242 15.065  1.00 92.61  ? 79   GLU A OE1   1 
ATOM   563  O OE2   . GLU A 1 79  ? -8.356  -9.438  14.170  1.00 90.72  ? 79   GLU A OE2   1 
ATOM   564  N N     . VAL A 1 80  ? -7.313  -6.914  9.229   1.00 68.60  ? 80   VAL A N     1 
ATOM   565  C CA    . VAL A 1 80  ? -8.215  -6.519  8.168   1.00 58.57  ? 80   VAL A CA    1 
ATOM   566  C C     . VAL A 1 80  ? -9.348  -7.524  8.215   1.00 54.85  ? 80   VAL A C     1 
ATOM   567  O O     . VAL A 1 80  ? -9.111  -8.708  8.430   1.00 53.24  ? 80   VAL A O     1 
ATOM   568  C CB    . VAL A 1 80  ? -7.501  -6.578  6.808   1.00 54.74  ? 80   VAL A CB    1 
ATOM   569  C CG1   . VAL A 1 80  ? -8.056  -5.497  5.888   1.00 52.84  ? 80   VAL A CG1   1 
ATOM   570  C CG2   . VAL A 1 80  ? -5.995  -6.405  7.002   1.00 51.04  ? 80   VAL A CG2   1 
ATOM   571  N N     . ILE A 1 81  ? -10.576 -7.047  8.042   1.00 54.16  ? 81   ILE A N     1 
ATOM   572  C CA    . ILE A 1 81  ? -11.753 -7.919  8.070   1.00 51.90  ? 81   ILE A CA    1 
ATOM   573  C C     . ILE A 1 81  ? -12.448 -8.002  6.702   1.00 50.71  ? 81   ILE A C     1 
ATOM   574  O O     . ILE A 1 81  ? -12.403 -7.054  5.926   1.00 54.07  ? 81   ILE A O     1 
ATOM   575  C CB    . ILE A 1 81  ? -12.749 -7.430  9.151   1.00 51.06  ? 81   ILE A CB    1 
ATOM   576  C CG1   . ILE A 1 81  ? -12.050 -7.466  10.515  1.00 48.66  ? 81   ILE A CG1   1 
ATOM   577  C CG2   . ILE A 1 81  ? -14.024 -8.267  9.116   1.00 50.06  ? 81   ILE A CG2   1 
ATOM   578  C CD1   . ILE A 1 81  ? -12.966 -7.356  11.712  1.00 54.72  ? 81   ILE A CD1   1 
ATOM   579  N N     . LEU A 1 82  ? -13.080 -9.135  6.395   1.00 47.74  ? 82   LEU A N     1 
ATOM   580  C CA    . LEU A 1 82  ? -13.752 -9.284  5.100   1.00 43.14  ? 82   LEU A CA    1 
ATOM   581  C C     . LEU A 1 82  ? -15.059 -10.078 5.098   1.00 43.09  ? 82   LEU A C     1 
ATOM   582  O O     . LEU A 1 82  ? -15.139 -11.239 5.526   1.00 40.88  ? 82   LEU A O     1 
ATOM   583  C CB    . LEU A 1 82  ? -12.810 -9.895  4.055   1.00 37.30  ? 82   LEU A CB    1 
ATOM   584  C CG    . LEU A 1 82  ? -13.434 -10.132 2.669   1.00 32.28  ? 82   LEU A CG    1 
ATOM   585  C CD1   . LEU A 1 82  ? -13.931 -8.819  2.094   1.00 33.48  ? 82   LEU A CD1   1 
ATOM   586  C CD2   . LEU A 1 82  ? -12.407 -10.770 1.740   1.00 32.61  ? 82   LEU A CD2   1 
ATOM   587  N N     . GLU A 1 83  ? -16.079 -9.405  4.582   1.00 43.10  ? 83   GLU A N     1 
ATOM   588  C CA    . GLU A 1 83  ? -17.413 -9.922  4.457   1.00 42.58  ? 83   GLU A CA    1 
ATOM   589  C C     . GLU A 1 83  ? -17.911 -10.573 5.734   1.00 45.62  ? 83   GLU A C     1 
ATOM   590  O O     . GLU A 1 83  ? -18.925 -11.277 5.742   1.00 49.01  ? 83   GLU A O     1 
ATOM   591  C CB    . GLU A 1 83  ? -17.459 -10.858 3.252   1.00 46.27  ? 83   GLU A CB    1 
ATOM   592  C CG    . GLU A 1 83  ? -17.034 -10.142 1.952   1.00 44.82  ? 83   GLU A CG    1 
ATOM   593  C CD    . GLU A 1 83  ? -17.400 -10.898 0.683   1.00 49.05  ? 83   GLU A CD    1 
ATOM   594  O OE1   . GLU A 1 83  ? -17.120 -12.115 0.582   1.00 48.37  ? 83   GLU A OE1   1 
ATOM   595  O OE2   . GLU A 1 83  ? -17.967 -10.259 -0.230  1.00 53.86  ? 83   GLU A OE2   1 
ATOM   596  N N     . GLY A 1 84  ? -17.206 -10.299 6.827   1.00 47.73  ? 84   GLY A N     1 
ATOM   597  C CA    . GLY A 1 84  ? -17.589 -10.847 8.110   1.00 48.64  ? 84   GLY A CA    1 
ATOM   598  C C     . GLY A 1 84  ? -16.495 -11.564 8.874   1.00 51.98  ? 84   GLY A C     1 
ATOM   599  O O     . GLY A 1 84  ? -16.673 -11.811 10.059  1.00 54.09  ? 84   GLY A O     1 
ATOM   600  N N     . GLU A 1 85  ? -15.374 -11.906 8.241   1.00 52.70  ? 85   GLU A N     1 
ATOM   601  C CA    . GLU A 1 85  ? -14.310 -12.612 8.962   1.00 54.80  ? 85   GLU A CA    1 
ATOM   602  C C     . GLU A 1 85  ? -12.903 -12.082 8.724   1.00 54.16  ? 85   GLU A C     1 
ATOM   603  O O     . GLU A 1 85  ? -12.626 -11.457 7.704   1.00 53.69  ? 85   GLU A O     1 
ATOM   604  C CB    . GLU A 1 85  ? -14.331 -14.103 8.626   1.00 57.00  ? 85   GLU A CB    1 
ATOM   605  C CG    . GLU A 1 85  ? -15.413 -14.898 9.329   1.00 63.05  ? 85   GLU A CG    1 
ATOM   606  C CD    . GLU A 1 85  ? -15.392 -16.357 8.917   1.00 70.15  ? 85   GLU A CD    1 
ATOM   607  O OE1   . GLU A 1 85  ? -16.202 -17.150 9.455   1.00 71.51  ? 85   GLU A OE1   1 
ATOM   608  O OE2   . GLU A 1 85  ? -14.559 -16.707 8.048   1.00 74.62  ? 85   GLU A OE2   1 
ATOM   609  N N     . ASP A 1 86  ? -12.011 -12.347 9.674   1.00 53.87  ? 86   ASP A N     1 
ATOM   610  C CA    . ASP A 1 86  ? -10.629 -11.888 9.574   1.00 53.58  ? 86   ASP A CA    1 
ATOM   611  C C     . ASP A 1 86  ? -9.890  -12.649 8.474   1.00 55.77  ? 86   ASP A C     1 
ATOM   612  O O     . ASP A 1 86  ? -10.128 -13.843 8.266   1.00 57.20  ? 86   ASP A O     1 
ATOM   613  C CB    . ASP A 1 86  ? -9.919  -12.071 10.925  1.00 51.96  ? 86   ASP A CB    1 
ATOM   614  C CG    . ASP A 1 86  ? -8.466  -11.658 10.883  1.00 51.26  ? 86   ASP A CG    1 
ATOM   615  O OD1   . ASP A 1 86  ? -8.199  -10.511 10.454  1.00 57.88  ? 86   ASP A OD1   1 
ATOM   616  O OD2   . ASP A 1 86  ? -7.595  -12.468 11.278  1.00 43.45  ? 86   ASP A OD2   1 
ATOM   617  N N     . VAL A 1 87  ? -9.001  -11.952 7.765   1.00 54.92  ? 87   VAL A N     1 
ATOM   618  C CA    . VAL A 1 87  ? -8.230  -12.557 6.672   1.00 51.00  ? 87   VAL A CA    1 
ATOM   619  C C     . VAL A 1 87  ? -6.790  -12.009 6.611   1.00 49.45  ? 87   VAL A C     1 
ATOM   620  O O     . VAL A 1 87  ? -6.092  -12.162 5.602   1.00 44.89  ? 87   VAL A O     1 
ATOM   621  C CB    . VAL A 1 87  ? -8.910  -12.283 5.297   1.00 51.18  ? 87   VAL A CB    1 
ATOM   622  C CG1   . VAL A 1 87  ? -10.371 -12.734 5.324   1.00 48.18  ? 87   VAL A CG1   1 
ATOM   623  C CG2   . VAL A 1 87  ? -8.821  -10.801 4.957   1.00 50.68  ? 87   VAL A CG2   1 
ATOM   624  N N     . SER A 1 88  ? -6.366  -11.355 7.686   1.00 47.36  ? 88   SER A N     1 
ATOM   625  C CA    . SER A 1 88  ? -5.039  -10.796 7.739   1.00 46.71  ? 88   SER A CA    1 
ATOM   626  C C     . SER A 1 88  ? -4.060  -11.792 7.148   1.00 48.50  ? 88   SER A C     1 
ATOM   627  O O     . SER A 1 88  ? -3.663  -11.680 5.988   1.00 50.85  ? 88   SER A O     1 
ATOM   628  C CB    . SER A 1 88  ? -4.657  -10.478 9.174   1.00 44.66  ? 88   SER A CB    1 
ATOM   629  O OG    . SER A 1 88  ? -5.519  -9.492  9.701   1.00 50.75  ? 88   SER A OG    1 
ATOM   630  N N     . GLY A 1 89  ? -3.692  -12.791 7.937   1.00 46.61  ? 89   GLY A N     1 
ATOM   631  C CA    . GLY A 1 89  ? -2.745  -13.786 7.465   1.00 43.18  ? 89   GLY A CA    1 
ATOM   632  C C     . GLY A 1 89  ? -2.983  -14.320 6.068   1.00 38.18  ? 89   GLY A C     1 
ATOM   633  O O     . GLY A 1 89  ? -2.036  -14.734 5.406   1.00 37.29  ? 89   GLY A O     1 
ATOM   634  N N     . GLU A 1 90  ? -4.234  -14.299 5.609   1.00 38.25  ? 90   GLU A N     1 
ATOM   635  C CA    . GLU A 1 90  ? -4.550  -14.808 4.273   1.00 39.36  ? 90   GLU A CA    1 
ATOM   636  C C     . GLU A 1 90  ? -4.265  -13.825 3.152   1.00 39.91  ? 90   GLU A C     1 
ATOM   637  O O     . GLU A 1 90  ? -3.986  -14.245 2.029   1.00 40.50  ? 90   GLU A O     1 
ATOM   638  C CB    . GLU A 1 90  ? -6.005  -15.240 4.190   1.00 39.05  ? 90   GLU A CB    1 
ATOM   639  C CG    . GLU A 1 90  ? -6.333  -16.013 2.936   1.00 38.79  ? 90   GLU A CG    1 
ATOM   640  C CD    . GLU A 1 90  ? -7.755  -16.529 2.958   1.00 43.05  ? 90   GLU A CD    1 
ATOM   641  O OE1   . GLU A 1 90  ? -8.074  -17.381 2.103   1.00 47.77  ? 90   GLU A OE1   1 
ATOM   642  O OE2   . GLU A 1 90  ? -8.554  -16.095 3.825   1.00 33.43  ? 90   GLU A OE2   1 
ATOM   643  N N     . ILE A 1 91  ? -4.357  -12.528 3.442   1.00 42.44  ? 91   ILE A N     1 
ATOM   644  C CA    . ILE A 1 91  ? -4.066  -11.495 2.437   1.00 42.39  ? 91   ILE A CA    1 
ATOM   645  C C     . ILE A 1 91  ? -2.546  -11.328 2.374   1.00 42.25  ? 91   ILE A C     1 
ATOM   646  O O     . ILE A 1 91  ? -2.011  -10.689 1.482   1.00 42.57  ? 91   ILE A O     1 
ATOM   647  C CB    . ILE A 1 91  ? -4.686  -10.114 2.806   1.00 39.98  ? 91   ILE A CB    1 
ATOM   648  C CG1   . ILE A 1 91  ? -4.163  -9.670  4.192   1.00 39.77  ? 91   ILE A CG1   1 
ATOM   649  C CG2   . ILE A 1 91  ? -6.230  -10.198 2.755   1.00 40.77  ? 91   ILE A CG2   1 
ATOM   650  C CD1   . ILE A 1 91  ? -4.457  -8.197  4.628   1.00 28.54  ? 91   ILE A CD1   1 
ATOM   651  N N     . ARG A 1 92  ? -1.846  -11.901 3.345   1.00 39.69  ? 92   ARG A N     1 
ATOM   652  C CA    . ARG A 1 92  ? -0.409  -11.787 3.350   1.00 39.05  ? 92   ARG A CA    1 
ATOM   653  C C     . ARG A 1 92  ? 0.163   -13.066 2.771   1.00 42.12  ? 92   ARG A C     1 
ATOM   654  O O     . ARG A 1 92  ? 1.311   -13.429 3.001   1.00 43.66  ? 92   ARG A O     1 
ATOM   655  C CB    . ARG A 1 92  ? 0.085   -11.500 4.766   1.00 41.79  ? 92   ARG A CB    1 
ATOM   656  C CG    . ARG A 1 92  ? -0.509  -10.194 5.356   1.00 44.10  ? 92   ARG A CG    1 
ATOM   657  C CD    . ARG A 1 92  ? -0.399  -9.025  4.364   1.00 44.59  ? 92   ARG A CD    1 
ATOM   658  N NE    . ARG A 1 92  ? -0.748  -7.725  4.935   1.00 45.26  ? 92   ARG A NE    1 
ATOM   659  C CZ    . ARG A 1 92  ? -0.563  -6.563  4.307   1.00 48.46  ? 92   ARG A CZ    1 
ATOM   660  N NH1   . ARG A 1 92  ? -0.037  -6.534  3.089   1.00 50.98  ? 92   ARG A NH1   1 
ATOM   661  N NH2   . ARG A 1 92  ? -0.884  -5.423  4.896   1.00 45.19  ? 92   ARG A NH2   1 
ATOM   662  N N     . THR A 1 93  ? -0.675  -13.729 1.985   1.00 47.99  ? 93   THR A N     1 
ATOM   663  C CA    . THR A 1 93  ? -0.322  -14.959 1.297   1.00 51.42  ? 93   THR A CA    1 
ATOM   664  C C     . THR A 1 93  ? 0.626   -14.623 0.149   1.00 55.34  ? 93   THR A C     1 
ATOM   665  O O     . THR A 1 93  ? 0.737   -13.465 -0.248  1.00 56.12  ? 93   THR A O     1 
ATOM   666  C CB    . THR A 1 93  ? -1.568  -15.617 0.708   1.00 51.03  ? 93   THR A CB    1 
ATOM   667  O OG1   . THR A 1 93  ? -2.470  -14.593 0.275   1.00 44.65  ? 93   THR A OG1   1 
ATOM   668  C CG2   . THR A 1 93  ? -2.242  -16.514 1.731   1.00 49.65  ? 93   THR A CG2   1 
ATOM   669  N N     . GLN A 1 94  ? 1.302   -15.634 -0.391  1.00 56.20  ? 94   GLN A N     1 
ATOM   670  C CA    . GLN A 1 94  ? 2.237   -15.411 -1.489  1.00 53.24  ? 94   GLN A CA    1 
ATOM   671  C C     . GLN A 1 94  ? 1.568   -15.684 -2.818  1.00 47.89  ? 94   GLN A C     1 
ATOM   672  O O     . GLN A 1 94  ? 2.229   -15.834 -3.831  1.00 47.87  ? 94   GLN A O     1 
ATOM   673  C CB    . GLN A 1 94  ? 3.498   -16.288 -1.326  1.00 58.54  ? 94   GLN A CB    1 
ATOM   674  C CG    . GLN A 1 94  ? 4.622   -15.658 -0.465  1.00 55.37  ? 94   GLN A CG    1 
ATOM   675  C CD    . GLN A 1 94  ? 5.424   -14.582 -1.202  1.00 57.92  ? 94   GLN A CD    1 
ATOM   676  O OE1   . GLN A 1 94  ? 6.169   -13.822 -0.585  1.00 58.30  ? 94   GLN A OE1   1 
ATOM   677  N NE2   . GLN A 1 94  ? 5.280   -14.525 -2.523  1.00 56.33  ? 94   GLN A NE2   1 
ATOM   678  N N     . GLU A 1 95  ? 0.246   -15.733 -2.795  1.00 44.97  ? 95   GLU A N     1 
ATOM   679  C CA    . GLU A 1 95  ? -0.541  -15.966 -3.994  1.00 45.21  ? 95   GLU A CA    1 
ATOM   680  C C     . GLU A 1 95  ? -1.515  -14.807 -4.154  1.00 47.33  ? 95   GLU A C     1 
ATOM   681  O O     . GLU A 1 95  ? -1.600  -14.205 -5.220  1.00 49.75  ? 95   GLU A O     1 
ATOM   682  C CB    . GLU A 1 95  ? -1.309  -17.270 -3.867  1.00 45.95  ? 95   GLU A CB    1 
ATOM   683  C CG    . GLU A 1 95  ? -2.531  -17.352 -4.742  1.00 46.00  ? 95   GLU A CG    1 
ATOM   684  C CD    . GLU A 1 95  ? -3.571  -18.307 -4.178  1.00 49.69  ? 95   GLU A CD    1 
ATOM   685  O OE1   . GLU A 1 95  ? -3.856  -18.194 -2.958  1.00 50.38  ? 95   GLU A OE1   1 
ATOM   686  O OE2   . GLU A 1 95  ? -4.108  -19.151 -4.946  1.00 45.73  ? 95   GLU A OE2   1 
ATOM   687  N N     . VAL A 1 96  ? -2.254  -14.500 -3.088  1.00 46.73  ? 96   VAL A N     1 
ATOM   688  C CA    . VAL A 1 96  ? -3.211  -13.395 -3.109  1.00 41.22  ? 96   VAL A CA    1 
ATOM   689  C C     . VAL A 1 96  ? -2.604  -12.176 -3.780  1.00 42.67  ? 96   VAL A C     1 
ATOM   690  O O     . VAL A 1 96  ? -3.285  -11.472 -4.506  1.00 44.70  ? 96   VAL A O     1 
ATOM   691  C CB    . VAL A 1 96  ? -3.669  -13.003 -1.671  1.00 38.43  ? 96   VAL A CB    1 
ATOM   692  C CG1   . VAL A 1 96  ? -4.063  -11.544 -1.608  1.00 36.47  ? 96   VAL A CG1   1 
ATOM   693  C CG2   . VAL A 1 96  ? -4.857  -13.854 -1.258  1.00 43.88  ? 96   VAL A CG2   1 
ATOM   694  N N     . ALA A 1 97  ? -1.321  -11.924 -3.559  1.00 42.52  ? 97   ALA A N     1 
ATOM   695  C CA    . ALA A 1 97  ? -0.701  -10.754 -4.171  1.00 41.18  ? 97   ALA A CA    1 
ATOM   696  C C     . ALA A 1 97  ? -0.530  -10.910 -5.669  1.00 38.65  ? 97   ALA A C     1 
ATOM   697  O O     . ALA A 1 97  ? -0.839  -10.002 -6.419  1.00 40.02  ? 97   ALA A O     1 
ATOM   698  C CB    . ALA A 1 97  ? 0.643   -10.453 -3.521  1.00 44.47  ? 97   ALA A CB    1 
ATOM   699  N N     . ASN A 1 98  ? -0.034  -12.052 -6.121  1.00 42.97  ? 98   ASN A N     1 
ATOM   700  C CA    . ASN A 1 98  ? 0.127   -12.234 -7.556  1.00 45.35  ? 98   ASN A CA    1 
ATOM   701  C C     . ASN A 1 98  ? -1.158  -11.711 -8.210  1.00 45.14  ? 98   ASN A C     1 
ATOM   702  O O     . ASN A 1 98  ? -1.119  -10.993 -9.213  1.00 46.78  ? 98   ASN A O     1 
ATOM   703  C CB    . ASN A 1 98  ? 0.358   -13.719 -7.899  1.00 48.58  ? 98   ASN A CB    1 
ATOM   704  C CG    . ASN A 1 98  ? 1.848   -14.079 -8.017  1.00 53.08  ? 98   ASN A CG    1 
ATOM   705  O OD1   . ASN A 1 98  ? 2.206   -15.244 -8.207  1.00 54.37  ? 98   ASN A OD1   1 
ATOM   706  N ND2   . ASN A 1 98  ? 2.715   -13.075 -7.912  1.00 55.60  ? 98   ASN A ND2   1 
ATOM   707  N N     . ALA A 1 99  ? -2.288  -12.034 -7.591  1.00 40.92  ? 99   ALA A N     1 
ATOM   708  C CA    . ALA A 1 99  ? -3.588  -11.615 -8.081  1.00 37.93  ? 99   ALA A CA    1 
ATOM   709  C C     . ALA A 1 99  ? -3.859  -10.163 -7.695  1.00 35.02  ? 99   ALA A C     1 
ATOM   710  O O     . ALA A 1 99  ? -4.385  -9.391  -8.487  1.00 32.13  ? 99   ALA A O     1 
ATOM   711  C CB    . ALA A 1 99  ? -4.691  -12.551 -7.511  1.00 35.60  ? 99   ALA A CB    1 
ATOM   712  N N     . ALA A 1 100 ? -3.487  -9.804  -6.476  1.00 35.61  ? 100  ALA A N     1 
ATOM   713  C CA    . ALA A 1 100 ? -3.671  -8.449  -5.961  1.00 38.04  ? 100  ALA A CA    1 
ATOM   714  C C     . ALA A 1 100 ? -2.812  -7.487  -6.748  1.00 38.60  ? 100  ALA A C     1 
ATOM   715  O O     . ALA A 1 100 ? -2.845  -6.274  -6.520  1.00 37.54  ? 100  ALA A O     1 
ATOM   716  C CB    . ALA A 1 100 ? -3.292  -8.383  -4.473  1.00 40.79  ? 100  ALA A CB    1 
ATOM   717  N N     . SER A 1 101 ? -2.025  -8.057  -7.654  1.00 39.61  ? 101  SER A N     1 
ATOM   718  C CA    . SER A 1 101 ? -1.143  -7.305  -8.517  1.00 43.89  ? 101  SER A CA    1 
ATOM   719  C C     . SER A 1 101 ? -1.881  -7.196  -9.832  1.00 46.56  ? 101  SER A C     1 
ATOM   720  O O     . SER A 1 101 ? -1.628  -6.296  -10.624 1.00 50.10  ? 101  SER A O     1 
ATOM   721  C CB    . SER A 1 101 ? 0.172   -8.057  -8.723  1.00 47.36  ? 101  SER A CB    1 
ATOM   722  O OG    . SER A 1 101 ? 1.043   -7.345  -9.587  1.00 53.23  ? 101  SER A OG    1 
ATOM   723  N N     . GLN A 1 102 ? -2.785  -8.141  -10.068 1.00 46.52  ? 102  GLN A N     1 
ATOM   724  C CA    . GLN A 1 102 ? -3.581  -8.125  -11.280 1.00 45.30  ? 102  GLN A CA    1 
ATOM   725  C C     . GLN A 1 102 ? -4.756  -7.234  -10.987 1.00 43.31  ? 102  GLN A C     1 
ATOM   726  O O     . GLN A 1 102 ? -5.004  -6.283  -11.721 1.00 41.55  ? 102  GLN A O     1 
ATOM   727  C CB    . GLN A 1 102 ? -4.057  -9.525  -11.648 1.00 48.45  ? 102  GLN A CB    1 
ATOM   728  C CG    . GLN A 1 102 ? -2.962  -10.384 -12.263 1.00 55.13  ? 102  GLN A CG    1 
ATOM   729  C CD    . GLN A 1 102 ? -3.322  -11.861 -12.324 1.00 57.08  ? 102  GLN A CD    1 
ATOM   730  O OE1   . GLN A 1 102 ? -3.642  -12.475 -11.305 1.00 60.56  ? 102  GLN A OE1   1 
ATOM   731  N NE2   . GLN A 1 102 ? -3.257  -12.443 -13.518 1.00 58.58  ? 102  GLN A NE2   1 
ATOM   732  N N     . VAL A 1 103 ? -5.439  -7.523  -9.878  1.00 43.53  ? 103  VAL A N     1 
ATOM   733  C CA    . VAL A 1 103 ? -6.614  -6.753  -9.452  1.00 42.62  ? 103  VAL A CA    1 
ATOM   734  C C     . VAL A 1 103 ? -6.439  -5.239  -9.496  1.00 46.00  ? 103  VAL A C     1 
ATOM   735  O O     . VAL A 1 103 ? -7.401  -4.525  -9.775  1.00 51.66  ? 103  VAL A O     1 
ATOM   736  C CB    . VAL A 1 103 ? -7.077  -7.119  -8.020  1.00 33.68  ? 103  VAL A CB    1 
ATOM   737  C CG1   . VAL A 1 103 ? -8.240  -6.266  -7.610  1.00 29.58  ? 103  VAL A CG1   1 
ATOM   738  C CG2   . VAL A 1 103 ? -7.504  -8.541  -7.973  1.00 33.96  ? 103  VAL A CG2   1 
ATOM   739  N N     . ALA A 1 104 ? -5.235  -4.739  -9.236  1.00 46.63  ? 104  ALA A N     1 
ATOM   740  C CA    . ALA A 1 104 ? -5.024  -3.289  -9.250  1.00 48.17  ? 104  ALA A CA    1 
ATOM   741  C C     . ALA A 1 104 ? -4.470  -2.714  -10.560 1.00 49.79  ? 104  ALA A C     1 
ATOM   742  O O     . ALA A 1 104 ? -3.991  -1.578  -10.602 1.00 48.74  ? 104  ALA A O     1 
ATOM   743  C CB    . ALA A 1 104 ? -4.129  -2.904  -8.105  1.00 45.03  ? 104  ALA A CB    1 
ATOM   744  N N     . ALA A 1 105 ? -4.542  -3.496  -11.628 1.00 51.55  ? 105  ALA A N     1 
ATOM   745  C CA    . ALA A 1 105 ? -4.052  -3.055  -12.930 1.00 51.10  ? 105  ALA A CA    1 
ATOM   746  C C     . ALA A 1 105 ? -5.209  -2.859  -13.908 1.00 53.98  ? 105  ALA A C     1 
ATOM   747  O O     . ALA A 1 105 ? -5.165  -3.366  -15.032 1.00 57.06  ? 105  ALA A O     1 
ATOM   748  C CB    . ALA A 1 105 ? -3.070  -4.079  -13.489 1.00 47.24  ? 105  ALA A CB    1 
ATOM   749  N N     . PHE A 1 106 ? -6.244  -2.140  -13.478 1.00 52.48  ? 106  PHE A N     1 
ATOM   750  C CA    . PHE A 1 106 ? -7.396  -1.891  -14.331 1.00 53.82  ? 106  PHE A CA    1 
ATOM   751  C C     . PHE A 1 106 ? -8.062  -0.578  -13.920 1.00 57.72  ? 106  PHE A C     1 
ATOM   752  O O     . PHE A 1 106 ? -8.556  -0.442  -12.804 1.00 60.83  ? 106  PHE A O     1 
ATOM   753  C CB    . PHE A 1 106 ? -8.387  -3.058  -14.231 1.00 53.70  ? 106  PHE A CB    1 
ATOM   754  C CG    . PHE A 1 106 ? -7.814  -4.386  -14.663 1.00 47.74  ? 106  PHE A CG    1 
ATOM   755  C CD1   . PHE A 1 106 ? -7.740  -5.453  -13.776 1.00 46.13  ? 106  PHE A CD1   1 
ATOM   756  C CD2   . PHE A 1 106 ? -7.318  -4.556  -15.952 1.00 46.00  ? 106  PHE A CD2   1 
ATOM   757  C CE1   . PHE A 1 106 ? -7.168  -6.667  -14.159 1.00 43.23  ? 106  PHE A CE1   1 
ATOM   758  C CE2   . PHE A 1 106 ? -6.741  -5.767  -16.342 1.00 48.17  ? 106  PHE A CE2   1 
ATOM   759  C CZ    . PHE A 1 106 ? -6.669  -6.824  -15.442 1.00 43.98  ? 106  PHE A CZ    1 
ATOM   760  N N     . PRO A 1 107 ? -8.080  0.406   -14.834 1.00 59.85  ? 107  PRO A N     1 
ATOM   761  C CA    . PRO A 1 107 ? -8.641  1.758   -14.696 1.00 62.37  ? 107  PRO A CA    1 
ATOM   762  C C     . PRO A 1 107 ? -9.901  1.901   -13.853 1.00 63.02  ? 107  PRO A C     1 
ATOM   763  O O     . PRO A 1 107 ? -9.947  2.697   -12.915 1.00 62.93  ? 107  PRO A O     1 
ATOM   764  C CB    . PRO A 1 107 ? -8.883  2.181   -16.146 1.00 63.16  ? 107  PRO A CB    1 
ATOM   765  C CG    . PRO A 1 107 ? -7.743  1.532   -16.860 1.00 60.44  ? 107  PRO A CG    1 
ATOM   766  C CD    . PRO A 1 107 ? -7.712  0.142   -16.238 1.00 60.21  ? 107  PRO A CD    1 
ATOM   767  N N     . ARG A 1 108 ? -10.933 1.147   -14.201 1.00 63.01  ? 108  ARG A N     1 
ATOM   768  C CA    . ARG A 1 108 ? -12.180 1.228   -13.462 1.00 64.86  ? 108  ARG A CA    1 
ATOM   769  C C     . ARG A 1 108 ? -12.060 0.704   -12.016 1.00 65.18  ? 108  ARG A C     1 
ATOM   770  O O     . ARG A 1 108 ? -12.679 1.264   -11.098 1.00 63.80  ? 108  ARG A O     1 
ATOM   771  C CB    . ARG A 1 108 ? -13.292 0.506   -14.247 1.00 63.31  ? 108  ARG A CB    1 
ATOM   772  C CG    . ARG A 1 108 ? -14.029 1.407   -15.273 1.00 62.59  ? 108  ARG A CG    1 
ATOM   773  C CD    . ARG A 1 108 ? -14.159 0.755   -16.656 1.00 63.63  ? 108  ARG A CD    1 
ATOM   774  N NE    . ARG A 1 108 ? -14.843 -0.542  -16.624 1.00 64.69  ? 108  ARG A NE    1 
ATOM   775  C CZ    . ARG A 1 108 ? -14.585 -1.542  -17.468 1.00 65.18  ? 108  ARG A CZ    1 
ATOM   776  N NH1   . ARG A 1 108 ? -13.658 -1.391  -18.413 1.00 62.72  ? 108  ARG A NH1   1 
ATOM   777  N NH2   . ARG A 1 108 ? -15.244 -2.696  -17.364 1.00 64.38  ? 108  ARG A NH2   1 
ATOM   778  N N     . VAL A 1 109 ? -11.256 -0.348  -11.822 1.00 64.34  ? 109  VAL A N     1 
ATOM   779  C CA    . VAL A 1 109 ? -11.035 -0.941  -10.493 1.00 61.60  ? 109  VAL A CA    1 
ATOM   780  C C     . VAL A 1 109 ? -10.799 0.183   -9.486  1.00 63.19  ? 109  VAL A C     1 
ATOM   781  O O     . VAL A 1 109 ? -11.617 0.426   -8.586  1.00 61.68  ? 109  VAL A O     1 
ATOM   782  C CB    . VAL A 1 109 ? -9.774  -1.868  -10.460 1.00 57.55  ? 109  VAL A CB    1 
ATOM   783  C CG1   . VAL A 1 109 ? -9.661  -2.561  -9.099  1.00 55.33  ? 109  VAL A CG1   1 
ATOM   784  C CG2   . VAL A 1 109 ? -9.839  -2.888  -11.554 1.00 53.02  ? 109  VAL A CG2   1 
ATOM   785  N N     . ARG A 1 110 ? -9.667  0.859   -9.656  1.00 64.12  ? 110  ARG A N     1 
ATOM   786  C CA    . ARG A 1 110 ? -9.294  1.964   -8.791  1.00 66.24  ? 110  ARG A CA    1 
ATOM   787  C C     . ARG A 1 110 ? -10.542 2.801   -8.469  1.00 66.32  ? 110  ARG A C     1 
ATOM   788  O O     . ARG A 1 110 ? -10.893 2.964   -7.307  1.00 66.61  ? 110  ARG A O     1 
ATOM   789  C CB    . ARG A 1 110 ? -8.227  2.823   -9.484  1.00 66.58  ? 110  ARG A CB    1 
ATOM   790  C CG    . ARG A 1 110 ? -7.224  2.022   -10.334 1.00 68.29  ? 110  ARG A CG    1 
ATOM   791  C CD    . ARG A 1 110 ? -5.956  2.844   -10.623 1.00 65.70  ? 110  ARG A CD    1 
ATOM   792  N NE    . ARG A 1 110 ? -5.216  3.132   -9.393  1.00 59.72  ? 110  ARG A NE    1 
ATOM   793  C CZ    . ARG A 1 110 ? -4.504  2.230   -8.730  1.00 57.87  ? 110  ARG A CZ    1 
ATOM   794  N NH1   . ARG A 1 110 ? -4.435  0.991   -9.192  1.00 52.41  ? 110  ARG A NH1   1 
ATOM   795  N NH2   . ARG A 1 110 ? -3.878  2.558   -7.599  1.00 56.95  ? 110  ARG A NH2   1 
ATOM   796  N N     . GLU A 1 111 ? -11.218 3.299   -9.506  1.00 66.85  ? 111  GLU A N     1 
ATOM   797  C CA    . GLU A 1 111 ? -12.430 4.112   -9.349  1.00 64.88  ? 111  GLU A CA    1 
ATOM   798  C C     . GLU A 1 111 ? -13.339 3.624   -8.231  1.00 61.26  ? 111  GLU A C     1 
ATOM   799  O O     . GLU A 1 111 ? -13.564 4.327   -7.254  1.00 60.49  ? 111  GLU A O     1 
ATOM   800  C CB    . GLU A 1 111 ? -13.223 4.142   -10.661 1.00 67.70  ? 111  GLU A CB    1 
ATOM   801  C CG    . GLU A 1 111 ? -12.715 5.142   -11.702 1.00 70.98  ? 111  GLU A CG    1 
ATOM   802  C CD    . GLU A 1 111 ? -13.111 6.584   -11.398 1.00 73.67  ? 111  GLU A CD    1 
ATOM   803  O OE1   . GLU A 1 111 ? -12.779 7.473   -12.212 1.00 76.28  ? 111  GLU A OE1   1 
ATOM   804  O OE2   . GLU A 1 111 ? -13.752 6.832   -10.352 1.00 74.31  ? 111  GLU A OE2   1 
ATOM   805  N N     . ALA A 1 112 ? -13.867 2.415   -8.393  1.00 59.64  ? 112  ALA A N     1 
ATOM   806  C CA    . ALA A 1 112 ? -14.760 1.807   -7.407  1.00 58.35  ? 112  ALA A CA    1 
ATOM   807  C C     . ALA A 1 112 ? -14.075 1.718   -6.051  1.00 58.35  ? 112  ALA A C     1 
ATOM   808  O O     . ALA A 1 112 ? -14.722 1.722   -4.997  1.00 59.18  ? 112  ALA A O     1 
ATOM   809  C CB    . ALA A 1 112 ? -15.178 0.419   -7.867  1.00 54.18  ? 112  ALA A CB    1 
ATOM   810  N N     . LEU A 1 113 ? -12.756 1.615   -6.085  1.00 55.95  ? 113  LEU A N     1 
ATOM   811  C CA    . LEU A 1 113 ? -11.996 1.545   -4.861  1.00 53.80  ? 113  LEU A CA    1 
ATOM   812  C C     . LEU A 1 113 ? -11.847 2.973   -4.373  1.00 55.29  ? 113  LEU A C     1 
ATOM   813  O O     . LEU A 1 113 ? -11.783 3.229   -3.171  1.00 60.56  ? 113  LEU A O     1 
ATOM   814  C CB    . LEU A 1 113 ? -10.631 0.905   -5.133  1.00 50.46  ? 113  LEU A CB    1 
ATOM   815  C CG    . LEU A 1 113 ? -10.694 -0.596  -5.464  1.00 48.37  ? 113  LEU A CG    1 
ATOM   816  C CD1   . LEU A 1 113 ? -9.438  -1.014  -6.209  1.00 46.30  ? 113  LEU A CD1   1 
ATOM   817  C CD2   . LEU A 1 113 ? -10.875 -1.407  -4.173  1.00 47.24  ? 113  LEU A CD2   1 
ATOM   818  N N     . LEU A 1 114 ? -11.847 3.903   -5.322  1.00 53.79  ? 114  LEU A N     1 
ATOM   819  C CA    . LEU A 1 114 ? -11.674 5.317   -5.033  1.00 52.13  ? 114  LEU A CA    1 
ATOM   820  C C     . LEU A 1 114 ? -12.492 5.881   -3.889  1.00 53.97  ? 114  LEU A C     1 
ATOM   821  O O     . LEU A 1 114 ? -11.988 6.010   -2.776  1.00 53.63  ? 114  LEU A O     1 
ATOM   822  C CB    . LEU A 1 114 ? -11.917 6.144   -6.293  1.00 49.20  ? 114  LEU A CB    1 
ATOM   823  C CG    . LEU A 1 114 ? -10.837 6.066   -7.375  1.00 48.24  ? 114  LEU A CG    1 
ATOM   824  C CD1   . LEU A 1 114 ? -10.531 7.490   -7.844  1.00 46.34  ? 114  LEU A CD1   1 
ATOM   825  C CD2   . LEU A 1 114 ? -9.563  5.409   -6.843  1.00 46.33  ? 114  LEU A CD2   1 
ATOM   826  N N     . ARG A 1 115 ? -13.743 6.235   -4.159  1.00 56.97  ? 115  ARG A N     1 
ATOM   827  C CA    . ARG A 1 115 ? -14.587 6.809   -3.112  1.00 60.76  ? 115  ARG A CA    1 
ATOM   828  C C     . ARG A 1 115 ? -14.411 6.001   -1.818  1.00 60.66  ? 115  ARG A C     1 
ATOM   829  O O     . ARG A 1 115 ? -14.326 6.570   -0.724  1.00 61.92  ? 115  ARG A O     1 
ATOM   830  C CB    . ARG A 1 115 ? -16.062 6.821   -3.559  1.00 64.58  ? 115  ARG A CB    1 
ATOM   831  C CG    . ARG A 1 115 ? -16.879 8.038   -3.083  1.00 68.71  ? 115  ARG A CG    1 
ATOM   832  C CD    . ARG A 1 115 ? -18.314 8.012   -3.632  1.00 72.03  ? 115  ARG A CD    1 
ATOM   833  N NE    . ARG A 1 115 ? -19.107 9.187   -3.248  1.00 78.03  ? 115  ARG A NE    1 
ATOM   834  C CZ    . ARG A 1 115 ? -19.145 10.340  -3.919  1.00 80.53  ? 115  ARG A CZ    1 
ATOM   835  N NH1   . ARG A 1 115 ? -18.434 10.492  -5.029  1.00 81.44  ? 115  ARG A NH1   1 
ATOM   836  N NH2   . ARG A 1 115 ? -19.899 11.344  -3.482  1.00 78.98  ? 115  ARG A NH2   1 
ATOM   837  N N     . ARG A 1 116 ? -14.319 4.679   -1.960  1.00 58.20  ? 116  ARG A N     1 
ATOM   838  C CA    . ARG A 1 116 ? -14.164 3.789   -0.811  1.00 58.31  ? 116  ARG A CA    1 
ATOM   839  C C     . ARG A 1 116 ? -12.951 4.136   0.042   1.00 56.36  ? 116  ARG A C     1 
ATOM   840  O O     . ARG A 1 116 ? -12.814 3.655   1.169   1.00 53.89  ? 116  ARG A O     1 
ATOM   841  C CB    . ARG A 1 116 ? -14.034 2.339   -1.280  1.00 60.62  ? 116  ARG A CB    1 
ATOM   842  C CG    . ARG A 1 116 ? -14.926 1.368   -0.517  1.00 63.43  ? 116  ARG A CG    1 
ATOM   843  C CD    . ARG A 1 116 ? -14.897 -0.008  -1.156  1.00 59.72  ? 116  ARG A CD    1 
ATOM   844  N NE    . ARG A 1 116 ? -16.151 -0.733  -0.979  1.00 54.89  ? 116  ARG A NE    1 
ATOM   845  C CZ    . ARG A 1 116 ? -17.342 -0.250  -1.313  1.00 54.88  ? 116  ARG A CZ    1 
ATOM   846  N NH1   . ARG A 1 116 ? -17.450 0.967   -1.834  1.00 53.10  ? 116  ARG A NH1   1 
ATOM   847  N NH2   . ARG A 1 116 ? -18.424 -0.996  -1.154  1.00 56.30  ? 116  ARG A NH2   1 
ATOM   848  N N     . GLN A 1 117 ? -12.077 4.976   -0.503  1.00 54.47  ? 117  GLN A N     1 
ATOM   849  C CA    . GLN A 1 117 ? -10.857 5.370   0.184   1.00 52.06  ? 117  GLN A CA    1 
ATOM   850  C C     . GLN A 1 117 ? -10.955 6.806   0.664   1.00 56.01  ? 117  GLN A C     1 
ATOM   851  O O     . GLN A 1 117 ? -10.759 7.087   1.848   1.00 58.58  ? 117  GLN A O     1 
ATOM   852  C CB    . GLN A 1 117 ? -9.662  5.197   -0.766  1.00 46.05  ? 117  GLN A CB    1 
ATOM   853  C CG    . GLN A 1 117 ? -9.609  3.808   -1.420  1.00 38.17  ? 117  GLN A CG    1 
ATOM   854  C CD    . GLN A 1 117 ? -8.596  3.689   -2.551  1.00 33.04  ? 117  GLN A CD    1 
ATOM   855  O OE1   . GLN A 1 117 ? -7.390  3.757   -2.329  1.00 23.23  ? 117  GLN A OE1   1 
ATOM   856  N NE2   . GLN A 1 117 ? -9.089  3.501   -3.773  1.00 30.18  ? 117  GLN A NE2   1 
ATOM   857  N N     . ARG A 1 118 ? -11.276 7.710   -0.255  1.00 58.99  ? 118  ARG A N     1 
ATOM   858  C CA    . ARG A 1 118 ? -11.389 9.134   0.071   1.00 61.21  ? 118  ARG A CA    1 
ATOM   859  C C     . ARG A 1 118 ? -12.243 9.380   1.327   1.00 62.65  ? 118  ARG A C     1 
ATOM   860  O O     . ARG A 1 118 ? -12.157 10.437  1.969   1.00 60.98  ? 118  ARG A O     1 
ATOM   861  C CB    . ARG A 1 118 ? -11.985 9.897   -1.120  1.00 59.44  ? 118  ARG A CB    1 
ATOM   862  C CG    . ARG A 1 118 ? -11.168 9.814   -2.412  1.00 54.26  ? 118  ARG A CG    1 
ATOM   863  C CD    . ARG A 1 118 ? -11.854 10.598  -3.524  1.00 50.97  ? 118  ARG A CD    1 
ATOM   864  N NE    . ARG A 1 118 ? -10.934 10.981  -4.590  1.00 48.41  ? 118  ARG A NE    1 
ATOM   865  C CZ    . ARG A 1 118 ? -10.343 10.133  -5.423  1.00 49.66  ? 118  ARG A CZ    1 
ATOM   866  N NH1   . ARG A 1 118 ? -10.567 8.831   -5.319  1.00 46.76  ? 118  ARG A NH1   1 
ATOM   867  N NH2   . ARG A 1 118 ? -9.536  10.595  -6.372  1.00 50.24  ? 118  ARG A NH2   1 
ATOM   868  N N     . ALA A 1 119 ? -13.068 8.396   1.669   1.00 62.85  ? 119  ALA A N     1 
ATOM   869  C CA    . ALA A 1 119 ? -13.924 8.518   2.836   1.00 63.12  ? 119  ALA A CA    1 
ATOM   870  C C     . ALA A 1 119 ? -13.164 8.134   4.103   1.00 61.48  ? 119  ALA A C     1 
ATOM   871  O O     . ALA A 1 119 ? -13.756 7.981   5.171   1.00 62.64  ? 119  ALA A O     1 
ATOM   872  C CB    . ALA A 1 119 ? -15.149 7.638   2.673   1.00 65.16  ? 119  ALA A CB    1 
ATOM   873  N N     . PHE A 1 120 ? -11.852 7.978   3.993   1.00 58.26  ? 120  PHE A N     1 
ATOM   874  C CA    . PHE A 1 120 ? -11.077 7.623   5.168   1.00 56.84  ? 120  PHE A CA    1 
ATOM   875  C C     . PHE A 1 120 ? -10.619 8.843   5.950   1.00 54.60  ? 120  PHE A C     1 
ATOM   876  O O     . PHE A 1 120 ? -10.276 8.735   7.121   1.00 48.33  ? 120  PHE A O     1 
ATOM   877  C CB    . PHE A 1 120 ? -9.869  6.770   4.782   1.00 57.97  ? 120  PHE A CB    1 
ATOM   878  C CG    . PHE A 1 120 ? -10.161 5.303   4.729   1.00 54.78  ? 120  PHE A CG    1 
ATOM   879  C CD1   . PHE A 1 120 ? -10.864 4.759   3.658   1.00 52.52  ? 120  PHE A CD1   1 
ATOM   880  C CD2   . PHE A 1 120 ? -9.725  4.461   5.753   1.00 55.28  ? 120  PHE A CD2   1 
ATOM   881  C CE1   . PHE A 1 120 ? -11.134 3.396   3.602   1.00 54.95  ? 120  PHE A CE1   1 
ATOM   882  C CE2   . PHE A 1 120 ? -9.987  3.090   5.709   1.00 56.63  ? 120  PHE A CE2   1 
ATOM   883  C CZ    . PHE A 1 120 ? -10.693 2.553   4.628   1.00 56.68  ? 120  PHE A CZ    1 
ATOM   884  N N     . ARG A 1 121 ? -10.617 10.002  5.300   1.00 58.26  ? 121  ARG A N     1 
ATOM   885  C CA    . ARG A 1 121 ? -10.207 11.242  5.955   1.00 62.48  ? 121  ARG A CA    1 
ATOM   886  C C     . ARG A 1 121 ? -11.151 11.556  7.115   1.00 64.97  ? 121  ARG A C     1 
ATOM   887  O O     . ARG A 1 121 ? -12.363 11.347  7.020   1.00 62.72  ? 121  ARG A O     1 
ATOM   888  C CB    . ARG A 1 121 ? -10.221 12.407  4.958   1.00 62.44  ? 121  ARG A CB    1 
ATOM   889  C CG    . ARG A 1 121 ? -9.554  13.681  5.459   1.00 62.51  ? 121  ARG A CG    1 
ATOM   890  C CD    . ARG A 1 121 ? -10.152 14.906  4.782   1.00 64.43  ? 121  ARG A CD    1 
ATOM   891  N NE    . ARG A 1 121 ? -9.819  15.067  3.361   1.00 63.89  ? 121  ARG A NE    1 
ATOM   892  C CZ    . ARG A 1 121 ? -8.626  15.453  2.897   1.00 63.78  ? 121  ARG A CZ    1 
ATOM   893  N NH1   . ARG A 1 121 ? -7.628  15.711  3.734   1.00 62.10  ? 121  ARG A NH1   1 
ATOM   894  N NH2   . ARG A 1 121 ? -8.440  15.619  1.590   1.00 62.31  ? 121  ARG A NH2   1 
ATOM   895  N N     . GLU A 1 122 ? -10.584 12.064  8.207   1.00 69.89  ? 122  GLU A N     1 
ATOM   896  C CA    . GLU A 1 122 ? -11.358 12.400  9.396   1.00 72.95  ? 122  GLU A CA    1 
ATOM   897  C C     . GLU A 1 122 ? -10.430 12.986  10.451  1.00 72.83  ? 122  GLU A C     1 
ATOM   898  O O     . GLU A 1 122 ? -9.258  12.619  10.526  1.00 73.51  ? 122  GLU A O     1 
ATOM   899  C CB    . GLU A 1 122 ? -12.030 11.142  9.952   1.00 78.04  ? 122  GLU A CB    1 
ATOM   900  C CG    . GLU A 1 122 ? -12.761 11.335  11.278  1.00 82.74  ? 122  GLU A CG    1 
ATOM   901  C CD    . GLU A 1 122 ? -13.105 10.015  11.967  1.00 84.88  ? 122  GLU A CD    1 
ATOM   902  O OE1   . GLU A 1 122 ? -13.754 9.152   11.329  1.00 85.41  ? 122  GLU A OE1   1 
ATOM   903  O OE2   . GLU A 1 122 ? -12.726 9.847   13.150  1.00 86.29  ? 122  GLU A OE2   1 
ATOM   904  N N     . LEU A 1 123 ? -10.962 13.885  11.269  1.00 70.69  ? 123  LEU A N     1 
ATOM   905  C CA    . LEU A 1 123 ? -10.188 14.529  12.329  1.00 70.28  ? 123  LEU A CA    1 
ATOM   906  C C     . LEU A 1 123 ? -9.607  13.494  13.313  1.00 69.62  ? 123  LEU A C     1 
ATOM   907  O O     . LEU A 1 123 ? -10.276 12.535  13.687  1.00 72.13  ? 123  LEU A O     1 
ATOM   908  C CB    . LEU A 1 123 ? -11.075 15.533  13.065  1.00 72.11  ? 123  LEU A CB    1 
ATOM   909  C CG    . LEU A 1 123 ? -12.059 16.339  12.209  1.00 72.27  ? 123  LEU A CG    1 
ATOM   910  C CD1   . LEU A 1 123 ? -12.695 17.419  13.058  1.00 74.31  ? 123  LEU A CD1   1 
ATOM   911  C CD2   . LEU A 1 123 ? -11.334 16.966  11.026  1.00 72.92  ? 123  LEU A CD2   1 
ATOM   912  N N     . PRO A 1 124 ? -8.351  13.683  13.752  1.00 66.99  ? 124  PRO A N     1 
ATOM   913  C CA    . PRO A 1 124 ? -7.468  14.769  13.333  1.00 66.47  ? 124  PRO A CA    1 
ATOM   914  C C     . PRO A 1 124 ? -6.915  14.567  11.916  1.00 66.13  ? 124  PRO A C     1 
ATOM   915  O O     . PRO A 1 124 ? -7.153  15.399  11.045  1.00 65.28  ? 124  PRO A O     1 
ATOM   916  C CB    . PRO A 1 124 ? -6.395  14.765  14.425  1.00 67.51  ? 124  PRO A CB    1 
ATOM   917  C CG    . PRO A 1 124 ? -6.280  13.330  14.748  1.00 66.54  ? 124  PRO A CG    1 
ATOM   918  C CD    . PRO A 1 124 ? -7.726  12.885  14.816  1.00 65.49  ? 124  PRO A CD    1 
ATOM   919  N N     . GLY A 1 125 ? -6.200  13.469  11.665  1.00 64.94  ? 125  GLY A N     1 
ATOM   920  C CA    . GLY A 1 125 ? -5.666  13.245  10.325  1.00 61.97  ? 125  GLY A CA    1 
ATOM   921  C C     . GLY A 1 125 ? -5.615  11.805  9.837   1.00 59.86  ? 125  GLY A C     1 
ATOM   922  O O     . GLY A 1 125 ? -5.867  10.890  10.608  1.00 63.13  ? 125  GLY A O     1 
ATOM   923  N N     . LEU A 1 126 ? -5.271  11.601  8.567   1.00 56.54  ? 126  LEU A N     1 
ATOM   924  C CA    . LEU A 1 126 ? -5.207  10.257  8.008   1.00 55.47  ? 126  LEU A CA    1 
ATOM   925  C C     . LEU A 1 126 ? -3.957  9.978   7.178   1.00 57.44  ? 126  LEU A C     1 
ATOM   926  O O     . LEU A 1 126 ? -3.770  10.539  6.087   1.00 56.36  ? 126  LEU A O     1 
ATOM   927  C CB    . LEU A 1 126 ? -6.445  9.999   7.157   1.00 50.53  ? 126  LEU A CB    1 
ATOM   928  C CG    . LEU A 1 126 ? -6.655  8.624   6.505   1.00 52.26  ? 126  LEU A CG    1 
ATOM   929  C CD1   . LEU A 1 126 ? -6.055  8.590   5.121   1.00 48.25  ? 126  LEU A CD1   1 
ATOM   930  C CD2   . LEU A 1 126 ? -6.079  7.537   7.382   1.00 51.79  ? 126  LEU A CD2   1 
ATOM   931  N N     . ILE A 1 127 ? -3.105  9.104   7.713   1.00 56.27  ? 127  ILE A N     1 
ATOM   932  C CA    . ILE A 1 127 ? -1.880  8.698   7.031   1.00 50.76  ? 127  ILE A CA    1 
ATOM   933  C C     . ILE A 1 127 ? -2.307  7.759   5.947   1.00 48.79  ? 127  ILE A C     1 
ATOM   934  O O     . ILE A 1 127 ? -3.233  6.978   6.143   1.00 49.51  ? 127  ILE A O     1 
ATOM   935  C CB    . ILE A 1 127 ? -0.939  7.887   7.906   1.00 48.89  ? 127  ILE A CB    1 
ATOM   936  C CG1   . ILE A 1 127 ? -0.639  8.652   9.198   1.00 51.99  ? 127  ILE A CG1   1 
ATOM   937  C CG2   . ILE A 1 127 ? 0.339   7.564   7.116   1.00 47.67  ? 127  ILE A CG2   1 
ATOM   938  C CD1   . ILE A 1 127 ? -0.148  10.053  8.982   1.00 50.88  ? 127  ILE A CD1   1 
ATOM   939  N N     . ALA A 1 128 ? -1.606  7.797   4.823   1.00 48.14  ? 128  ALA A N     1 
ATOM   940  C CA    . ALA A 1 128 ? -1.961  6.948   3.703   1.00 47.76  ? 128  ALA A CA    1 
ATOM   941  C C     . ALA A 1 128 ? -0.829  6.236   2.956   1.00 50.14  ? 128  ALA A C     1 
ATOM   942  O O     . ALA A 1 128 ? -0.152  6.823   2.104   1.00 50.33  ? 128  ALA A O     1 
ATOM   943  C CB    . ALA A 1 128 ? -2.797  7.748   2.724   1.00 48.30  ? 128  ALA A CB    1 
ATOM   944  N N     . ASP A 1 129 ? -0.666  4.953   3.273   1.00 48.81  ? 129  ASP A N     1 
ATOM   945  C CA    . ASP A 1 129 ? 0.324   4.070   2.660   1.00 45.89  ? 129  ASP A CA    1 
ATOM   946  C C     . ASP A 1 129 ? -0.225  3.796   1.275   1.00 43.93  ? 129  ASP A C     1 
ATOM   947  O O     . ASP A 1 129 ? -1.431  3.703   1.116   1.00 41.57  ? 129  ASP A O     1 
ATOM   948  C CB    . ASP A 1 129 ? 0.378   2.753   3.455   1.00 50.34  ? 129  ASP A CB    1 
ATOM   949  C CG    . ASP A 1 129 ? 1.430   1.754   2.930   1.00 50.87  ? 129  ASP A CG    1 
ATOM   950  O OD1   . ASP A 1 129 ? 1.959   1.907   1.819   1.00 54.55  ? 129  ASP A OD1   1 
ATOM   951  O OD2   . ASP A 1 129 ? 1.727   0.773   3.638   1.00 54.32  ? 129  ASP A OD2   1 
ATOM   952  N N     . GLY A 1 130 ? 0.643   3.665   0.277   1.00 43.16  ? 130  GLY A N     1 
ATOM   953  C CA    . GLY A 1 130 ? 0.177   3.378   -1.068  1.00 42.35  ? 130  GLY A CA    1 
ATOM   954  C C     . GLY A 1 130 ? 1.223   3.616   -2.154  1.00 44.93  ? 130  GLY A C     1 
ATOM   955  O O     . GLY A 1 130 ? 2.420   3.751   -1.864  1.00 43.94  ? 130  GLY A O     1 
ATOM   956  N N     . ARG A 1 131 ? 0.760   3.662   -3.408  1.00 43.85  ? 131  ARG A N     1 
ATOM   957  C CA    . ARG A 1 131 ? 1.609   3.896   -4.576  1.00 42.60  ? 131  ARG A CA    1 
ATOM   958  C C     . ARG A 1 131 ? 0.950   5.021   -5.368  1.00 44.41  ? 131  ARG A C     1 
ATOM   959  O O     . ARG A 1 131 ? 1.171   5.115   -6.586  1.00 49.24  ? 131  ARG A O     1 
ATOM   960  C CB    . ARG A 1 131 ? 1.662   2.660   -5.501  1.00 41.55  ? 131  ARG A CB    1 
ATOM   961  C CG    . ARG A 1 131 ? 1.662   1.272   -4.836  1.00 41.55  ? 131  ARG A CG    1 
ATOM   962  C CD    . ARG A 1 131 ? 3.013   0.923   -4.197  1.00 45.87  ? 131  ARG A CD    1 
ATOM   963  N NE    . ARG A 1 131 ? 3.692   -0.242  -4.794  1.00 49.15  ? 131  ARG A NE    1 
ATOM   964  C CZ    . ARG A 1 131 ? 3.480   -1.514  -4.453  1.00 42.53  ? 131  ARG A CZ    1 
ATOM   965  N NH1   . ARG A 1 131 ? 2.599   -1.820  -3.510  1.00 44.51  ? 131  ARG A NH1   1 
ATOM   966  N NH2   . ARG A 1 131 ? 4.170   -2.481  -5.043  1.00 36.62  ? 131  ARG A NH2   1 
ATOM   967  N N     . ASP A 1 132 ? 0.141   5.860   -4.709  1.00 42.13  ? 132  ASP A N     1 
ATOM   968  C CA    . ASP A 1 132 ? -0.557  6.927   -5.430  1.00 42.27  ? 132  ASP A CA    1 
ATOM   969  C C     . ASP A 1 132 ? -1.336  7.905   -4.577  1.00 43.17  ? 132  ASP A C     1 
ATOM   970  O O     . ASP A 1 132 ? -2.126  8.675   -5.104  1.00 42.76  ? 132  ASP A O     1 
ATOM   971  C CB    . ASP A 1 132 ? -1.527  6.319   -6.465  1.00 41.53  ? 132  ASP A CB    1 
ATOM   972  C CG    . ASP A 1 132 ? -2.816  5.753   -5.831  1.00 46.43  ? 132  ASP A CG    1 
ATOM   973  O OD1   . ASP A 1 132 ? -2.740  4.964   -4.853  1.00 48.82  ? 132  ASP A OD1   1 
ATOM   974  O OD2   . ASP A 1 132 ? -3.917  6.092   -6.328  1.00 49.34  ? 132  ASP A OD2   1 
ATOM   975  N N     . MET A 1 133 ? -1.130  7.886   -3.268  1.00 47.07  ? 133  MET A N     1 
ATOM   976  C CA    . MET A 1 133 ? -1.863  8.787   -2.371  1.00 50.92  ? 133  MET A CA    1 
ATOM   977  C C     . MET A 1 133 ? -1.664  10.300  -2.611  1.00 50.57  ? 133  MET A C     1 
ATOM   978  O O     . MET A 1 133 ? -2.003  11.137  -1.760  1.00 48.37  ? 133  MET A O     1 
ATOM   979  C CB    . MET A 1 133 ? -1.528  8.442   -0.917  1.00 54.79  ? 133  MET A CB    1 
ATOM   980  C CG    . MET A 1 133 ? -1.775  6.965   -0.560  1.00 56.65  ? 133  MET A CG    1 
ATOM   981  S SD    . MET A 1 133 ? -3.375  6.275   -1.113  1.00 55.43  ? 133  MET A SD    1 
ATOM   982  C CE    . MET A 1 133 ? -4.502  7.016   0.081   1.00 50.12  ? 133  MET A CE    1 
ATOM   983  N N     . GLY A 1 134 ? -1.112  10.633  -3.775  1.00 47.95  ? 134  GLY A N     1 
ATOM   984  C CA    . GLY A 1 134 ? -0.876  12.013  -4.137  1.00 44.60  ? 134  GLY A CA    1 
ATOM   985  C C     . GLY A 1 134 ? -1.220  12.077  -5.604  1.00 44.45  ? 134  GLY A C     1 
ATOM   986  O O     . GLY A 1 134 ? -2.016  12.906  -6.047  1.00 43.13  ? 134  GLY A O     1 
ATOM   987  N N     . THR A 1 135 ? -0.644  11.165  -6.370  1.00 41.99  ? 135  THR A N     1 
ATOM   988  C CA    . THR A 1 135 ? -0.919  11.144  -7.798  1.00 44.09  ? 135  THR A CA    1 
ATOM   989  C C     . THR A 1 135 ? -2.424  11.044  -8.146  1.00 46.22  ? 135  THR A C     1 
ATOM   990  O O     . THR A 1 135 ? -2.818  11.309  -9.284  1.00 44.75  ? 135  THR A O     1 
ATOM   991  C CB    . THR A 1 135 ? -0.125  9.987   -8.499  1.00 44.14  ? 135  THR A CB    1 
ATOM   992  O OG1   . THR A 1 135 ? -1.029  9.047   -9.095  1.00 43.43  ? 135  THR A OG1   1 
ATOM   993  C CG2   . THR A 1 135 ? 0.760   9.270   -7.501  1.00 42.78  ? 135  THR A CG2   1 
ATOM   994  N N     . VAL A 1 136 ? -3.269  10.697  -7.174  1.00 47.53  ? 136  VAL A N     1 
ATOM   995  C CA    . VAL A 1 136 ? -4.703  10.547  -7.462  1.00 49.01  ? 136  VAL A CA    1 
ATOM   996  C C     . VAL A 1 136 ? -5.679  10.823  -6.298  1.00 50.01  ? 136  VAL A C     1 
ATOM   997  O O     . VAL A 1 136 ? -6.488  11.752  -6.349  1.00 48.54  ? 136  VAL A O     1 
ATOM   998  C CB    . VAL A 1 136 ? -5.022  9.099   -8.000  1.00 45.65  ? 136  VAL A CB    1 
ATOM   999  C CG1   . VAL A 1 136 ? -6.463  9.019   -8.466  1.00 43.30  ? 136  VAL A CG1   1 
ATOM   1000 C CG2   . VAL A 1 136 ? -4.096  8.724   -9.139  1.00 44.23  ? 136  VAL A CG2   1 
ATOM   1001 N N     . VAL A 1 137 ? -5.595  9.996   -5.262  1.00 52.76  ? 137  VAL A N     1 
ATOM   1002 C CA    . VAL A 1 137 ? -6.479  10.078  -4.103  1.00 53.58  ? 137  VAL A CA    1 
ATOM   1003 C C     . VAL A 1 137 ? -6.419  11.340  -3.226  1.00 57.30  ? 137  VAL A C     1 
ATOM   1004 O O     . VAL A 1 137 ? -7.454  11.960  -2.983  1.00 60.77  ? 137  VAL A O     1 
ATOM   1005 C CB    . VAL A 1 137 ? -6.291  8.821   -3.217  1.00 50.00  ? 137  VAL A CB    1 
ATOM   1006 C CG1   . VAL A 1 137 ? -6.329  7.563   -4.094  1.00 49.68  ? 137  VAL A CG1   1 
ATOM   1007 C CG2   . VAL A 1 137 ? -4.999  8.896   -2.476  1.00 42.74  ? 137  VAL A CG2   1 
ATOM   1008 N N     . PHE A 1 138 ? -5.234  11.719  -2.745  1.00 56.56  ? 138  PHE A N     1 
ATOM   1009 C CA    . PHE A 1 138 ? -5.079  12.917  -1.896  1.00 54.41  ? 138  PHE A CA    1 
ATOM   1010 C C     . PHE A 1 138 ? -4.290  14.034  -2.585  1.00 53.93  ? 138  PHE A C     1 
ATOM   1011 O O     . PHE A 1 138 ? -3.314  14.541  -2.029  1.00 52.23  ? 138  PHE A O     1 
ATOM   1012 C CB    . PHE A 1 138 ? -4.352  12.578  -0.581  1.00 51.41  ? 138  PHE A CB    1 
ATOM   1013 C CG    . PHE A 1 138 ? -5.176  11.802  0.399   1.00 50.48  ? 138  PHE A CG    1 
ATOM   1014 C CD1   . PHE A 1 138 ? -4.583  11.261  1.535   1.00 49.40  ? 138  PHE A CD1   1 
ATOM   1015 C CD2   . PHE A 1 138 ? -6.539  11.593  0.185   1.00 53.57  ? 138  PHE A CD2   1 
ATOM   1016 C CE1   . PHE A 1 138 ? -5.329  10.519  2.446   1.00 48.18  ? 138  PHE A CE1   1 
ATOM   1017 C CE2   . PHE A 1 138 ? -7.299  10.848  1.096   1.00 52.75  ? 138  PHE A CE2   1 
ATOM   1018 C CZ    . PHE A 1 138 ? -6.688  10.309  2.230   1.00 47.91  ? 138  PHE A CZ    1 
ATOM   1019 N N     . PRO A 1 139 ? -4.703  14.439  -3.797  1.00 54.72  ? 139  PRO A N     1 
ATOM   1020 C CA    . PRO A 1 139 ? -3.979  15.499  -4.492  1.00 53.48  ? 139  PRO A CA    1 
ATOM   1021 C C     . PRO A 1 139 ? -4.306  16.831  -3.858  1.00 53.64  ? 139  PRO A C     1 
ATOM   1022 O O     . PRO A 1 139 ? -4.771  17.744  -4.528  1.00 57.00  ? 139  PRO A O     1 
ATOM   1023 C CB    . PRO A 1 139 ? -4.515  15.394  -5.905  1.00 53.21  ? 139  PRO A CB    1 
ATOM   1024 C CG    . PRO A 1 139 ? -5.951  15.110  -5.659  1.00 53.81  ? 139  PRO A CG    1 
ATOM   1025 C CD    . PRO A 1 139 ? -5.893  14.041  -4.573  1.00 56.55  ? 139  PRO A CD    1 
ATOM   1026 N N     . ASP A 1 140 ? -4.079  16.928  -2.558  1.00 52.75  ? 140  ASP A N     1 
ATOM   1027 C CA    . ASP A 1 140 ? -4.337  18.154  -1.833  1.00 54.57  ? 140  ASP A CA    1 
ATOM   1028 C C     . ASP A 1 140 ? -3.786  17.992  -0.440  1.00 54.78  ? 140  ASP A C     1 
ATOM   1029 O O     . ASP A 1 140 ? -3.955  18.853  0.428   1.00 55.68  ? 140  ASP A O     1 
ATOM   1030 C CB    . ASP A 1 140 ? -5.841  18.458  -1.807  1.00 56.49  ? 140  ASP A CB    1 
ATOM   1031 C CG    . ASP A 1 140 ? -6.667  17.357  -1.165  1.00 59.29  ? 140  ASP A CG    1 
ATOM   1032 O OD1   . ASP A 1 140 ? -6.693  17.262  0.087   1.00 58.26  ? 140  ASP A OD1   1 
ATOM   1033 O OD2   . ASP A 1 140 ? -7.303  16.594  -1.927  1.00 58.85  ? 140  ASP A OD2   1 
ATOM   1034 N N     . ALA A 1 141 ? -3.098  16.876  -0.244  1.00 54.24  ? 141  ALA A N     1 
ATOM   1035 C CA    . ALA A 1 141 ? -2.501  16.565  1.037   1.00 53.46  ? 141  ALA A CA    1 
ATOM   1036 C C     . ALA A 1 141 ? -1.345  17.506  1.314   1.00 53.28  ? 141  ALA A C     1 
ATOM   1037 O O     . ALA A 1 141 ? -0.395  17.575  0.535   1.00 54.35  ? 141  ALA A O     1 
ATOM   1038 C CB    . ALA A 1 141 ? -2.009  15.115  1.054   1.00 52.84  ? 141  ALA A CB    1 
ATOM   1039 N N     . PRO A 1 142 ? -1.413  18.255  2.421   1.00 53.65  ? 142  PRO A N     1 
ATOM   1040 C CA    . PRO A 1 142 ? -0.288  19.153  2.688   1.00 54.43  ? 142  PRO A CA    1 
ATOM   1041 C C     . PRO A 1 142 ? 1.034   18.397  2.617   1.00 53.54  ? 142  PRO A C     1 
ATOM   1042 O O     . PRO A 1 142 ? 2.005   18.879  2.027   1.00 55.32  ? 142  PRO A O     1 
ATOM   1043 C CB    . PRO A 1 142 ? -0.582  19.670  4.100   1.00 55.15  ? 142  PRO A CB    1 
ATOM   1044 C CG    . PRO A 1 142 ? -1.400  18.543  4.717   1.00 54.50  ? 142  PRO A CG    1 
ATOM   1045 C CD    . PRO A 1 142 ? -2.338  18.220  3.566   1.00 54.38  ? 142  PRO A CD    1 
ATOM   1046 N N     . VAL A 1 143 ? 1.047   17.199  3.202   1.00 49.85  ? 143  VAL A N     1 
ATOM   1047 C CA    . VAL A 1 143 ? 2.242   16.358  3.256   1.00 45.18  ? 143  VAL A CA    1 
ATOM   1048 C C     . VAL A 1 143 ? 2.300   15.325  2.135   1.00 46.79  ? 143  VAL A C     1 
ATOM   1049 O O     . VAL A 1 143 ? 1.283   14.738  1.762   1.00 47.14  ? 143  VAL A O     1 
ATOM   1050 C CB    . VAL A 1 143 ? 2.304   15.627  4.590   1.00 41.44  ? 143  VAL A CB    1 
ATOM   1051 C CG1   . VAL A 1 143 ? 3.695   15.748  5.184   1.00 44.25  ? 143  VAL A CG1   1 
ATOM   1052 C CG2   . VAL A 1 143 ? 1.238   16.180  5.528   1.00 41.39  ? 143  VAL A CG2   1 
ATOM   1053 N N     . LYS A 1 144 ? 3.493   15.093  1.597   1.00 49.37  ? 144  LYS A N     1 
ATOM   1054 C CA    . LYS A 1 144 ? 3.640   14.135  0.506   1.00 50.65  ? 144  LYS A CA    1 
ATOM   1055 C C     . LYS A 1 144 ? 4.988   13.434  0.480   1.00 52.68  ? 144  LYS A C     1 
ATOM   1056 O O     . LYS A 1 144 ? 5.887   13.868  -0.244  1.00 54.00  ? 144  LYS A O     1 
ATOM   1057 C CB    . LYS A 1 144 ? 3.459   14.822  -0.849  1.00 47.14  ? 144  LYS A CB    1 
ATOM   1058 C CG    . LYS A 1 144 ? 2.222   15.691  -1.003  1.00 44.40  ? 144  LYS A CG    1 
ATOM   1059 C CD    . LYS A 1 144 ? 0.949   14.887  -1.055  1.00 41.10  ? 144  LYS A CD    1 
ATOM   1060 C CE    . LYS A 1 144 ? -0.162  15.658  -1.772  1.00 39.09  ? 144  LYS A CE    1 
ATOM   1061 N NZ    . LYS A 1 144 ? 0.041   15.709  -3.250  1.00 34.10  ? 144  LYS A NZ    1 
ATOM   1062 N N     . ILE A 1 145 ? 5.128   12.353  1.248   1.00 52.84  ? 145  ILE A N     1 
ATOM   1063 C CA    . ILE A 1 145 ? 6.380   11.594  1.269   1.00 51.69  ? 145  ILE A CA    1 
ATOM   1064 C C     . ILE A 1 145 ? 6.370   10.435  0.281   1.00 53.13  ? 145  ILE A C     1 
ATOM   1065 O O     . ILE A 1 145 ? 5.365   9.748   0.131   1.00 57.01  ? 145  ILE A O     1 
ATOM   1066 C CB    . ILE A 1 145 ? 6.686   11.030  2.671   1.00 50.59  ? 145  ILE A CB    1 
ATOM   1067 C CG1   . ILE A 1 145 ? 7.152   12.170  3.579   1.00 52.60  ? 145  ILE A CG1   1 
ATOM   1068 C CG2   . ILE A 1 145 ? 7.753   9.950   2.587   1.00 44.75  ? 145  ILE A CG2   1 
ATOM   1069 C CD1   . ILE A 1 145 ? 7.657   11.725  4.921   1.00 52.05  ? 145  ILE A CD1   1 
ATOM   1070 N N     . PHE A 1 146 ? 7.493   10.227  -0.400  1.00 51.66  ? 146  PHE A N     1 
ATOM   1071 C CA    . PHE A 1 146 ? 7.611   9.135   -1.354  1.00 49.03  ? 146  PHE A CA    1 
ATOM   1072 C C     . PHE A 1 146 ? 8.862   8.300   -1.072  1.00 49.19  ? 146  PHE A C     1 
ATOM   1073 O O     . PHE A 1 146 ? 9.877   8.484   -1.738  1.00 49.59  ? 146  PHE A O     1 
ATOM   1074 C CB    . PHE A 1 146 ? 7.688   9.664   -2.782  1.00 46.26  ? 146  PHE A CB    1 
ATOM   1075 C CG    . PHE A 1 146 ? 7.585   8.577   -3.823  1.00 49.59  ? 146  PHE A CG    1 
ATOM   1076 C CD1   . PHE A 1 146 ? 6.390   7.855   -3.977  1.00 49.54  ? 146  PHE A CD1   1 
ATOM   1077 C CD2   . PHE A 1 146 ? 8.685   8.228   -4.608  1.00 49.55  ? 146  PHE A CD2   1 
ATOM   1078 C CE1   . PHE A 1 146 ? 6.289   6.796   -4.894  1.00 46.96  ? 146  PHE A CE1   1 
ATOM   1079 C CE2   . PHE A 1 146 ? 8.599   7.172   -5.528  1.00 48.97  ? 146  PHE A CE2   1 
ATOM   1080 C CZ    . PHE A 1 146 ? 7.396   6.455   -5.670  1.00 49.95  ? 146  PHE A CZ    1 
ATOM   1081 N N     . LEU A 1 147 ? 8.782   7.388   -0.098  1.00 47.30  ? 147  LEU A N     1 
ATOM   1082 C CA    . LEU A 1 147 ? 9.910   6.529   0.270   1.00 42.05  ? 147  LEU A CA    1 
ATOM   1083 C C     . LEU A 1 147 ? 10.236  5.645   -0.918  1.00 42.38  ? 147  LEU A C     1 
ATOM   1084 O O     . LEU A 1 147 ? 9.346   5.299   -1.681  1.00 42.00  ? 147  LEU A O     1 
ATOM   1085 C CB    . LEU A 1 147 ? 9.562   5.683   1.478   1.00 43.23  ? 147  LEU A CB    1 
ATOM   1086 N N     . ASP A 1 148 ? 11.504  5.274   -1.072  1.00 41.75  ? 148  ASP A N     1 
ATOM   1087 C CA    . ASP A 1 148 ? 11.925  4.478   -2.223  1.00 38.81  ? 148  ASP A CA    1 
ATOM   1088 C C     . ASP A 1 148 ? 13.160  3.635   -1.876  1.00 36.00  ? 148  ASP A C     1 
ATOM   1089 O O     . ASP A 1 148 ? 13.869  3.956   -0.928  1.00 32.53  ? 148  ASP A O     1 
ATOM   1090 C CB    . ASP A 1 148 ? 12.225  5.448   -3.378  1.00 38.75  ? 148  ASP A CB    1 
ATOM   1091 C CG    . ASP A 1 148 ? 12.319  4.759   -4.718  1.00 45.81  ? 148  ASP A CG    1 
ATOM   1092 O OD1   . ASP A 1 148 ? 11.904  5.379   -5.733  1.00 42.78  ? 148  ASP A OD1   1 
ATOM   1093 O OD2   . ASP A 1 148 ? 12.818  3.609   -4.758  1.00 49.17  ? 148  ASP A OD2   1 
ATOM   1094 N N     . ALA A 1 149 ? 13.400  2.563   -2.630  1.00 32.86  ? 149  ALA A N     1 
ATOM   1095 C CA    . ALA A 1 149 ? 14.545  1.686   -2.388  1.00 33.90  ? 149  ALA A CA    1 
ATOM   1096 C C     . ALA A 1 149 ? 14.901  0.881   -3.612  1.00 32.71  ? 149  ALA A C     1 
ATOM   1097 O O     . ALA A 1 149 ? 14.039  0.365   -4.311  1.00 29.14  ? 149  ALA A O     1 
ATOM   1098 C CB    . ALA A 1 149 ? 14.276  0.740   -1.227  1.00 33.75  ? 149  ALA A CB    1 
ATOM   1099 N N     . SER A 1 150 ? 16.195  0.752   -3.850  1.00 34.83  ? 150  SER A N     1 
ATOM   1100 C CA    . SER A 1 150 ? 16.676  0.026   -5.013  1.00 36.77  ? 150  SER A CA    1 
ATOM   1101 C C     . SER A 1 150 ? 15.974  -1.300  -5.189  1.00 40.33  ? 150  SER A C     1 
ATOM   1102 O O     . SER A 1 150 ? 15.079  -1.658  -4.431  1.00 42.35  ? 150  SER A O     1 
ATOM   1103 C CB    . SER A 1 150 ? 18.170  -0.218  -4.888  1.00 34.17  ? 150  SER A CB    1 
ATOM   1104 O OG    . SER A 1 150 ? 18.423  -1.108  -3.825  1.00 35.25  ? 150  SER A OG    1 
ATOM   1105 N N     . SER A 1 151 ? 16.401  -2.028  -6.210  1.00 45.43  ? 151  SER A N     1 
ATOM   1106 C CA    . SER A 1 151 ? 15.856  -3.341  -6.518  1.00 48.46  ? 151  SER A CA    1 
ATOM   1107 C C     . SER A 1 151 ? 16.511  -4.404  -5.621  1.00 50.07  ? 151  SER A C     1 
ATOM   1108 O O     . SER A 1 151 ? 15.835  -5.036  -4.799  1.00 51.84  ? 151  SER A O     1 
ATOM   1109 C CB    . SER A 1 151 ? 16.113  -3.668  -7.993  1.00 50.96  ? 151  SER A CB    1 
ATOM   1110 O OG    . SER A 1 151 ? 16.011  -5.057  -8.240  1.00 49.77  ? 151  SER A OG    1 
ATOM   1111 N N     . GLU A 1 152 ? 17.826  -4.590  -5.770  1.00 47.85  ? 152  GLU A N     1 
ATOM   1112 C CA    . GLU A 1 152 ? 18.550  -5.583  -4.973  1.00 47.79  ? 152  GLU A CA    1 
ATOM   1113 C C     . GLU A 1 152 ? 18.181  -5.471  -3.506  1.00 43.48  ? 152  GLU A C     1 
ATOM   1114 O O     . GLU A 1 152 ? 17.998  -6.477  -2.829  1.00 42.02  ? 152  GLU A O     1 
ATOM   1115 C CB    . GLU A 1 152 ? 20.065  -5.400  -5.071  1.00 50.32  ? 152  GLU A CB    1 
ATOM   1116 C CG    . GLU A 1 152 ? 20.535  -4.622  -6.262  1.00 58.54  ? 152  GLU A CG    1 
ATOM   1117 C CD    . GLU A 1 152 ? 20.349  -5.383  -7.549  1.00 61.42  ? 152  GLU A CD    1 
ATOM   1118 O OE1   . GLU A 1 152 ? 20.875  -6.516  -7.640  1.00 59.79  ? 152  GLU A OE1   1 
ATOM   1119 O OE2   . GLU A 1 152 ? 19.684  -4.844  -8.464  1.00 65.86  ? 152  GLU A OE2   1 
ATOM   1120 N N     . GLU A 1 153 ? 18.087  -4.243  -3.014  1.00 40.69  ? 153  GLU A N     1 
ATOM   1121 C CA    . GLU A 1 153 ? 17.757  -4.041  -1.624  1.00 37.02  ? 153  GLU A CA    1 
ATOM   1122 C C     . GLU A 1 153 ? 16.297  -4.389  -1.340  1.00 39.42  ? 153  GLU A C     1 
ATOM   1123 O O     . GLU A 1 153 ? 16.023  -5.362  -0.626  1.00 41.28  ? 153  GLU A O     1 
ATOM   1124 C CB    . GLU A 1 153 ? 18.084  -2.607  -1.212  1.00 30.27  ? 153  GLU A CB    1 
ATOM   1125 C CG    . GLU A 1 153 ? 17.634  -2.213  0.196   1.00 34.52  ? 153  GLU A CG    1 
ATOM   1126 C CD    . GLU A 1 153 ? 18.149  -3.122  1.302   1.00 31.96  ? 153  GLU A CD    1 
ATOM   1127 O OE1   . GLU A 1 153 ? 19.346  -3.035  1.655   1.00 36.15  ? 153  GLU A OE1   1 
ATOM   1128 O OE2   . GLU A 1 153 ? 17.338  -3.913  1.821   1.00 23.53  ? 153  GLU A OE2   1 
ATOM   1129 N N     . ARG A 1 154 ? 15.350  -3.630  -1.892  1.00 37.36  ? 154  ARG A N     1 
ATOM   1130 C CA    . ARG A 1 154 ? 13.945  -3.949  -1.629  1.00 33.23  ? 154  ARG A CA    1 
ATOM   1131 C C     . ARG A 1 154 ? 13.759  -5.455  -1.709  1.00 32.68  ? 154  ARG A C     1 
ATOM   1132 O O     . ARG A 1 154 ? 12.898  -6.012  -1.057  1.00 30.90  ? 154  ARG A O     1 
ATOM   1133 C CB    . ARG A 1 154 ? 13.020  -3.256  -2.625  1.00 37.05  ? 154  ARG A CB    1 
ATOM   1134 C CG    . ARG A 1 154 ? 12.449  -1.958  -2.149  1.00 33.46  ? 154  ARG A CG    1 
ATOM   1135 C CD    . ARG A 1 154 ? 12.024  -1.139  -3.332  1.00 36.77  ? 154  ARG A CD    1 
ATOM   1136 N NE    . ARG A 1 154 ? 11.179  -1.887  -4.260  1.00 43.48  ? 154  ARG A NE    1 
ATOM   1137 C CZ    . ARG A 1 154 ? 11.098  -1.635  -5.566  1.00 46.27  ? 154  ARG A CZ    1 
ATOM   1138 N NH1   . ARG A 1 154 ? 11.815  -0.657  -6.108  1.00 41.92  ? 154  ARG A NH1   1 
ATOM   1139 N NH2   . ARG A 1 154 ? 10.296  -2.359  -6.335  1.00 43.80  ? 154  ARG A NH2   1 
ATOM   1140 N N     . ALA A 1 155 ? 14.573  -6.122  -2.514  1.00 34.07  ? 155  ALA A N     1 
ATOM   1141 C CA    . ALA A 1 155 ? 14.476  -7.571  -2.598  1.00 36.73  ? 155  ALA A CA    1 
ATOM   1142 C C     . ALA A 1 155 ? 14.816  -8.118  -1.204  1.00 38.30  ? 155  ALA A C     1 
ATOM   1143 O O     . ALA A 1 155 ? 13.990  -8.783  -0.563  1.00 38.84  ? 155  ALA A O     1 
ATOM   1144 C CB    . ALA A 1 155 ? 15.448  -8.098  -3.626  1.00 37.40  ? 155  ALA A CB    1 
ATOM   1145 N N     . HIS A 1 156 ? 16.034  -7.835  -0.738  1.00 39.91  ? 156  HIS A N     1 
ATOM   1146 C CA    . HIS A 1 156 ? 16.459  -8.276  0.580   1.00 39.21  ? 156  HIS A CA    1 
ATOM   1147 C C     . HIS A 1 156 ? 15.337  -7.911  1.509   1.00 39.11  ? 156  HIS A C     1 
ATOM   1148 O O     . HIS A 1 156 ? 14.811  -8.764  2.208   1.00 44.15  ? 156  HIS A O     1 
ATOM   1149 C CB    . HIS A 1 156 ? 17.732  -7.565  1.007   1.00 39.40  ? 156  HIS A CB    1 
ATOM   1150 C CG    . HIS A 1 156 ? 18.978  -8.217  0.499   1.00 41.84  ? 156  HIS A CG    1 
ATOM   1151 N ND1   . HIS A 1 156 ? 19.375  -9.466  0.907   1.00 44.49  ? 156  HIS A ND1   1 
ATOM   1152 C CD2   . HIS A 1 156 ? 19.900  -7.790  -0.397  1.00 46.42  ? 156  HIS A CD2   1 
ATOM   1153 C CE1   . HIS A 1 156 ? 20.497  -9.791  0.278   1.00 47.44  ? 156  HIS A CE1   1 
ATOM   1154 N NE2   . HIS A 1 156 ? 20.830  -8.796  -0.514  1.00 49.30  ? 156  HIS A NE2   1 
ATOM   1155 N N     . ARG A 1 157 ? 14.956  -6.643  1.494   1.00 35.51  ? 157  ARG A N     1 
ATOM   1156 C CA    . ARG A 1 157 ? 13.849  -6.195  2.322   1.00 39.03  ? 157  ARG A CA    1 
ATOM   1157 C C     . ARG A 1 157 ? 12.573  -6.955  1.962   1.00 40.55  ? 157  ARG A C     1 
ATOM   1158 O O     . ARG A 1 157 ? 11.594  -6.345  1.523   1.00 45.18  ? 157  ARG A O     1 
ATOM   1159 C CB    . ARG A 1 157 ? 13.596  -4.688  2.132   1.00 39.79  ? 157  ARG A CB    1 
ATOM   1160 C CG    . ARG A 1 157 ? 14.534  -3.751  2.910   1.00 37.81  ? 157  ARG A CG    1 
ATOM   1161 C CD    . ARG A 1 157 ? 15.016  -2.644  2.004   1.00 36.10  ? 157  ARG A CD    1 
ATOM   1162 N NE    . ARG A 1 157 ? 15.651  -1.536  2.703   1.00 36.64  ? 157  ARG A NE    1 
ATOM   1163 C CZ    . ARG A 1 157 ? 14.987  -0.539  3.281   1.00 37.12  ? 157  ARG A CZ    1 
ATOM   1164 N NH1   . ARG A 1 157 ? 13.668  -0.522  3.243   1.00 40.13  ? 157  ARG A NH1   1 
ATOM   1165 N NH2   . ARG A 1 157 ? 15.638  0.450   3.877   1.00 36.01  ? 157  ARG A NH2   1 
ATOM   1166 N N     . ARG A 1 158 ? 12.580  -8.272  2.146   1.00 39.29  ? 158  ARG A N     1 
ATOM   1167 C CA    . ARG A 1 158 ? 11.419  -9.106  1.829   1.00 43.07  ? 158  ARG A CA    1 
ATOM   1168 C C     . ARG A 1 158 ? 11.852  -10.565 1.778   1.00 43.14  ? 158  ARG A C     1 
ATOM   1169 O O     . ARG A 1 158 ? 11.546  -11.353 2.684   1.00 39.10  ? 158  ARG A O     1 
ATOM   1170 C CB    . ARG A 1 158 ? 10.810  -8.710  0.471   1.00 46.61  ? 158  ARG A CB    1 
ATOM   1171 C CG    . ARG A 1 158 ? 9.354   -8.224  0.500   1.00 49.88  ? 158  ARG A CG    1 
ATOM   1172 C CD    . ARG A 1 158 ? 8.916   -7.751  -0.886  1.00 55.97  ? 158  ARG A CD    1 
ATOM   1173 N NE    . ARG A 1 158 ? 7.558   -7.202  -0.913  1.00 61.23  ? 158  ARG A NE    1 
ATOM   1174 C CZ    . ARG A 1 158 ? 6.437   -7.925  -0.905  1.00 62.26  ? 158  ARG A CZ    1 
ATOM   1175 N NH1   . ARG A 1 158 ? 6.489   -9.251  -0.872  1.00 65.37  ? 158  ARG A NH1   1 
ATOM   1176 N NH2   . ARG A 1 158 ? 5.253   -7.319  -0.923  1.00 55.37  ? 158  ARG A NH2   1 
ATOM   1177 N N     . MET A 1 159 ? 12.570  -10.923 0.715   1.00 44.18  ? 159  MET A N     1 
ATOM   1178 C CA    . MET A 1 159 ? 13.051  -12.289 0.561   1.00 43.50  ? 159  MET A CA    1 
ATOM   1179 C C     . MET A 1 159 ? 13.783  -12.700 1.829   1.00 44.12  ? 159  MET A C     1 
ATOM   1180 O O     . MET A 1 159 ? 14.169  -13.850 1.988   1.00 44.73  ? 159  MET A O     1 
ATOM   1181 C CB    . MET A 1 159 ? 13.984  -12.375 -0.652  1.00 45.81  ? 159  MET A CB    1 
ATOM   1182 C CG    . MET A 1 159 ? 14.810  -13.661 -0.780  1.00 46.11  ? 159  MET A CG    1 
ATOM   1183 S SD    . MET A 1 159 ? 16.263  -13.701 0.294   1.00 45.14  ? 159  MET A SD    1 
ATOM   1184 C CE    . MET A 1 159 ? 17.246  -12.336 -0.368  1.00 48.08  ? 159  MET A CE    1 
ATOM   1185 N N     . LEU A 1 160 ? 13.971  -11.751 2.735   1.00 46.29  ? 160  LEU A N     1 
ATOM   1186 C CA    . LEU A 1 160 ? 14.653  -12.025 3.986   1.00 47.16  ? 160  LEU A CA    1 
ATOM   1187 C C     . LEU A 1 160 ? 13.638  -11.842 5.083   1.00 48.80  ? 160  LEU A C     1 
ATOM   1188 O O     . LEU A 1 160 ? 13.544  -12.628 6.029   1.00 43.50  ? 160  LEU A O     1 
ATOM   1189 C CB    . LEU A 1 160 ? 15.817  -11.055 4.162   1.00 43.16  ? 160  LEU A CB    1 
ATOM   1190 C CG    . LEU A 1 160 ? 17.055  -11.741 4.736   1.00 44.86  ? 160  LEU A CG    1 
ATOM   1191 C CD1   . LEU A 1 160 ? 18.322  -11.217 4.059   1.00 43.38  ? 160  LEU A CD1   1 
ATOM   1192 C CD2   . LEU A 1 160 ? 17.071  -11.534 6.232   1.00 45.65  ? 160  LEU A CD2   1 
ATOM   1193 N N     . GLN A 1 161 ? 12.852  -10.792 4.924   1.00 51.78  ? 161  GLN A N     1 
ATOM   1194 C CA    . GLN A 1 161 ? 11.819  -10.480 5.887   1.00 57.44  ? 161  GLN A CA    1 
ATOM   1195 C C     . GLN A 1 161 ? 10.951  -11.716 6.139   1.00 58.37  ? 161  GLN A C     1 
ATOM   1196 O O     . GLN A 1 161 ? 10.388  -11.858 7.225   1.00 60.09  ? 161  GLN A O     1 
ATOM   1197 C CB    . GLN A 1 161 ? 10.978  -9.305  5.370   1.00 61.57  ? 161  GLN A CB    1 
ATOM   1198 C CG    . GLN A 1 161 ? 9.980   -8.764  6.366   1.00 65.49  ? 161  GLN A CG    1 
ATOM   1199 C CD    . GLN A 1 161 ? 8.668   -9.502  6.304   1.00 69.16  ? 161  GLN A CD    1 
ATOM   1200 O OE1   . GLN A 1 161 ? 7.980   -9.652  7.311   1.00 71.12  ? 161  GLN A OE1   1 
ATOM   1201 N NE2   . GLN A 1 161 ? 8.303   -9.957  5.112   1.00 68.94  ? 161  GLN A NE2   1 
ATOM   1202 N N     . LEU A 1 162 ? 10.869  -12.597 5.134   1.00 59.28  ? 162  LEU A N     1 
ATOM   1203 C CA    . LEU A 1 162 ? 10.093  -13.828 5.213   1.00 59.32  ? 162  LEU A CA    1 
ATOM   1204 C C     . LEU A 1 162 ? 10.960  -15.036 5.478   1.00 59.63  ? 162  LEU A C     1 
ATOM   1205 O O     . LEU A 1 162 ? 10.466  -16.167 5.526   1.00 59.86  ? 162  LEU A O     1 
ATOM   1206 C CB    . LEU A 1 162 ? 9.346   -14.095 3.929   1.00 60.51  ? 162  LEU A CB    1 
ATOM   1207 C CG    . LEU A 1 162 ? 8.031   -13.339 3.786   1.00 64.00  ? 162  LEU A CG    1 
ATOM   1208 C CD1   . LEU A 1 162 ? 7.486   -13.513 2.367   1.00 62.77  ? 162  LEU A CD1   1 
ATOM   1209 C CD2   . LEU A 1 162 ? 7.043   -13.844 4.838   1.00 65.02  ? 162  LEU A CD2   1 
ATOM   1210 N N     . GLN A 1 163 ? 12.259  -14.813 5.625   1.00 61.01  ? 163  GLN A N     1 
ATOM   1211 C CA    . GLN A 1 163 ? 13.192  -15.907 5.887   1.00 60.71  ? 163  GLN A CA    1 
ATOM   1212 C C     . GLN A 1 163 ? 13.049  -16.437 7.272   1.00 62.17  ? 163  GLN A C     1 
ATOM   1213 O O     . GLN A 1 163 ? 13.236  -17.627 7.516   1.00 63.52  ? 163  GLN A O     1 
ATOM   1214 C CB    . GLN A 1 163 ? 14.612  -15.436 5.649   1.00 58.60  ? 163  GLN A CB    1 
ATOM   1215 C CG    . GLN A 1 163 ? 14.906  -15.140 4.201   1.00 46.70  ? 163  GLN A CG    1 
ATOM   1216 C CD    . GLN A 1 163 ? 15.853  -16.113 3.647   1.00 42.09  ? 163  GLN A CD    1 
ATOM   1217 O OE1   . GLN A 1 163 ? 17.043  -15.938 3.774   1.00 44.21  ? 163  GLN A OE1   1 
ATOM   1218 N NE2   . GLN A 1 163 ? 15.344  -17.169 3.030   1.00 43.28  ? 163  GLN A NE2   1 
ATOM   1219 N N     . GLU A 1 164 ? 12.660  -15.552 8.174   1.00 62.89  ? 164  GLU A N     1 
ATOM   1220 C CA    . GLU A 1 164 ? 12.487  -15.978 9.548   1.00 62.22  ? 164  GLU A CA    1 
ATOM   1221 C C     . GLU A 1 164 ? 11.016  -15.872 9.873   1.00 60.56  ? 164  GLU A C     1 
ATOM   1222 O O     . GLU A 1 164 ? 10.614  -15.320 10.899  1.00 58.28  ? 164  GLU A O     1 
ATOM   1223 C CB    . GLU A 1 164 ? 13.301  -15.119 10.534  1.00 64.80  ? 164  GLU A CB    1 
ATOM   1224 N N     . LYS A 1 165 ? 10.224  -16.368 8.937   1.00 59.12  ? 165  LYS A N     1 
ATOM   1225 C CA    . LYS A 1 165 ? 8.785   -16.408 9.048   1.00 61.62  ? 165  LYS A CA    1 
ATOM   1226 C C     . LYS A 1 165 ? 8.283   -17.749 8.570   1.00 60.57  ? 165  LYS A C     1 
ATOM   1227 O O     . LYS A 1 165 ? 7.105   -17.941 8.339   1.00 59.71  ? 165  LYS A O     1 
ATOM   1228 C CB    . LYS A 1 165 ? 8.155   -15.264 8.254   1.00 62.97  ? 165  LYS A CB    1 
ATOM   1229 C CG    . LYS A 1 165 ? 8.091   -13.971 8.995   1.00 66.26  ? 165  LYS A CG    1 
ATOM   1230 C CD    . LYS A 1 165 ? 7.248   -13.061 8.164   1.00 69.19  ? 165  LYS A CD    1 
ATOM   1231 C CE    . LYS A 1 165 ? 6.880   -11.827 8.914   1.00 68.71  ? 165  LYS A CE    1 
ATOM   1232 N NZ    . LYS A 1 165 ? 6.053   -10.989 8.017   1.00 73.79  ? 165  LYS A NZ    1 
ATOM   1233 N N     . GLY A 1 166 ? 9.230   -18.666 8.422   1.00 61.21  ? 166  GLY A N     1 
ATOM   1234 C CA    . GLY A 1 166 ? 8.964   -20.037 8.001   1.00 60.83  ? 166  GLY A CA    1 
ATOM   1235 C C     . GLY A 1 166 ? 8.755   -20.299 6.499   1.00 57.10  ? 166  GLY A C     1 
ATOM   1236 O O     . GLY A 1 166 ? 8.033   -21.228 6.138   1.00 56.43  ? 166  GLY A O     1 
ATOM   1237 N N     . PHE A 1 167 ? 9.386   -19.512 5.629   1.00 54.19  ? 167  PHE A N     1 
ATOM   1238 C CA    . PHE A 1 167 ? 9.252   -19.745 4.215   1.00 54.22  ? 167  PHE A CA    1 
ATOM   1239 C C     . PHE A 1 167 ? 10.551  -19.868 3.406   1.00 53.83  ? 167  PHE A C     1 
ATOM   1240 O O     . PHE A 1 167 ? 11.641  -19.518 3.876   1.00 50.07  ? 167  PHE A O     1 
ATOM   1241 C CB    . PHE A 1 167 ? 8.350   -18.689 3.548   1.00 52.14  ? 167  PHE A CB    1 
ATOM   1242 C CG    . PHE A 1 167 ? 6.903   -18.732 3.934   1.00 54.15  ? 167  PHE A CG    1 
ATOM   1243 C CD1   . PHE A 1 167 ? 6.468   -18.174 5.132   1.00 56.56  ? 167  PHE A CD1   1 
ATOM   1244 C CD2   . PHE A 1 167 ? 5.956   -19.234 3.051   1.00 56.92  ? 167  PHE A CD2   1 
ATOM   1245 C CE1   . PHE A 1 167 ? 5.088   -18.113 5.444   1.00 55.31  ? 167  PHE A CE1   1 
ATOM   1246 C CE2   . PHE A 1 167 ? 4.582   -19.184 3.365   1.00 56.77  ? 167  PHE A CE2   1 
ATOM   1247 C CZ    . PHE A 1 167 ? 4.152   -18.625 4.553   1.00 56.96  ? 167  PHE A CZ    1 
ATOM   1248 N N     . SER A 1 168 ? 10.374  -20.347 2.172   1.00 53.97  ? 168  SER A N     1 
ATOM   1249 C CA    . SER A 1 168 ? 11.464  -20.576 1.253   1.00 50.65  ? 168  SER A CA    1 
ATOM   1250 C C     . SER A 1 168 ? 11.348  -19.643 0.072   1.00 49.66  ? 168  SER A C     1 
ATOM   1251 O O     . SER A 1 168 ? 10.275  -19.508 -0.508  1.00 44.37  ? 168  SER A O     1 
ATOM   1252 C CB    . SER A 1 168 ? 11.415  -21.997 0.730   1.00 51.05  ? 168  SER A CB    1 
ATOM   1253 O OG    . SER A 1 168 ? 10.221  -22.203 -0.009  1.00 52.31  ? 168  SER A OG    1 
ATOM   1254 N N     . VAL A 1 169 ? 12.461  -19.014 -0.287  1.00 51.17  ? 169  VAL A N     1 
ATOM   1255 C CA    . VAL A 1 169 ? 12.513  -18.084 -1.399  1.00 50.75  ? 169  VAL A CA    1 
ATOM   1256 C C     . VAL A 1 169 ? 13.968  -17.769 -1.698  1.00 53.57  ? 169  VAL A C     1 
ATOM   1257 O O     . VAL A 1 169 ? 14.832  -17.830 -0.815  1.00 53.51  ? 169  VAL A O     1 
ATOM   1258 C CB    . VAL A 1 169 ? 11.773  -16.756 -1.073  1.00 48.69  ? 169  VAL A CB    1 
ATOM   1259 C CG1   . VAL A 1 169 ? 10.296  -16.883 -1.397  1.00 49.15  ? 169  VAL A CG1   1 
ATOM   1260 C CG2   . VAL A 1 169 ? 11.956  -16.391 0.393   1.00 46.95  ? 169  VAL A CG2   1 
ATOM   1261 N N     . ASN A 1 170 ? 14.234  -17.441 -2.956  1.00 54.60  ? 170  ASN A N     1 
ATOM   1262 C CA    . ASN A 1 170 ? 15.582  -17.104 -3.363  1.00 56.71  ? 170  ASN A CA    1 
ATOM   1263 C C     . ASN A 1 170 ? 15.676  -15.659 -3.833  1.00 58.31  ? 170  ASN A C     1 
ATOM   1264 O O     . ASN A 1 170 ? 14.768  -15.125 -4.484  1.00 57.08  ? 170  ASN A O     1 
ATOM   1265 C CB    . ASN A 1 170 ? 16.061  -18.029 -4.478  1.00 59.42  ? 170  ASN A CB    1 
ATOM   1266 C CG    . ASN A 1 170 ? 15.228  -17.901 -5.727  1.00 61.58  ? 170  ASN A CG    1 
ATOM   1267 O OD1   . ASN A 1 170 ? 14.079  -18.349 -5.774  1.00 59.10  ? 170  ASN A OD1   1 
ATOM   1268 N ND2   . ASN A 1 170 ? 15.797  -17.271 -6.750  1.00 65.18  ? 170  ASN A ND2   1 
ATOM   1269 N N     . PHE A 1 171 ? 16.794  -15.038 -3.473  1.00 58.24  ? 171  PHE A N     1 
ATOM   1270 C CA    . PHE A 1 171 ? 17.100  -13.659 -3.818  1.00 56.25  ? 171  PHE A CA    1 
ATOM   1271 C C     . PHE A 1 171 ? 16.912  -13.481 -5.336  1.00 56.28  ? 171  PHE A C     1 
ATOM   1272 O O     . PHE A 1 171 ? 16.279  -12.516 -5.774  1.00 55.43  ? 171  PHE A O     1 
ATOM   1273 C CB    . PHE A 1 171 ? 18.552  -13.362 -3.386  1.00 58.12  ? 171  PHE A CB    1 
ATOM   1274 C CG    . PHE A 1 171 ? 18.952  -11.898 -3.434  1.00 55.66  ? 171  PHE A CG    1 
ATOM   1275 C CD1   . PHE A 1 171 ? 20.296  -11.537 -3.292  1.00 53.27  ? 171  PHE A CD1   1 
ATOM   1276 C CD2   . PHE A 1 171 ? 18.007  -10.890 -3.609  1.00 51.82  ? 171  PHE A CD2   1 
ATOM   1277 C CE1   . PHE A 1 171 ? 20.695  -10.201 -3.327  1.00 49.04  ? 171  PHE A CE1   1 
ATOM   1278 C CE2   . PHE A 1 171 ? 18.395  -9.547  -3.644  1.00 49.84  ? 171  PHE A CE2   1 
ATOM   1279 C CZ    . PHE A 1 171 ? 19.742  -9.204  -3.503  1.00 50.09  ? 171  PHE A CZ    1 
ATOM   1280 N N     . GLU A 1 172 ? 17.428  -14.430 -6.126  1.00 56.64  ? 172  GLU A N     1 
ATOM   1281 C CA    . GLU A 1 172 ? 17.343  -14.365 -7.590  1.00 55.14  ? 172  GLU A CA    1 
ATOM   1282 C C     . GLU A 1 172 ? 15.916  -14.199 -8.081  1.00 53.90  ? 172  GLU A C     1 
ATOM   1283 O O     . GLU A 1 172 ? 15.606  -13.271 -8.827  1.00 55.31  ? 172  GLU A O     1 
ATOM   1284 C CB    . GLU A 1 172 ? 17.947  -15.616 -8.225  1.00 54.27  ? 172  GLU A CB    1 
ATOM   1285 C CG    . GLU A 1 172 ? 19.233  -16.121 -7.580  1.00 53.38  ? 172  GLU A CG    1 
ATOM   1286 C CD    . GLU A 1 172 ? 18.984  -17.186 -6.511  1.00 54.59  ? 172  GLU A CD    1 
ATOM   1287 O OE1   . GLU A 1 172 ? 18.840  -16.832 -5.322  1.00 56.27  ? 172  GLU A OE1   1 
ATOM   1288 O OE2   . GLU A 1 172 ? 18.923  -18.385 -6.863  1.00 55.13  ? 172  GLU A OE2   1 
ATOM   1289 N N     . ARG A 1 173 ? 15.046  -15.108 -7.669  1.00 52.47  ? 173  ARG A N     1 
ATOM   1290 C CA    . ARG A 1 173 ? 13.649  -15.033 -8.063  1.00 52.65  ? 173  ARG A CA    1 
ATOM   1291 C C     . ARG A 1 173 ? 13.015  -13.690 -7.703  1.00 50.79  ? 173  ARG A C     1 
ATOM   1292 O O     . ARG A 1 173 ? 12.830  -12.859 -8.582  1.00 51.73  ? 173  ARG A O     1 
ATOM   1293 C CB    . ARG A 1 173 ? 12.864  -16.185 -7.432  1.00 55.50  ? 173  ARG A CB    1 
ATOM   1294 C CG    . ARG A 1 173 ? 11.370  -16.146 -7.702  1.00 57.03  ? 173  ARG A CG    1 
ATOM   1295 C CD    . ARG A 1 173 ? 10.723  -17.504 -7.498  1.00 57.05  ? 173  ARG A CD    1 
ATOM   1296 N NE    . ARG A 1 173 ? 9.537   -17.427 -6.648  1.00 61.72  ? 173  ARG A NE    1 
ATOM   1297 C CZ    . ARG A 1 173 ? 9.570   -17.272 -5.325  1.00 63.64  ? 173  ARG A CZ    1 
ATOM   1298 N NH1   . ARG A 1 173 ? 10.737  -17.181 -4.694  1.00 64.18  ? 173  ARG A NH1   1 
ATOM   1299 N NH2   . ARG A 1 173 ? 8.440   -17.198 -4.633  1.00 62.27  ? 173  ARG A NH2   1 
ATOM   1300 N N     . LEU A 1 174 ? 12.692  -13.490 -6.424  1.00 49.92  ? 174  LEU A N     1 
ATOM   1301 C CA    . LEU A 1 174 ? 12.065  -12.259 -5.926  1.00 48.39  ? 174  LEU A CA    1 
ATOM   1302 C C     . LEU A 1 174 ? 12.656  -10.993 -6.500  1.00 47.38  ? 174  LEU A C     1 
ATOM   1303 O O     . LEU A 1 174 ? 11.994  -9.953  -6.581  1.00 42.99  ? 174  LEU A O     1 
ATOM   1304 C CB    . LEU A 1 174 ? 12.137  -12.198 -4.400  1.00 47.75  ? 174  LEU A CB    1 
ATOM   1305 C CG    . LEU A 1 174 ? 11.413  -13.347 -3.691  1.00 49.78  ? 174  LEU A CG    1 
ATOM   1306 C CD1   . LEU A 1 174 ? 12.133  -14.678 -3.936  1.00 48.13  ? 174  LEU A CD1   1 
ATOM   1307 C CD2   . LEU A 1 174 ? 11.347  -13.041 -2.209  1.00 50.05  ? 174  LEU A CD2   1 
ATOM   1308 N N     . LEU A 1 175 ? 13.925  -11.076 -6.872  1.00 50.09  ? 175  LEU A N     1 
ATOM   1309 C CA    . LEU A 1 175 ? 14.576  -9.938  -7.488  1.00 51.28  ? 175  LEU A CA    1 
ATOM   1310 C C     . LEU A 1 175 ? 13.725  -9.707  -8.714  1.00 51.93  ? 175  LEU A C     1 
ATOM   1311 O O     . LEU A 1 175 ? 13.003  -8.699  -8.804  1.00 55.37  ? 175  LEU A O     1 
ATOM   1312 C CB    . LEU A 1 175 ? 15.995  -10.286 -7.931  1.00 48.91  ? 175  LEU A CB    1 
ATOM   1313 C CG    . LEU A 1 175 ? 16.562  -9.331  -8.980  1.00 47.71  ? 175  LEU A CG    1 
ATOM   1314 C CD1   . LEU A 1 175 ? 16.602  -7.909  -8.446  1.00 51.96  ? 175  LEU A CD1   1 
ATOM   1315 C CD2   . LEU A 1 175 ? 17.948  -9.809  -9.363  1.00 51.97  ? 175  LEU A CD2   1 
ATOM   1316 N N     . ALA A 1 176 ? 13.814  -10.673 -9.638  1.00 48.92  ? 176  ALA A N     1 
ATOM   1317 C CA    . ALA A 1 176 ? 13.080  -10.648 -10.906 1.00 46.92  ? 176  ALA A CA    1 
ATOM   1318 C C     . ALA A 1 176 ? 11.618  -10.325 -10.673 1.00 45.09  ? 176  ALA A C     1 
ATOM   1319 O O     . ALA A 1 176 ? 11.017  -9.536  -11.406 1.00 43.42  ? 176  ALA A O     1 
ATOM   1320 C CB    . ALA A 1 176 ? 13.221  -11.984 -11.621 1.00 47.86  ? 176  ALA A CB    1 
ATOM   1321 N N     . GLU A 1 177 ? 11.056  -10.939 -9.640  1.00 46.26  ? 177  GLU A N     1 
ATOM   1322 C CA    . GLU A 1 177 ? 9.672   -10.703 -9.298  1.00 50.12  ? 177  GLU A CA    1 
ATOM   1323 C C     . GLU A 1 177 ? 9.394   -9.221  -9.070  1.00 49.24  ? 177  GLU A C     1 
ATOM   1324 O O     . GLU A 1 177 ? 8.440   -8.692  -9.637  1.00 46.33  ? 177  GLU A O     1 
ATOM   1325 C CB    . GLU A 1 177 ? 9.264   -11.513 -8.059  1.00 55.56  ? 177  GLU A CB    1 
ATOM   1326 C CG    . GLU A 1 177 ? 8.275   -12.656 -8.355  1.00 63.86  ? 177  GLU A CG    1 
ATOM   1327 C CD    . GLU A 1 177 ? 8.939   -13.855 -9.016  1.00 69.34  ? 177  GLU A CD    1 
ATOM   1328 O OE1   . GLU A 1 177 ? 8.219   -14.738 -9.538  1.00 69.21  ? 177  GLU A OE1   1 
ATOM   1329 O OE2   . GLU A 1 177 ? 10.189  -13.914 -9.003  1.00 72.13  ? 177  GLU A OE2   1 
ATOM   1330 N N     . ILE A 1 178 ? 10.213  -8.542  -8.265  1.00 50.11  ? 178  ILE A N     1 
ATOM   1331 C CA    . ILE A 1 178 ? 9.967   -7.118  -8.030  1.00 55.22  ? 178  ILE A CA    1 
ATOM   1332 C C     . ILE A 1 178 ? 10.395  -6.293  -9.233  1.00 57.85  ? 178  ILE A C     1 
ATOM   1333 O O     . ILE A 1 178 ? 9.742   -5.309  -9.568  1.00 55.75  ? 178  ILE A O     1 
ATOM   1334 C CB    . ILE A 1 178 ? 10.678  -6.557  -6.743  1.00 54.25  ? 178  ILE A CB    1 
ATOM   1335 C CG1   . ILE A 1 178 ? 12.178  -6.380  -6.983  1.00 55.87  ? 178  ILE A CG1   1 
ATOM   1336 C CG2   . ILE A 1 178 ? 10.365  -7.427  -5.544  1.00 47.32  ? 178  ILE A CG2   1 
ATOM   1337 C CD1   . ILE A 1 178 ? 12.543  -4.975  -7.456  1.00 59.28  ? 178  ILE A CD1   1 
ATOM   1338 N N     . LYS A 1 179 ? 11.493  -6.690  -9.873  1.00 62.75  ? 179  LYS A N     1 
ATOM   1339 C CA    . LYS A 1 179 ? 11.972  -5.982  -11.054 1.00 65.90  ? 179  LYS A CA    1 
ATOM   1340 C C     . LYS A 1 179 ? 10.817  -5.997  -12.050 1.00 70.85  ? 179  LYS A C     1 
ATOM   1341 O O     . LYS A 1 179 ? 10.573  -5.019  -12.764 1.00 69.43  ? 179  LYS A O     1 
ATOM   1342 C CB    . LYS A 1 179 ? 13.193  -6.693  -11.655 1.00 64.23  ? 179  LYS A CB    1 
ATOM   1343 C CG    . LYS A 1 179 ? 14.539  -6.370  -11.005 1.00 61.91  ? 179  LYS A CG    1 
ATOM   1344 C CD    . LYS A 1 179 ? 15.392  -5.485  -11.916 1.00 61.91  ? 179  LYS A CD    1 
ATOM   1345 C CE    . LYS A 1 179 ? 16.795  -5.221  -11.341 1.00 66.71  ? 179  LYS A CE    1 
ATOM   1346 N NZ    . LYS A 1 179 ? 17.666  -6.434  -11.276 1.00 66.31  ? 179  LYS A NZ    1 
ATOM   1347 N N     . GLU A 1 180 ? 10.100  -7.117  -12.075 1.00 76.68  ? 180  GLU A N     1 
ATOM   1348 C CA    . GLU A 1 180 ? 8.955   -7.284  -12.966 1.00 82.54  ? 180  GLU A CA    1 
ATOM   1349 C C     . GLU A 1 180 ? 7.908   -6.209  -12.708 1.00 82.43  ? 180  GLU A C     1 
ATOM   1350 O O     . GLU A 1 180 ? 7.582   -5.414  -13.587 1.00 83.13  ? 180  GLU A O     1 
ATOM   1351 C CB    . GLU A 1 180 ? 8.298   -8.657  -12.760 1.00 85.80  ? 180  GLU A CB    1 
ATOM   1352 C CG    . GLU A 1 180 ? 9.036   -9.859  -13.358 1.00 89.46  ? 180  GLU A CG    1 
ATOM   1353 C CD    . GLU A 1 180 ? 8.413   -11.178 -12.916 1.00 92.74  ? 180  GLU A CD    1 
ATOM   1354 O OE1   . GLU A 1 180 ? 7.323   -11.144 -12.304 1.00 94.94  ? 180  GLU A OE1   1 
ATOM   1355 O OE2   . GLU A 1 180 ? 9.002   -12.246 -13.174 1.00 95.41  ? 180  GLU A OE2   1 
ATOM   1356 N N     . ARG A 1 181 ? 7.377   -6.190  -11.493 1.00 83.59  ? 181  ARG A N     1 
ATOM   1357 C CA    . ARG A 1 181 ? 6.352   -5.220  -11.157 1.00 86.01  ? 181  ARG A CA    1 
ATOM   1358 C C     . ARG A 1 181 ? 6.774   -3.784  -11.466 1.00 85.15  ? 181  ARG A C     1 
ATOM   1359 O O     . ARG A 1 181 ? 5.924   -2.936  -11.771 1.00 83.77  ? 181  ARG A O     1 
ATOM   1360 C CB    . ARG A 1 181 ? 5.965   -5.366  -9.686  1.00 90.11  ? 181  ARG A CB    1 
ATOM   1361 C CG    . ARG A 1 181 ? 5.405   -6.752  -9.305  1.00 95.43  ? 181  ARG A CG    1 
ATOM   1362 C CD    . ARG A 1 181 ? 5.212   -6.825  -7.797  1.00 100.18 ? 181  ARG A CD    1 
ATOM   1363 N NE    . ARG A 1 181 ? 4.527   -8.030  -7.342  1.00 103.45 ? 181  ARG A NE    1 
ATOM   1364 C CZ    . ARG A 1 181 ? 4.019   -8.166  -6.118  1.00 106.49 ? 181  ARG A CZ    1 
ATOM   1365 N NH1   . ARG A 1 181 ? 4.124   -7.173  -5.238  1.00 108.77 ? 181  ARG A NH1   1 
ATOM   1366 N NH2   . ARG A 1 181 ? 3.399   -9.287  -5.770  1.00 109.27 ? 181  ARG A NH2   1 
ATOM   1367 N N     . ASP A 1 182 ? 8.080   -3.516  -11.412 1.00 85.04  ? 182  ASP A N     1 
ATOM   1368 C CA    . ASP A 1 182 ? 8.583   -2.170  -11.691 1.00 84.66  ? 182  ASP A CA    1 
ATOM   1369 C C     . ASP A 1 182 ? 8.352   -1.770  -13.139 1.00 84.60  ? 182  ASP A C     1 
ATOM   1370 O O     . ASP A 1 182 ? 7.698   -0.757  -13.408 1.00 84.40  ? 182  ASP A O     1 
ATOM   1371 C CB    . ASP A 1 182 ? 10.089  -2.039  -11.393 1.00 83.42  ? 182  ASP A CB    1 
ATOM   1372 C CG    . ASP A 1 182 ? 10.404  -2.032  -9.915  1.00 81.73  ? 182  ASP A CG    1 
ATOM   1373 O OD1   . ASP A 1 182 ? 9.502   -1.751  -9.103  1.00 81.96  ? 182  ASP A OD1   1 
ATOM   1374 O OD2   . ASP A 1 182 ? 11.569  -2.302  -9.571  1.00 81.35  ? 182  ASP A OD2   1 
ATOM   1375 N N     . ASP A 1 183 ? 8.902   -2.562  -14.064 1.00 84.61  ? 183  ASP A N     1 
ATOM   1376 C CA    . ASP A 1 183 ? 8.775   -2.285  -15.490 1.00 83.72  ? 183  ASP A CA    1 
ATOM   1377 C C     . ASP A 1 183 ? 7.320   -2.361  -15.881 1.00 82.84  ? 183  ASP A C     1 
ATOM   1378 O O     . ASP A 1 183 ? 6.951   -2.021  -17.001 1.00 83.49  ? 183  ASP A O     1 
ATOM   1379 C CB    . ASP A 1 183 ? 9.627   -3.258  -16.303 1.00 84.22  ? 183  ASP A CB    1 
ATOM   1380 C CG    . ASP A 1 183 ? 11.119  -3.147  -15.963 1.00 87.65  ? 183  ASP A CG    1 
ATOM   1381 O OD1   . ASP A 1 183 ? 11.755  -2.124  -16.321 1.00 91.07  ? 183  ASP A OD1   1 
ATOM   1382 O OD2   . ASP A 1 183 ? 11.655  -4.081  -15.325 1.00 87.42  ? 183  ASP A OD2   1 
ATOM   1383 N N     . ARG A 1 184 ? 6.500   -2.816  -14.934 1.00 80.92  ? 184  ARG A N     1 
ATOM   1384 C CA    . ARG A 1 184 ? 5.053   -2.889  -15.103 1.00 78.51  ? 184  ARG A CA    1 
ATOM   1385 C C     . ARG A 1 184 ? 4.567   -1.563  -14.533 1.00 77.82  ? 184  ARG A C     1 
ATOM   1386 O O     . ARG A 1 184 ? 4.208   -0.647  -15.272 1.00 76.80  ? 184  ARG A O     1 
ATOM   1387 C CB    . ARG A 1 184 ? 4.453   -4.040  -14.292 1.00 76.16  ? 184  ARG A CB    1 
ATOM   1388 C CG    . ARG A 1 184 ? 2.958   -4.244  -14.512 1.00 74.31  ? 184  ARG A CG    1 
ATOM   1389 C CD    . ARG A 1 184 ? 2.427   -5.373  -13.644 1.00 74.17  ? 184  ARG A CD    1 
ATOM   1390 N NE    . ARG A 1 184 ? 3.192   -6.606  -13.832 1.00 73.71  ? 184  ARG A NE    1 
ATOM   1391 C CZ    . ARG A 1 184 ? 3.085   -7.689  -13.063 1.00 73.08  ? 184  ARG A CZ    1 
ATOM   1392 N NH1   . ARG A 1 184 ? 2.240   -7.712  -12.041 1.00 72.76  ? 184  ARG A NH1   1 
ATOM   1393 N NH2   . ARG A 1 184 ? 3.838   -8.754  -13.304 1.00 71.77  ? 184  ARG A NH2   1 
ATOM   1394 N N     . ASP A 1 185 ? 4.588   -1.460  -13.207 1.00 77.95  ? 185  ASP A N     1 
ATOM   1395 C CA    . ASP A 1 185 ? 4.163   -0.240  -12.526 1.00 78.22  ? 185  ASP A CA    1 
ATOM   1396 C C     . ASP A 1 185 ? 4.664   1.001   -13.223 1.00 78.65  ? 185  ASP A C     1 
ATOM   1397 O O     . ASP A 1 185 ? 4.026   2.053   -13.156 1.00 77.86  ? 185  ASP A O     1 
ATOM   1398 C CB    . ASP A 1 185 ? 4.650   -0.232  -11.086 1.00 76.11  ? 185  ASP A CB    1 
ATOM   1399 C CG    . ASP A 1 185 ? 3.839   -1.135  -10.216 1.00 74.68  ? 185  ASP A CG    1 
ATOM   1400 O OD1   . ASP A 1 185 ? 3.745   -2.338  -10.555 1.00 74.61  ? 185  ASP A OD1   1 
ATOM   1401 O OD2   . ASP A 1 185 ? 3.292   -0.640  -9.207  1.00 73.66  ? 185  ASP A OD2   1 
ATOM   1402 N N     . ARG A 1 186 ? 5.816   0.885   -13.873 1.00 79.90  ? 186  ARG A N     1 
ATOM   1403 C CA    . ARG A 1 186 ? 6.350   2.019   -14.596 1.00 83.56  ? 186  ARG A CA    1 
ATOM   1404 C C     . ARG A 1 186 ? 5.531   2.190   -15.892 1.00 85.92  ? 186  ARG A C     1 
ATOM   1405 O O     . ARG A 1 186 ? 4.633   3.023   -15.930 1.00 86.45  ? 186  ARG A O     1 
ATOM   1406 C CB    . ARG A 1 186 ? 7.852   1.841   -14.896 1.00 84.13  ? 186  ARG A CB    1 
ATOM   1407 C CG    . ARG A 1 186 ? 8.825   2.198   -13.732 1.00 83.45  ? 186  ARG A CG    1 
ATOM   1408 C CD    . ARG A 1 186 ? 8.859   3.712   -13.410 1.00 82.79  ? 186  ARG A CD    1 
ATOM   1409 N NE    . ARG A 1 186 ? 9.800   4.104   -12.347 1.00 80.24  ? 186  ARG A NE    1 
ATOM   1410 C CZ    . ARG A 1 186 ? 9.680   3.774   -11.060 1.00 79.50  ? 186  ARG A CZ    1 
ATOM   1411 N NH1   . ARG A 1 186 ? 8.655   3.034   -10.652 1.00 77.56  ? 186  ARG A NH1   1 
ATOM   1412 N NH2   . ARG A 1 186 ? 10.576  4.198   -10.175 1.00 77.08  ? 186  ARG A NH2   1 
ATOM   1413 N N     . ASN A 1 187 ? 5.809   1.393   -16.927 1.00 88.09  ? 187  ASN A N     1 
ATOM   1414 C CA    . ASN A 1 187 ? 5.104   1.497   -18.215 1.00 89.50  ? 187  ASN A CA    1 
ATOM   1415 C C     . ASN A 1 187 ? 3.594   1.490   -18.072 1.00 88.46  ? 187  ASN A C     1 
ATOM   1416 O O     . ASN A 1 187 ? 2.855   1.675   -19.060 1.00 88.72  ? 187  ASN A O     1 
ATOM   1417 C CB    . ASN A 1 187 ? 5.487   0.347   -19.139 1.00 92.51  ? 187  ASN A CB    1 
ATOM   1418 C CG    . ASN A 1 187 ? 6.778   0.599   -19.866 1.00 95.68  ? 187  ASN A CG    1 
ATOM   1419 O OD1   . ASN A 1 187 ? 7.826   0.829   -19.248 1.00 97.62  ? 187  ASN A OD1   1 
ATOM   1420 N ND2   . ASN A 1 187 ? 6.720   0.555   -21.193 1.00 93.93  ? 187  ASN A ND2   1 
ATOM   1421 N N     . MET A 1 188 ? 3.140   1.287   -16.838 1.00 87.39  ? 188  MET A N     1 
ATOM   1422 C CA    . MET A 1 188 ? 1.719   1.191   -16.513 1.00 87.15  ? 188  MET A CA    1 
ATOM   1423 C C     . MET A 1 188 ? 0.661   2.160   -17.031 1.00 86.29  ? 188  MET A C     1 
ATOM   1424 O O     . MET A 1 188 ? -0.509  1.877   -16.782 1.00 87.73  ? 188  MET A O     1 
ATOM   1425 C CB    . MET A 1 188 ? 1.529   1.064   -14.970 1.00 88.55  ? 188  MET A CB    1 
ATOM   1426 C CG    . MET A 1 188 ? 1.425   -0.369  -14.325 1.00 90.02  ? 188  MET A CG    1 
ATOM   1427 S SD    . MET A 1 188 ? 0.618   -0.278  -12.606 1.00 92.34  ? 188  MET A SD    1 
ATOM   1428 C CE    . MET A 1 188 ? 0.989   -1.979  -11.782 1.00 88.86  ? 188  MET A CE    1 
ATOM   1429 N N     . ALA A 1 189 ? 1.000   3.264   -17.699 1.00 83.18  ? 189  ALA A N     1 
ATOM   1430 C CA    . ALA A 1 189 ? -0.067  4.160   -18.180 1.00 82.31  ? 189  ALA A CA    1 
ATOM   1431 C C     . ALA A 1 189 ? -0.698  4.929   -17.024 1.00 81.44  ? 189  ALA A C     1 
ATOM   1432 O O     . ALA A 1 189 ? -0.272  6.025   -16.693 1.00 81.62  ? 189  ALA A O     1 
ATOM   1433 C CB    . ALA A 1 189 ? -1.175  3.346   -18.905 1.00 81.76  ? 189  ALA A CB    1 
ATOM   1434 N N     . VAL A 1 190 ? -1.760  4.354   -16.460 1.00 79.85  ? 190  VAL A N     1 
ATOM   1435 C CA    . VAL A 1 190 ? -2.458  4.917   -15.310 1.00 77.43  ? 190  VAL A CA    1 
ATOM   1436 C C     . VAL A 1 190 ? -1.869  4.163   -14.146 1.00 76.83  ? 190  VAL A C     1 
ATOM   1437 O O     . VAL A 1 190 ? -1.495  2.992   -14.295 1.00 77.76  ? 190  VAL A O     1 
ATOM   1438 C CB    . VAL A 1 190 ? -3.987  4.629   -15.316 1.00 76.40  ? 190  VAL A CB    1 
ATOM   1439 C CG1   . VAL A 1 190 ? -4.597  4.985   -13.933 1.00 74.29  ? 190  VAL A CG1   1 
ATOM   1440 C CG2   . VAL A 1 190 ? -4.684  5.426   -16.402 1.00 72.53  ? 190  VAL A CG2   1 
ATOM   1441 N N     . ALA A 1 191 ? -1.786  4.834   -13.001 1.00 75.03  ? 191  ALA A N     1 
ATOM   1442 C CA    . ALA A 1 191 ? -1.236  4.234   -11.788 1.00 74.55  ? 191  ALA A CA    1 
ATOM   1443 C C     . ALA A 1 191 ? 0.272   3.980   -11.899 1.00 74.24  ? 191  ALA A C     1 
ATOM   1444 O O     . ALA A 1 191 ? 0.759   2.900   -11.516 1.00 74.88  ? 191  ALA A O     1 
ATOM   1445 C CB    . ALA A 1 191 ? -1.949  2.933   -11.477 1.00 72.57  ? 191  ALA A CB    1 
ATOM   1446 N N     . PRO A 1 192 ? 1.029   4.974   -12.420 1.00 73.22  ? 192  PRO A N     1 
ATOM   1447 C CA    . PRO A 1 192 ? 2.487   4.876   -12.589 1.00 70.94  ? 192  PRO A CA    1 
ATOM   1448 C C     . PRO A 1 192 ? 3.272   4.419   -11.348 1.00 68.46  ? 192  PRO A C     1 
ATOM   1449 O O     . PRO A 1 192 ? 3.379   3.209   -11.091 1.00 64.42  ? 192  PRO A O     1 
ATOM   1450 C CB    . PRO A 1 192 ? 2.870   6.282   -13.058 1.00 72.23  ? 192  PRO A CB    1 
ATOM   1451 C CG    . PRO A 1 192 ? 1.774   7.152   -12.501 1.00 69.70  ? 192  PRO A CG    1 
ATOM   1452 C CD    . PRO A 1 192 ? 0.561   6.326   -12.785 1.00 70.73  ? 192  PRO A CD    1 
ATOM   1453 N N     . LEU A 1 193 ? 3.816   5.390   -10.607 1.00 64.41  ? 193  LEU A N     1 
ATOM   1454 C CA    . LEU A 1 193 ? 4.594   5.157   -9.387  1.00 59.95  ? 193  LEU A CA    1 
ATOM   1455 C C     . LEU A 1 193 ? 5.594   6.285   -9.208  1.00 61.34  ? 193  LEU A C     1 
ATOM   1456 O O     . LEU A 1 193 ? 6.469   6.245   -8.344  1.00 64.24  ? 193  LEU A O     1 
ATOM   1457 C CB    . LEU A 1 193 ? 5.341   3.821   -9.449  1.00 54.38  ? 193  LEU A CB    1 
ATOM   1458 C CG    . LEU A 1 193 ? 6.035   3.379   -8.157  1.00 50.08  ? 193  LEU A CG    1 
ATOM   1459 C CD1   . LEU A 1 193 ? 5.162   3.717   -6.982  1.00 50.14  ? 193  LEU A CD1   1 
ATOM   1460 C CD2   . LEU A 1 193 ? 6.321   1.898   -8.189  1.00 42.21  ? 193  LEU A CD2   1 
ATOM   1461 N N     . VAL A 1 194 ? 5.466   7.291   -10.063 1.00 62.00  ? 194  VAL A N     1 
ATOM   1462 C CA    . VAL A 1 194 ? 6.324   8.475   -10.036 1.00 60.01  ? 194  VAL A CA    1 
ATOM   1463 C C     . VAL A 1 194 ? 5.828   9.356   -8.889  1.00 55.05  ? 194  VAL A C     1 
ATOM   1464 O O     . VAL A 1 194 ? 4.626   9.504   -8.692  1.00 58.60  ? 194  VAL A O     1 
ATOM   1465 C CB    . VAL A 1 194 ? 6.215   9.247   -11.378 1.00 62.29  ? 194  VAL A CB    1 
ATOM   1466 C CG1   . VAL A 1 194 ? 7.065   10.495  -11.341 1.00 62.71  ? 194  VAL A CG1   1 
ATOM   1467 C CG2   . VAL A 1 194 ? 6.646   8.347   -12.534 1.00 63.82  ? 194  VAL A CG2   1 
ATOM   1468 N N     . PRO A 1 195 ? 6.743   9.962   -8.124  1.00 52.55  ? 195  PRO A N     1 
ATOM   1469 C CA    . PRO A 1 195 ? 6.318   10.812  -7.004  1.00 49.27  ? 195  PRO A CA    1 
ATOM   1470 C C     . PRO A 1 195 ? 5.495   12.035  -7.394  1.00 47.38  ? 195  PRO A C     1 
ATOM   1471 O O     . PRO A 1 195 ? 5.627   12.561  -8.499  1.00 45.19  ? 195  PRO A O     1 
ATOM   1472 C CB    . PRO A 1 195 ? 7.638   11.192  -6.347  1.00 49.72  ? 195  PRO A CB    1 
ATOM   1473 C CG    . PRO A 1 195 ? 8.575   11.275  -7.528  1.00 49.29  ? 195  PRO A CG    1 
ATOM   1474 C CD    . PRO A 1 195 ? 8.206   10.027  -8.310  1.00 51.72  ? 195  PRO A CD    1 
ATOM   1475 N N     . ALA A 1 196 ? 4.639   12.478  -6.475  1.00 49.78  ? 196  ALA A N     1 
ATOM   1476 C CA    . ALA A 1 196 ? 3.801   13.661  -6.690  1.00 49.12  ? 196  ALA A CA    1 
ATOM   1477 C C     . ALA A 1 196 ? 4.729   14.859  -6.943  1.00 49.81  ? 196  ALA A C     1 
ATOM   1478 O O     . ALA A 1 196 ? 5.723   15.043  -6.234  1.00 45.67  ? 196  ALA A O     1 
ATOM   1479 C CB    . ALA A 1 196 ? 2.912   13.914  -5.456  1.00 37.17  ? 196  ALA A CB    1 
ATOM   1480 N N     . ALA A 1 197 ? 4.406   15.653  -7.961  1.00 52.49  ? 197  ALA A N     1 
ATOM   1481 C CA    . ALA A 1 197 ? 5.199   16.826  -8.335  1.00 53.77  ? 197  ALA A CA    1 
ATOM   1482 C C     . ALA A 1 197 ? 5.668   17.698  -7.154  1.00 53.32  ? 197  ALA A C     1 
ATOM   1483 O O     . ALA A 1 197 ? 6.441   18.647  -7.342  1.00 54.26  ? 197  ALA A O     1 
ATOM   1484 C CB    . ALA A 1 197 ? 4.417   17.678  -9.342  1.00 53.53  ? 197  ALA A CB    1 
ATOM   1485 N N     . ASP A 1 198 ? 5.199   17.392  -5.948  1.00 50.66  ? 198  ASP A N     1 
ATOM   1486 C CA    . ASP A 1 198 ? 5.610   18.135  -4.764  1.00 49.25  ? 198  ASP A CA    1 
ATOM   1487 C C     . ASP A 1 198 ? 5.800   17.115  -3.666  1.00 46.96  ? 198  ASP A C     1 
ATOM   1488 O O     . ASP A 1 198 ? 5.604   17.405  -2.489  1.00 50.30  ? 198  ASP A O     1 
ATOM   1489 C CB    . ASP A 1 198 ? 4.538   19.124  -4.338  1.00 50.18  ? 198  ASP A CB    1 
ATOM   1490 C CG    . ASP A 1 198 ? 3.363   18.443  -3.698  1.00 51.74  ? 198  ASP A CG    1 
ATOM   1491 O OD1   . ASP A 1 198 ? 2.675   17.664  -4.408  1.00 50.06  ? 198  ASP A OD1   1 
ATOM   1492 O OD2   . ASP A 1 198 ? 3.141   18.684  -2.484  1.00 47.61  ? 198  ASP A OD2   1 
ATOM   1493 N N     . ALA A 1 199 ? 6.160   15.906  -4.072  1.00 45.19  ? 199  ALA A N     1 
ATOM   1494 C CA    . ALA A 1 199 ? 6.389   14.826  -3.136  1.00 41.71  ? 199  ALA A CA    1 
ATOM   1495 C C     . ALA A 1 199 ? 7.832   14.917  -2.721  1.00 42.02  ? 199  ALA A C     1 
ATOM   1496 O O     . ALA A 1 199 ? 8.687   15.239  -3.547  1.00 43.35  ? 199  ALA A O     1 
ATOM   1497 C CB    . ALA A 1 199 ? 6.132   13.493  -3.806  1.00 44.17  ? 199  ALA A CB    1 
ATOM   1498 N N     . LEU A 1 200 ? 8.105   14.655  -1.446  1.00 40.87  ? 200  LEU A N     1 
ATOM   1499 C CA    . LEU A 1 200 ? 9.474   14.683  -0.956  1.00 38.23  ? 200  LEU A CA    1 
ATOM   1500 C C     . LEU A 1 200 ? 10.049  13.325  -1.303  1.00 39.77  ? 200  LEU A C     1 
ATOM   1501 O O     . LEU A 1 200 ? 9.764   12.350  -0.604  1.00 41.24  ? 200  LEU A O     1 
ATOM   1502 C CB    . LEU A 1 200 ? 9.527   14.863  0.564   1.00 34.93  ? 200  LEU A CB    1 
ATOM   1503 C CG    . LEU A 1 200 ? 10.868  15.347  1.167   1.00 41.09  ? 200  LEU A CG    1 
ATOM   1504 C CD1   . LEU A 1 200 ? 10.835  15.186  2.682   1.00 44.73  ? 200  LEU A CD1   1 
ATOM   1505 C CD2   . LEU A 1 200 ? 12.047  14.557  0.623   1.00 40.43  ? 200  LEU A CD2   1 
ATOM   1506 N N     . VAL A 1 201 ? 10.820  13.239  -2.390  1.00 40.08  ? 201  VAL A N     1 
ATOM   1507 C CA    . VAL A 1 201 ? 11.432  11.962  -2.755  1.00 40.43  ? 201  VAL A CA    1 
ATOM   1508 C C     . VAL A 1 201 ? 12.326  11.626  -1.565  1.00 39.80  ? 201  VAL A C     1 
ATOM   1509 O O     . VAL A 1 201 ? 13.163  12.435  -1.177  1.00 39.09  ? 201  VAL A O     1 
ATOM   1510 C CB    . VAL A 1 201 ? 12.320  12.063  -4.017  1.00 42.08  ? 201  VAL A CB    1 
ATOM   1511 C CG1   . VAL A 1 201 ? 12.965  10.714  -4.287  1.00 40.63  ? 201  VAL A CG1   1 
ATOM   1512 C CG2   . VAL A 1 201 ? 11.501  12.511  -5.238  1.00 46.08  ? 201  VAL A CG2   1 
ATOM   1513 N N     . LEU A 1 202 ? 12.153  10.444  -0.986  1.00 39.04  ? 202  LEU A N     1 
ATOM   1514 C CA    . LEU A 1 202 ? 12.940  10.047  0.168   1.00 42.31  ? 202  LEU A CA    1 
ATOM   1515 C C     . LEU A 1 202 ? 13.355  8.582   0.036   1.00 43.66  ? 202  LEU A C     1 
ATOM   1516 O O     . LEU A 1 202 ? 12.527  7.680   0.132   1.00 46.34  ? 202  LEU A O     1 
ATOM   1517 C CB    . LEU A 1 202 ? 12.104  10.270  1.434   1.00 45.00  ? 202  LEU A CB    1 
ATOM   1518 C CG    . LEU A 1 202 ? 12.698  10.219  2.847   1.00 48.64  ? 202  LEU A CG    1 
ATOM   1519 C CD1   . LEU A 1 202 ? 11.699  10.846  3.830   1.00 49.09  ? 202  LEU A CD1   1 
ATOM   1520 C CD2   . LEU A 1 202 ? 13.019  8.777   3.240   1.00 50.17  ? 202  LEU A CD2   1 
ATOM   1521 N N     . ASP A 1 203 ? 14.647  8.354   -0.185  1.00 43.97  ? 203  ASP A N     1 
ATOM   1522 C CA    . ASP A 1 203 ? 15.204  7.006   -0.348  1.00 40.38  ? 203  ASP A CA    1 
ATOM   1523 C C     . ASP A 1 203 ? 15.399  6.317   1.004   1.00 41.31  ? 203  ASP A C     1 
ATOM   1524 O O     . ASP A 1 203 ? 15.223  6.959   2.042   1.00 46.32  ? 203  ASP A O     1 
ATOM   1525 C CB    . ASP A 1 203 ? 16.543  7.097   -1.070  1.00 33.52  ? 203  ASP A CB    1 
ATOM   1526 C CG    . ASP A 1 203 ? 16.904  5.820   -1.770  1.00 35.48  ? 203  ASP A CG    1 
ATOM   1527 O OD1   . ASP A 1 203 ? 16.963  4.793   -1.075  1.00 39.13  ? 203  ASP A OD1   1 
ATOM   1528 O OD2   . ASP A 1 203 ? 17.121  5.834   -3.009  1.00 37.94  ? 203  ASP A OD2   1 
ATOM   1529 N N     . SER A 1 204 ? 15.742  5.025   0.997   1.00 37.62  ? 204  SER A N     1 
ATOM   1530 C CA    . SER A 1 204 ? 15.969  4.281   2.237   1.00 35.06  ? 204  SER A CA    1 
ATOM   1531 C C     . SER A 1 204 ? 16.808  3.022   2.068   1.00 37.04  ? 204  SER A C     1 
ATOM   1532 O O     . SER A 1 204 ? 16.805  2.149   2.940   1.00 39.14  ? 204  SER A O     1 
ATOM   1533 C CB    . SER A 1 204 ? 14.645  3.895   2.900   1.00 29.02  ? 204  SER A CB    1 
ATOM   1534 O OG    . SER A 1 204 ? 14.004  2.843   2.212   1.00 30.10  ? 204  SER A OG    1 
ATOM   1535 N N     . THR A 1 205 ? 17.537  2.920   0.964   1.00 32.66  ? 205  THR A N     1 
ATOM   1536 C CA    . THR A 1 205 ? 18.362  1.743   0.739   1.00 30.44  ? 205  THR A CA    1 
ATOM   1537 C C     . THR A 1 205 ? 19.376  1.628   1.874   1.00 33.32  ? 205  THR A C     1 
ATOM   1538 O O     . THR A 1 205 ? 19.279  0.722   2.715   1.00 38.66  ? 205  THR A O     1 
ATOM   1539 C CB    . THR A 1 205 ? 19.086  1.791   -0.635  1.00 28.12  ? 205  THR A CB    1 
ATOM   1540 O OG1   . THR A 1 205 ? 18.813  3.036   -1.292  1.00 27.75  ? 205  THR A OG1   1 
ATOM   1541 C CG2   . THR A 1 205 ? 18.593  0.679   -1.535  1.00 23.56  ? 205  THR A CG2   1 
ATOM   1542 N N     . THR A 1 206 ? 20.341  2.540   1.919   1.00 30.19  ? 206  THR A N     1 
ATOM   1543 C CA    . THR A 1 206 ? 21.324  2.503   2.984   1.00 29.98  ? 206  THR A CA    1 
ATOM   1544 C C     . THR A 1 206 ? 20.826  3.246   4.230   1.00 31.96  ? 206  THR A C     1 
ATOM   1545 O O     . THR A 1 206 ? 21.560  3.449   5.185   1.00 31.91  ? 206  THR A O     1 
ATOM   1546 C CB    . THR A 1 206 ? 22.655  3.098   2.528   1.00 31.10  ? 206  THR A CB    1 
ATOM   1547 O OG1   . THR A 1 206 ? 22.457  4.457   2.117   1.00 28.85  ? 206  THR A OG1   1 
ATOM   1548 C CG2   . THR A 1 206 ? 23.231  2.275   1.370   1.00 28.61  ? 206  THR A CG2   1 
ATOM   1549 N N     . LEU A 1 207 ? 19.565  3.647   4.219   1.00 31.41  ? 207  LEU A N     1 
ATOM   1550 C CA    . LEU A 1 207 ? 18.984  4.318   5.372   1.00 32.81  ? 207  LEU A CA    1 
ATOM   1551 C C     . LEU A 1 207 ? 18.403  3.308   6.378   1.00 32.19  ? 207  LEU A C     1 
ATOM   1552 O O     . LEU A 1 207 ? 18.014  2.210   5.995   1.00 37.03  ? 207  LEU A O     1 
ATOM   1553 C CB    . LEU A 1 207 ? 17.881  5.269   4.907   1.00 30.61  ? 207  LEU A CB    1 
ATOM   1554 C CG    . LEU A 1 207 ? 18.311  6.693   4.599   1.00 25.71  ? 207  LEU A CG    1 
ATOM   1555 C CD1   . LEU A 1 207 ? 17.084  7.515   4.225   1.00 19.67  ? 207  LEU A CD1   1 
ATOM   1556 C CD2   . LEU A 1 207 ? 19.010  7.280   5.803   1.00 23.24  ? 207  LEU A CD2   1 
ATOM   1557 N N     . SER A 1 208 ? 18.333  3.680   7.653   1.00 33.86  ? 208  SER A N     1 
ATOM   1558 C CA    . SER A 1 208 ? 17.781  2.801   8.699   1.00 34.91  ? 208  SER A CA    1 
ATOM   1559 C C     . SER A 1 208 ? 16.294  3.077   8.903   1.00 31.50  ? 208  SER A C     1 
ATOM   1560 O O     . SER A 1 208 ? 15.823  4.169   8.613   1.00 27.74  ? 208  SER A O     1 
ATOM   1561 C CB    . SER A 1 208 ? 18.489  3.042   10.029  1.00 36.65  ? 208  SER A CB    1 
ATOM   1562 O OG    . SER A 1 208 ? 17.893  4.144   10.700  1.00 37.33  ? 208  SER A OG    1 
ATOM   1563 N N     . ILE A 1 209 ? 15.546  2.110   9.415   1.00 31.98  ? 209  ILE A N     1 
ATOM   1564 C CA    . ILE A 1 209 ? 14.122  2.372   9.613   1.00 36.47  ? 209  ILE A CA    1 
ATOM   1565 C C     . ILE A 1 209 ? 13.933  3.405   10.702  1.00 38.49  ? 209  ILE A C     1 
ATOM   1566 O O     . ILE A 1 209 ? 12.994  4.193   10.656  1.00 35.22  ? 209  ILE A O     1 
ATOM   1567 C CB    . ILE A 1 209 ? 13.300  1.118   9.981   1.00 33.77  ? 209  ILE A CB    1 
ATOM   1568 C CG1   . ILE A 1 209 ? 14.181  -0.135  10.001  1.00 31.78  ? 209  ILE A CG1   1 
ATOM   1569 C CG2   . ILE A 1 209 ? 12.154  0.983   9.005   1.00 36.98  ? 209  ILE A CG2   1 
ATOM   1570 C CD1   . ILE A 1 209 ? 15.175  -0.176  11.160  1.00 26.82  ? 209  ILE A CD1   1 
ATOM   1571 N N     . GLU A 1 210 ? 14.842  3.398   11.675  1.00 41.56  ? 210  GLU A N     1 
ATOM   1572 C CA    . GLU A 1 210 ? 14.804  4.362   12.772  1.00 48.17  ? 210  GLU A CA    1 
ATOM   1573 C C     . GLU A 1 210 ? 15.085  5.765   12.197  1.00 51.76  ? 210  GLU A C     1 
ATOM   1574 O O     . GLU A 1 210 ? 14.635  6.778   12.743  1.00 51.39  ? 210  GLU A O     1 
ATOM   1575 C CB    . GLU A 1 210 ? 15.859  4.002   13.818  1.00 49.98  ? 210  GLU A CB    1 
ATOM   1576 C CG    . GLU A 1 210 ? 15.945  2.510   14.123  1.00 59.66  ? 210  GLU A CG    1 
ATOM   1577 C CD    . GLU A 1 210 ? 14.878  2.028   15.089  1.00 64.14  ? 210  GLU A CD    1 
ATOM   1578 O OE1   . GLU A 1 210 ? 14.924  2.429   16.268  1.00 68.01  ? 210  GLU A OE1   1 
ATOM   1579 O OE2   . GLU A 1 210 ? 13.995  1.248   14.672  1.00 66.54  ? 210  GLU A OE2   1 
ATOM   1580 N N     . GLN A 1 211 ? 15.815  5.815   11.083  1.00 53.53  ? 211  GLN A N     1 
ATOM   1581 C CA    . GLN A 1 211 ? 16.140  7.081   10.438  1.00 49.93  ? 211  GLN A CA    1 
ATOM   1582 C C     . GLN A 1 211 ? 15.054  7.547   9.471   1.00 49.01  ? 211  GLN A C     1 
ATOM   1583 O O     . GLN A 1 211 ? 14.836  8.744   9.304   1.00 49.64  ? 211  GLN A O     1 
ATOM   1584 C CB    . GLN A 1 211 ? 17.453  6.963   9.683   1.00 50.29  ? 211  GLN A CB    1 
ATOM   1585 C CG    . GLN A 1 211 ? 18.680  6.747   10.533  1.00 50.59  ? 211  GLN A CG    1 
ATOM   1586 C CD    . GLN A 1 211 ? 19.944  6.852   9.700   1.00 51.01  ? 211  GLN A CD    1 
ATOM   1587 O OE1   . GLN A 1 211 ? 20.275  7.923   9.181   1.00 55.32  ? 211  GLN A OE1   1 
ATOM   1588 N NE2   . GLN A 1 211 ? 20.647  5.741   9.552   1.00 49.29  ? 211  GLN A NE2   1 
ATOM   1589 N N     . VAL A 1 212 ? 14.381  6.602   8.823   1.00 47.81  ? 212  VAL A N     1 
ATOM   1590 C CA    . VAL A 1 212 ? 13.309  6.935   7.880   1.00 43.35  ? 212  VAL A CA    1 
ATOM   1591 C C     . VAL A 1 212 ? 12.204  7.647   8.666   1.00 42.42  ? 212  VAL A C     1 
ATOM   1592 O O     . VAL A 1 212 ? 11.676  8.691   8.244   1.00 37.36  ? 212  VAL A O     1 
ATOM   1593 C CB    . VAL A 1 212 ? 12.766  5.653   7.219   1.00 41.05  ? 212  VAL A CB    1 
ATOM   1594 C CG1   . VAL A 1 212 ? 11.536  5.958   6.402   1.00 42.51  ? 212  VAL A CG1   1 
ATOM   1595 C CG2   . VAL A 1 212 ? 13.835  5.065   6.329   1.00 39.56  ? 212  VAL A CG2   1 
ATOM   1596 N N     . ILE A 1 213 ? 11.878  7.057   9.815   1.00 40.78  ? 213  ILE A N     1 
ATOM   1597 C CA    . ILE A 1 213 ? 10.897  7.599   10.735  1.00 43.61  ? 213  ILE A CA    1 
ATOM   1598 C C     . ILE A 1 213 ? 11.394  9.009   10.981  1.00 49.24  ? 213  ILE A C     1 
ATOM   1599 O O     . ILE A 1 213 ? 10.749  9.994   10.591  1.00 52.21  ? 213  ILE A O     1 
ATOM   1600 C CB    . ILE A 1 213 ? 10.932  6.829   12.071  1.00 45.99  ? 213  ILE A CB    1 
ATOM   1601 C CG1   . ILE A 1 213 ? 10.454  5.389   11.851  1.00 42.78  ? 213  ILE A CG1   1 
ATOM   1602 C CG2   . ILE A 1 213 ? 10.117  7.565   13.136  1.00 41.82  ? 213  ILE A CG2   1 
ATOM   1603 C CD1   . ILE A 1 213 ? 10.572  4.511   13.071  1.00 42.21  ? 213  ILE A CD1   1 
ATOM   1604 N N     . GLU A 1 214 ? 12.560  9.075   11.628  1.00 52.15  ? 214  GLU A N     1 
ATOM   1605 C CA    . GLU A 1 214 ? 13.239  10.330  11.943  1.00 52.86  ? 214  GLU A CA    1 
ATOM   1606 C C     . GLU A 1 214 ? 12.995  11.257  10.764  1.00 51.44  ? 214  GLU A C     1 
ATOM   1607 O O     . GLU A 1 214 ? 12.194  12.189  10.868  1.00 50.64  ? 214  GLU A O     1 
ATOM   1608 C CB    . GLU A 1 214 ? 14.743  10.078  12.122  1.00 55.80  ? 214  GLU A CB    1 
ATOM   1609 C CG    . GLU A 1 214 ? 15.600  11.323  12.360  1.00 63.64  ? 214  GLU A CG    1 
ATOM   1610 C CD    . GLU A 1 214 ? 15.980  11.527  13.823  1.00 66.33  ? 214  GLU A CD    1 
ATOM   1611 O OE1   . GLU A 1 214 ? 16.468  10.566  14.454  1.00 62.35  ? 214  GLU A OE1   1 
ATOM   1612 O OE2   . GLU A 1 214 ? 15.808  12.654  14.337  1.00 68.81  ? 214  GLU A OE2   1 
ATOM   1613 N N     . LYS A 1 215 ? 13.656  10.980  9.639   1.00 49.40  ? 215  LYS A N     1 
ATOM   1614 C CA    . LYS A 1 215 ? 13.487  11.795  8.437   1.00 51.13  ? 215  LYS A CA    1 
ATOM   1615 C C     . LYS A 1 215 ? 12.018  12.188  8.312   1.00 53.43  ? 215  LYS A C     1 
ATOM   1616 O O     . LYS A 1 215 ? 11.619  13.258  8.779   1.00 49.93  ? 215  LYS A O     1 
ATOM   1617 C CB    . LYS A 1 215 ? 13.935  11.037  7.164   1.00 50.82  ? 215  LYS A CB    1 
ATOM   1618 C CG    . LYS A 1 215 ? 15.450  11.067  6.888   1.00 51.32  ? 215  LYS A CG    1 
ATOM   1619 C CD    . LYS A 1 215 ? 15.819  10.493  5.513   1.00 51.58  ? 215  LYS A CD    1 
ATOM   1620 C CE    . LYS A 1 215 ? 16.312  11.556  4.502   1.00 51.87  ? 215  LYS A CE    1 
ATOM   1621 N NZ    . LYS A 1 215 ? 17.692  12.123  4.716   1.00 40.89  ? 215  LYS A NZ    1 
ATOM   1622 N N     . ALA A 1 216 ? 11.228  11.301  7.704   1.00 54.68  ? 216  ALA A N     1 
ATOM   1623 C CA    . ALA A 1 216 ? 9.795   11.498  7.493   1.00 53.41  ? 216  ALA A CA    1 
ATOM   1624 C C     . ALA A 1 216 ? 9.180   12.587  8.372   1.00 55.21  ? 216  ALA A C     1 
ATOM   1625 O O     . ALA A 1 216 ? 8.889   13.689  7.890   1.00 57.68  ? 216  ALA A O     1 
ATOM   1626 C CB    . ALA A 1 216 ? 9.066   10.186  7.713   1.00 47.54  ? 216  ALA A CB    1 
ATOM   1627 N N     . LEU A 1 217 ? 8.978   12.268  9.651   1.00 54.72  ? 217  LEU A N     1 
ATOM   1628 C CA    . LEU A 1 217 ? 8.410   13.195  10.630  1.00 55.26  ? 217  LEU A CA    1 
ATOM   1629 C C     . LEU A 1 217 ? 8.927   14.620  10.492  1.00 57.52  ? 217  LEU A C     1 
ATOM   1630 O O     . LEU A 1 217 ? 8.166   15.582  10.604  1.00 57.55  ? 217  LEU A O     1 
ATOM   1631 C CB    . LEU A 1 217 ? 8.707   12.689  12.038  1.00 52.87  ? 217  LEU A CB    1 
ATOM   1632 C CG    . LEU A 1 217 ? 7.725   11.629  12.491  1.00 52.78  ? 217  LEU A CG    1 
ATOM   1633 C CD1   . LEU A 1 217 ? 8.169   10.931  13.756  1.00 53.62  ? 217  LEU A CD1   1 
ATOM   1634 C CD2   . LEU A 1 217 ? 6.412   12.335  12.695  1.00 56.85  ? 217  LEU A CD2   1 
ATOM   1635 N N     . GLN A 1 218 ? 10.232  14.748  10.273  1.00 58.82  ? 218  GLN A N     1 
ATOM   1636 C CA    . GLN A 1 218 ? 10.843  16.054  10.118  1.00 58.98  ? 218  GLN A CA    1 
ATOM   1637 C C     . GLN A 1 218 ? 9.999   16.799  9.089   1.00 56.99  ? 218  GLN A C     1 
ATOM   1638 O O     . GLN A 1 218 ? 9.504   17.891  9.359   1.00 55.53  ? 218  GLN A O     1 
ATOM   1639 C CB    . GLN A 1 218 ? 12.294  15.913  9.631   1.00 61.93  ? 218  GLN A CB    1 
ATOM   1640 C CG    . GLN A 1 218 ? 13.211  15.064  10.542  1.00 66.54  ? 218  GLN A CG    1 
ATOM   1641 C CD    . GLN A 1 218 ? 14.681  15.016  10.079  1.00 66.72  ? 218  GLN A CD    1 
ATOM   1642 O OE1   . GLN A 1 218 ? 14.976  14.665  8.938   1.00 66.42  ? 218  GLN A OE1   1 
ATOM   1643 N NE2   . GLN A 1 218 ? 15.598  15.361  10.978  1.00 64.20  ? 218  GLN A NE2   1 
ATOM   1644 N N     . TYR A 1 219 ? 9.814   16.173  7.929   1.00 53.72  ? 219  TYR A N     1 
ATOM   1645 C CA    . TYR A 1 219 ? 9.040   16.736  6.829   1.00 55.12  ? 219  TYR A CA    1 
ATOM   1646 C C     . TYR A 1 219 ? 7.588   16.964  7.203   1.00 58.46  ? 219  TYR A C     1 
ATOM   1647 O O     . TYR A 1 219 ? 6.943   17.916  6.742   1.00 55.23  ? 219  TYR A O     1 
ATOM   1648 C CB    . TYR A 1 219 ? 9.092   15.812  5.617   1.00 53.52  ? 219  TYR A CB    1 
ATOM   1649 C CG    . TYR A 1 219 ? 8.373   16.377  4.418   1.00 52.78  ? 219  TYR A CG    1 
ATOM   1650 C CD1   . TYR A 1 219 ? 7.434   15.622  3.714   1.00 52.89  ? 219  TYR A CD1   1 
ATOM   1651 C CD2   . TYR A 1 219 ? 8.644   17.669  3.971   1.00 53.76  ? 219  TYR A CD2   1 
ATOM   1652 C CE1   . TYR A 1 219 ? 6.778   16.145  2.586   1.00 53.26  ? 219  TYR A CE1   1 
ATOM   1653 C CE2   . TYR A 1 219 ? 7.999   18.202  2.845   1.00 52.65  ? 219  TYR A CE2   1 
ATOM   1654 C CZ    . TYR A 1 219 ? 7.070   17.441  2.153   1.00 52.81  ? 219  TYR A CZ    1 
ATOM   1655 O OH    . TYR A 1 219 ? 6.462   17.973  1.022   1.00 50.77  ? 219  TYR A OH    1 
ATOM   1656 N N     . ALA A 1 220 ? 7.084   16.055  8.030   1.00 64.84  ? 220  ALA A N     1 
ATOM   1657 C CA    . ALA A 1 220 ? 5.712   16.083  8.524   1.00 69.13  ? 220  ALA A CA    1 
ATOM   1658 C C     . ALA A 1 220 ? 5.296   17.442  9.090   1.00 71.69  ? 220  ALA A C     1 
ATOM   1659 O O     . ALA A 1 220 ? 5.005   18.366  8.328   1.00 71.47  ? 220  ALA A O     1 
ATOM   1660 C CB    . ALA A 1 220 ? 5.542   15.006  9.591   1.00 71.20  ? 220  ALA A CB    1 
ATOM   1661 N N     . ARG A 1 221 ? 5.286   17.552  10.424  1.00 72.81  ? 221  ARG A N     1 
ATOM   1662 C CA    . ARG A 1 221 ? 4.908   18.784  11.122  1.00 74.31  ? 221  ARG A CA    1 
ATOM   1663 C C     . ARG A 1 221 ? 5.468   20.033  10.469  1.00 76.64  ? 221  ARG A C     1 
ATOM   1664 O O     . ARG A 1 221 ? 4.906   21.124  10.616  1.00 76.28  ? 221  ARG A O     1 
ATOM   1665 C CB    . ARG A 1 221 ? 5.388   18.771  12.574  1.00 74.20  ? 221  ARG A CB    1 
ATOM   1666 C CG    . ARG A 1 221 ? 6.400   17.715  12.938  1.00 73.57  ? 221  ARG A CG    1 
ATOM   1667 C CD    . ARG A 1 221 ? 5.751   16.725  13.906  1.00 77.26  ? 221  ARG A CD    1 
ATOM   1668 N NE    . ARG A 1 221 ? 6.634   15.637  14.325  1.00 80.23  ? 221  ARG A NE    1 
ATOM   1669 C CZ    . ARG A 1 221 ? 7.715   15.790  15.081  1.00 81.16  ? 221  ARG A CZ    1 
ATOM   1670 N NH1   . ARG A 1 221 ? 8.068   16.996  15.508  1.00 82.35  ? 221  ARG A NH1   1 
ATOM   1671 N NH2   . ARG A 1 221 ? 8.428   14.727  15.434  1.00 79.35  ? 221  ARG A NH2   1 
ATOM   1672 N N     . GLN A 1 222 ? 6.596   19.868  9.782   1.00 78.33  ? 222  GLN A N     1 
ATOM   1673 C CA    . GLN A 1 222 ? 7.241   20.974  9.105   1.00 80.00  ? 222  GLN A CA    1 
ATOM   1674 C C     . GLN A 1 222 ? 6.195   21.687  8.285   1.00 79.51  ? 222  GLN A C     1 
ATOM   1675 O O     . GLN A 1 222 ? 5.764   22.784  8.638   1.00 79.66  ? 222  GLN A O     1 
ATOM   1676 C CB    . GLN A 1 222 ? 8.345   20.480  8.173   1.00 83.07  ? 222  GLN A CB    1 
ATOM   1677 C CG    . GLN A 1 222 ? 9.777   20.692  8.675   1.00 86.47  ? 222  GLN A CG    1 
ATOM   1678 C CD    . GLN A 1 222 ? 10.153  22.156  8.869   1.00 89.34  ? 222  GLN A CD    1 
ATOM   1679 O OE1   . GLN A 1 222 ? 9.725   23.036  8.110   1.00 90.01  ? 222  GLN A OE1   1 
ATOM   1680 N NE2   . GLN A 1 222 ? 10.980  22.420  9.879   1.00 90.31  ? 222  GLN A NE2   1 
ATOM   1681 N N     . LYS A 1 223 ? 5.779   21.037  7.200   1.00 79.63  ? 223  LYS A N     1 
ATOM   1682 C CA    . LYS A 1 223 ? 4.778   21.580  6.282   1.00 79.28  ? 223  LYS A CA    1 
ATOM   1683 C C     . LYS A 1 223 ? 3.370   21.166  6.719   1.00 78.07  ? 223  LYS A C     1 
ATOM   1684 O O     . LYS A 1 223 ? 2.624   20.635  5.876   1.00 76.34  ? 223  LYS A O     1 
ATOM   1685 C CB    . LYS A 1 223 ? 5.058   21.078  4.851   1.00 79.58  ? 223  LYS A CB    1 
ATOM   1686 C CG    . LYS A 1 223 ? 4.391   21.889  3.725   1.00 79.39  ? 223  LYS A CG    1 
ATOM   1687 C CD    . LYS A 1 223 ? 4.483   21.184  2.353   1.00 78.60  ? 223  LYS A CD    1 
ATOM   1688 C CE    . LYS A 1 223 ? 3.746   21.965  1.246   1.00 77.87  ? 223  LYS A CE    1 
ATOM   1689 N NZ    . LYS A 1 223 ? 3.581   21.192  -0.034  1.00 76.18  ? 223  LYS A NZ    1 
HETATM 1690 S S     . SO4 B 2 .   ? 6.879   -1.601  2.242   1.00 53.27  ? 1001 SO4 A S     1 
HETATM 1691 O O1    . SO4 B 2 .   ? 8.072   -2.443  2.453   1.00 47.89  ? 1001 SO4 A O1    1 
HETATM 1692 O O2    . SO4 B 2 .   ? 5.829   -2.413  1.598   1.00 47.72  ? 1001 SO4 A O2    1 
HETATM 1693 O O3    . SO4 B 2 .   ? 7.205   -0.422  1.383   1.00 52.19  ? 1001 SO4 A O3    1 
HETATM 1694 O O4    . SO4 B 2 .   ? 6.409   -1.113  3.554   1.00 50.72  ? 1001 SO4 A O4    1 
HETATM 1695 O OP3   . DC  C 3 .   ? 1.921   -5.270  -0.947  1.00 54.77  ? 407  DC  A OP3   1 
HETATM 1696 P P     . DC  C 3 .   ? 1.173   -3.867  -0.994  1.00 54.53  ? 407  DC  A P     1 
HETATM 1697 O OP1   . DC  C 3 .   ? 2.226   -2.835  -0.761  1.00 51.83  ? 407  DC  A OP1   1 
HETATM 1698 O OP2   . DC  C 3 .   ? 0.029   -3.995  -0.042  1.00 48.89  ? 407  DC  A OP2   1 
HETATM 1699 O "O5'" . DC  C 3 .   ? 0.593   -3.697  -2.472  1.00 50.02  ? 407  DC  A "O5'" 1 
HETATM 1700 C "C5'" . DC  C 3 .   ? -0.641  -4.313  -2.854  1.00 48.54  ? 407  DC  A "C5'" 1 
HETATM 1701 C "C4'" . DC  C 3 .   ? -0.652  -4.591  -4.348  1.00 49.51  ? 407  DC  A "C4'" 1 
HETATM 1702 O "O4'" . DC  C 3 .   ? -1.463  -3.595  -5.035  1.00 48.19  ? 407  DC  A "O4'" 1 
HETATM 1703 C "C3'" . DC  C 3 .   ? 0.688   -4.542  -5.074  1.00 48.17  ? 407  DC  A "C3'" 1 
HETATM 1704 O "O3'" . DC  C 3 .   ? 0.682   -5.397  -6.231  1.00 46.53  ? 407  DC  A "O3'" 1 
HETATM 1705 C "C2'" . DC  C 3 .   ? 0.836   -3.053  -5.416  1.00 47.36  ? 407  DC  A "C2'" 1 
HETATM 1706 C "C1'" . DC  C 3 .   ? -0.621  -2.605  -5.600  1.00 45.65  ? 407  DC  A "C1'" 1 
HETATM 1707 N N1    . DC  C 3 .   ? -0.960  -1.300  -4.980  1.00 46.98  ? 407  DC  A N1    1 
HETATM 1708 C C2    . DC  C 3 .   ? -1.305  -0.225  -5.822  1.00 47.74  ? 407  DC  A C2    1 
HETATM 1709 O O2    . DC  C 3 .   ? -1.281  -0.395  -7.059  1.00 51.10  ? 407  DC  A O2    1 
HETATM 1710 N N3    . DC  C 3 .   ? -1.641  0.974   -5.267  1.00 45.93  ? 407  DC  A N3    1 
HETATM 1711 C C4    . DC  C 3 .   ? -1.622  1.123   -3.928  1.00 43.74  ? 407  DC  A C4    1 
HETATM 1712 N N4    . DC  C 3 .   ? -1.933  2.325   -3.426  1.00 43.17  ? 407  DC  A N4    1 
HETATM 1713 C C5    . DC  C 3 .   ? -1.274  0.049   -3.049  1.00 40.08  ? 407  DC  A C5    1 
HETATM 1714 C C6    . DC  C 3 .   ? -0.959  -1.139  -3.613  1.00 45.11  ? 407  DC  A C6    1 
HETATM 1715 O O     . HOH D 4 .   ? 4.760   -12.474 5.710   1.00 51.03  ? 1002 HOH A O     1 
HETATM 1716 O O     . HOH D 4 .   ? -21.232 12.926  -3.653  1.00 56.00  ? 1003 HOH A O     1 
HETATM 1717 O O     . HOH D 4 .   ? -8.079  -18.511 -2.049  1.00 37.94  ? 1004 HOH A O     1 
HETATM 1718 O O     . HOH D 4 .   ? 7.816   21.029  11.300  1.00 54.04  ? 1005 HOH A O     1 
HETATM 1719 O O     . HOH D 4 .   ? -0.987  13.003  -2.245  1.00 53.58  ? 1006 HOH A O     1 
HETATM 1720 O O     . HOH D 4 .   ? -10.001 -5.345  9.642   1.00 46.90  ? 1007 HOH A O     1 
HETATM 1721 O O     . HOH D 4 .   ? -17.389 -9.492  -11.533 1.00 38.51  ? 1008 HOH A O     1 
HETATM 1722 O O     . HOH D 4 .   ? -4.381  -3.849  21.607  1.00 50.67  ? 1009 HOH A O     1 
HETATM 1723 O O     . HOH D 4 .   ? -6.417  1.411   22.162  1.00 40.54  ? 1010 HOH A O     1 
HETATM 1724 O O     . HOH D 4 .   ? 4.560   -8.733  -9.533  1.00 54.43  ? 1011 HOH A O     1 
HETATM 1725 O O     . HOH D 4 .   ? 19.099  -22.786 -4.408  1.00 52.02  ? 1012 HOH A O     1 
HETATM 1726 O O     . HOH D 4 .   ? 14.166  -13.650 -3.248  1.00 56.42  ? 1013 HOH A O     1 
HETATM 1727 O O     . HOH D 4 .   ? 1.196   -8.391  17.981  1.00 38.60  ? 1014 HOH A O     1 
HETATM 1728 O O     . HOH D 4 .   ? -6.843  3.444   21.255  1.00 42.83  ? 1015 HOH A O     1 
HETATM 1729 O O     . HOH D 4 .   ? -7.171  0.308   24.625  1.00 35.90  ? 1016 HOH A O     1 
HETATM 1730 O O     . HOH D 4 .   ? 2.068   -9.138  -10.625 1.00 42.35  ? 1017 HOH A O     1 
HETATM 1731 O O     . HOH D 4 .   ? 9.057   17.903  18.315  1.00 53.05  ? 1018 HOH A O     1 
HETATM 1732 O O     . HOH D 4 .   ? 16.803  -2.721  -3.361  1.00 55.32  ? 1019 HOH A O     1 
HETATM 1733 O O     . HOH D 4 .   ? 18.992  -20.084 -2.975  1.00 52.77  ? 1020 HOH A O     1 
HETATM 1734 O O     . HOH D 4 .   ? 5.833   -2.873  -7.974  1.00 59.19  ? 1021 HOH A O     1 
HETATM 1735 O O     . HOH D 4 .   ? 22.044  -1.451  0.995   1.00 56.58  ? 1022 HOH A O     1 
HETATM 1736 O O     . HOH D 4 .   ? -5.296  0.517   9.380   1.00 54.64  ? 1023 HOH A O     1 
HETATM 1737 O O     . HOH D 4 .   ? -3.977  19.892  2.486   1.00 45.53  ? 1024 HOH A O     1 
HETATM 1738 O O     . HOH D 4 .   ? -20.551 -6.786  -20.004 1.00 38.59  ? 1025 HOH A O     1 
HETATM 1739 O O     . HOH D 4 .   ? -5.092  7.102   20.216  1.00 45.82  ? 1026 HOH A O     1 
HETATM 1740 O O     . HOH D 4 .   ? -8.634  2.181   -5.341  1.00 58.22  ? 1027 HOH A O     1 
HETATM 1741 O O     . HOH D 4 .   ? 9.031   25.029  6.286   1.00 47.34  ? 1028 HOH A O     1 
HETATM 1742 O O     . HOH D 4 .   ? 11.158  -13.677 9.682   1.00 57.87  ? 1029 HOH A O     1 
HETATM 1743 O O     . HOH D 4 .   ? 2.326   -2.708  -17.161 1.00 48.10  ? 1030 HOH A O     1 
HETATM 1744 O O     . HOH D 4 .   ? -11.925 6.967   10.674  1.00 54.20  ? 1031 HOH A O     1 
HETATM 1745 O O     . HOH D 4 .   ? -8.545  10.724  -0.986  1.00 55.13  ? 1032 HOH A O     1 
HETATM 1746 O O     . HOH D 4 .   ? -9.703  -15.548 -12.557 1.00 42.47  ? 1033 HOH A O     1 
HETATM 1747 O O     . HOH D 4 .   ? 12.449  -11.038 -1.611  1.00 44.55  ? 1034 HOH A O     1 
HETATM 1748 O O     . HOH D 4 .   ? 6.362   -13.901 -7.108  1.00 53.21  ? 1035 HOH A O     1 
HETATM 1749 O O     . HOH D 4 .   ? 10.775  -1.868  4.053   1.00 45.19  ? 1036 HOH A O     1 
HETATM 1750 O O     . HOH D 4 .   ? -5.039  -17.637 -1.315  1.00 37.55  ? 1037 HOH A O     1 
HETATM 1751 O O     . HOH D 4 .   ? 6.049   -5.570  1.880   1.00 56.71  ? 1038 HOH A O     1 
HETATM 1752 O O     . HOH D 4 .   ? -1.596  -0.918  11.989  1.00 45.66  ? 1039 HOH A O     1 
HETATM 1753 O O     . HOH D 4 .   ? -0.083  -4.306  2.618   1.00 53.98  ? 1040 HOH A O     1 
HETATM 1754 O O     . HOH D 4 .   ? 7.201   -19.864 9.510   1.00 41.81  ? 1041 HOH A O     1 
HETATM 1755 O O     . HOH D 4 .   ? 18.767  -11.299 1.645   1.00 45.62  ? 1042 HOH A O     1 
HETATM 1756 O O     . HOH D 4 .   ? 2.134   -18.382 0.817   1.00 37.98  ? 1043 HOH A O     1 
# 
